data_8CFE
#
_entry.id   8CFE
#
_cell.length_a   175.130
_cell.length_b   104.080
_cell.length_c   107.900
_cell.angle_alpha   90.00
_cell.angle_beta   100.65
_cell.angle_gamma   90.00
#
_symmetry.space_group_name_H-M   'C 1 2 1'
#
loop_
_entity.id
_entity.type
_entity.pdbx_description
1 polymer Adenosylhomocysteinase
2 non-polymer NICOTINAMIDE-ADENINE-DINUCLEOTIDE
3 non-polymer ADENINE
4 non-polymer 2-[(1R)-1-aminopropyl]phenol
5 non-polymer 'POTASSIUM ION'
6 non-polymer 'PHOSPHATE ION'
7 non-polymer 'DIMETHYL SULFOXIDE'
8 water water
#
_entity_poly.entity_id   1
_entity_poly.type   'polypeptide(L)'
_entity_poly.pdbx_seq_one_letter_code
;SNAMSAVMTPAGFTDYKVADITLAAWGRRELIIAESEMPALMGLRRKYAGQQPLKGAKILGCIHMTIQTGVLIETLVALG
AEVRWSSCNIFSTQDQAAAAIAAAGIPVFAWKGETEEEYEWCIEQTILKDGQPWDANMVLDDGGDLTEILHKKYPQMLER
IHGITEETTTGVHRLLDMLKNGTLKVPAINVNDSVTKSKNDNKYGCRHSLNDAIKRGTDHLLSGKQALVIGYGDVGKGSS
QSLRQEGMIVKVAEVDPICAMQACMDGFEVVSPYKNGINDGTEASIDAALLGKIDLIVTTTGNVNVCDANMLKALKKRAV
VCNIGHFDNEIDTAFMRKNWAWEEVKPQVHKIHRTGKDGFDAHNDDYLILLAEGRLVNLGNATGHPSRIMDGSFANQVLA
QIHLFEQKYADLPAAEKAKRLSVEVLPKKLDEEVALEMVKGFGGVVTQLTPKQAEYIGVSVEGPFKPDTYRY
;
_entity_poly.pdbx_strand_id   A,B,C,D
#
# COMPACT_ATOMS: atom_id res chain seq x y z
N ALA A 11 30.98 40.81 -14.52
CA ALA A 11 31.96 41.88 -14.41
C ALA A 11 31.74 42.75 -13.18
N GLY A 12 32.40 42.39 -12.08
CA GLY A 12 32.37 43.21 -10.88
C GLY A 12 31.07 43.17 -10.08
N PHE A 13 30.18 42.22 -10.34
CA PHE A 13 28.97 42.10 -9.56
C PHE A 13 29.33 41.66 -8.14
N THR A 14 28.92 42.45 -7.14
CA THR A 14 29.18 42.10 -5.75
C THR A 14 27.94 42.18 -4.87
N ASP A 15 26.76 42.40 -5.44
CA ASP A 15 25.55 42.73 -4.68
C ASP A 15 24.83 41.43 -4.30
N TYR A 16 25.51 40.65 -3.45
CA TYR A 16 25.03 39.35 -3.00
C TYR A 16 25.81 38.93 -1.77
N LYS A 17 25.34 37.87 -1.12
CA LYS A 17 26.11 37.20 -0.08
C LYS A 17 25.64 35.76 -0.03
N VAL A 18 26.57 34.84 -0.33
CA VAL A 18 26.32 33.41 -0.33
C VAL A 18 27.50 32.73 0.37
N ALA A 19 27.34 31.44 0.63
CA ALA A 19 28.37 30.69 1.35
C ALA A 19 29.65 30.56 0.54
N ASP A 20 29.55 30.25 -0.76
CA ASP A 20 30.74 29.93 -1.54
C ASP A 20 30.38 30.06 -3.02
N ILE A 21 30.85 31.14 -3.66
CA ILE A 21 30.50 31.40 -5.05
C ILE A 21 31.06 30.33 -5.98
N THR A 22 32.09 29.61 -5.56
CA THR A 22 32.68 28.61 -6.45
C THR A 22 31.79 27.39 -6.64
N LEU A 23 30.68 27.27 -5.89
CA LEU A 23 29.69 26.21 -6.09
C LEU A 23 28.76 26.52 -7.26
N ALA A 24 28.98 27.64 -7.95
CA ALA A 24 28.05 28.09 -8.99
C ALA A 24 27.92 27.06 -10.11
N ALA A 25 29.05 26.52 -10.59
CA ALA A 25 28.99 25.61 -11.73
C ALA A 25 28.19 24.36 -11.38
N TRP A 26 28.39 23.86 -10.17
CA TRP A 26 27.59 22.76 -9.66
C TRP A 26 26.11 23.12 -9.66
N GLY A 27 25.77 24.27 -9.09
CA GLY A 27 24.37 24.69 -9.04
C GLY A 27 23.76 24.82 -10.43
N ARG A 28 24.54 25.30 -11.40
CA ARG A 28 24.03 25.44 -12.76
C ARG A 28 23.76 24.07 -13.39
N ARG A 29 24.64 23.09 -13.14
CA ARG A 29 24.37 21.73 -13.60
C ARG A 29 23.03 21.22 -13.05
N GLU A 30 22.74 21.50 -11.78
CA GLU A 30 21.51 21.02 -11.18
C GLU A 30 20.30 21.84 -11.64
N LEU A 31 20.50 23.13 -11.97
CA LEU A 31 19.39 23.90 -12.55
C LEU A 31 18.98 23.37 -13.92
N ILE A 32 19.97 23.00 -14.73
CA ILE A 32 19.68 22.48 -16.07
C ILE A 32 18.91 21.17 -15.96
N ILE A 33 19.26 20.32 -14.98
CA ILE A 33 18.46 19.13 -14.75
C ILE A 33 17.05 19.49 -14.27
N ALA A 34 16.96 20.39 -13.28
CA ALA A 34 15.65 20.73 -12.71
C ALA A 34 14.71 21.36 -13.74
N GLU A 35 15.24 22.17 -14.68
CA GLU A 35 14.39 22.72 -15.72
C GLU A 35 13.66 21.61 -16.48
N SER A 36 14.34 20.47 -16.73
CA SER A 36 13.68 19.37 -17.44
C SER A 36 12.61 18.67 -16.59
N GLU A 37 12.59 18.92 -15.29
CA GLU A 37 11.62 18.37 -14.37
C GLU A 37 10.47 19.34 -14.08
N MET A 38 10.49 20.54 -14.68
CA MET A 38 9.51 21.60 -14.34
C MET A 38 8.82 22.11 -15.61
N PRO A 39 8.02 21.26 -16.27
CA PRO A 39 7.45 21.67 -17.57
C PRO A 39 6.43 22.80 -17.46
N ALA A 40 5.64 22.91 -16.39
CA ALA A 40 4.71 24.03 -16.32
C ALA A 40 5.45 25.35 -16.25
N LEU A 41 6.45 25.42 -15.39
CA LEU A 41 7.20 26.67 -15.22
C LEU A 41 7.98 26.98 -16.50
N MET A 42 8.64 25.97 -17.08
N MET A 42 8.61 25.97 -17.10
CA MET A 42 9.35 26.16 -18.34
CA MET A 42 9.38 26.24 -18.32
C MET A 42 8.41 26.63 -19.44
C MET A 42 8.45 26.58 -19.49
N GLY A 43 7.20 26.10 -19.47
CA GLY A 43 6.25 26.50 -20.51
C GLY A 43 5.84 27.95 -20.38
N LEU A 44 5.71 28.44 -19.13
CA LEU A 44 5.49 29.87 -18.92
C LEU A 44 6.69 30.67 -19.41
N ARG A 45 7.90 30.16 -19.15
CA ARG A 45 9.10 30.83 -19.64
C ARG A 45 9.07 30.94 -21.17
N ARG A 46 8.72 29.85 -21.87
CA ARG A 46 8.67 29.88 -23.33
C ARG A 46 7.54 30.76 -23.84
N LYS A 47 6.37 30.68 -23.23
CA LYS A 47 5.21 31.41 -23.73
C LYS A 47 5.38 32.92 -23.55
N TYR A 48 5.96 33.36 -22.43
CA TYR A 48 5.87 34.77 -22.07
C TYR A 48 7.16 35.57 -22.25
N ALA A 49 8.26 34.93 -22.66
CA ALA A 49 9.54 35.62 -22.61
C ALA A 49 9.61 36.78 -23.60
N GLY A 50 9.04 36.60 -24.79
CA GLY A 50 9.03 37.68 -25.76
C GLY A 50 8.04 38.78 -25.44
N GLN A 51 6.96 38.45 -24.74
CA GLN A 51 6.00 39.45 -24.31
CA GLN A 51 6.01 39.47 -24.34
C GLN A 51 6.51 40.28 -23.14
N GLN A 52 7.46 39.75 -22.36
CA GLN A 52 8.01 40.46 -21.21
C GLN A 52 6.94 41.02 -20.28
N PRO A 53 6.02 40.19 -19.80
CA PRO A 53 4.92 40.73 -18.97
C PRO A 53 5.39 41.31 -17.64
N LEU A 54 6.59 40.98 -17.18
CA LEU A 54 7.10 41.50 -15.92
C LEU A 54 8.14 42.59 -16.11
N LYS A 55 8.27 43.12 -17.33
CA LYS A 55 9.15 44.25 -17.56
C LYS A 55 8.69 45.43 -16.72
N GLY A 56 9.62 45.94 -15.90
CA GLY A 56 9.31 46.99 -14.94
C GLY A 56 9.00 46.48 -13.56
N ALA A 57 8.78 45.18 -13.38
CA ALA A 57 8.51 44.65 -12.06
C ALA A 57 9.81 44.58 -11.27
N LYS A 58 9.72 44.92 -9.99
CA LYS A 58 10.88 44.89 -9.09
C LYS A 58 10.39 44.11 -7.88
N ILE A 59 10.78 42.84 -7.82
CA ILE A 59 10.20 41.87 -6.92
C ILE A 59 11.14 41.62 -5.76
N LEU A 60 10.67 41.87 -4.55
CA LEU A 60 11.32 41.37 -3.34
C LEU A 60 10.86 39.92 -3.12
N GLY A 61 11.80 38.98 -3.14
CA GLY A 61 11.46 37.58 -2.93
C GLY A 61 12.02 37.00 -1.64
N CYS A 62 11.21 36.24 -0.89
CA CYS A 62 11.67 35.61 0.35
C CYS A 62 11.10 34.19 0.37
N ILE A 63 11.90 33.22 -0.05
CA ILE A 63 11.49 31.82 -0.09
C ILE A 63 12.76 30.97 -0.18
N HIS A 64 12.74 29.81 0.50
CA HIS A 64 13.84 28.86 0.54
C HIS A 64 14.69 28.86 -0.72
N MET A 65 15.99 29.17 -0.59
CA MET A 65 16.86 29.33 -1.76
C MET A 65 17.39 27.97 -2.19
N THR A 66 16.48 27.19 -2.78
CA THR A 66 16.75 25.88 -3.36
C THR A 66 16.98 25.97 -4.86
N ILE A 67 17.40 24.82 -5.43
CA ILE A 67 17.47 24.70 -6.88
C ILE A 67 16.11 25.03 -7.52
N GLN A 68 15.02 24.56 -6.90
CA GLN A 68 13.67 24.82 -7.43
C GLN A 68 13.37 26.32 -7.43
N THR A 69 13.72 27.01 -6.34
CA THR A 69 13.56 28.45 -6.32
C THR A 69 14.42 29.12 -7.37
N GLY A 70 15.61 28.58 -7.63
CA GLY A 70 16.44 29.10 -8.70
C GLY A 70 15.71 29.11 -10.04
N VAL A 71 15.01 28.02 -10.39
CA VAL A 71 14.27 27.98 -11.66
C VAL A 71 13.16 29.02 -11.65
N LEU A 72 12.48 29.17 -10.51
CA LEU A 72 11.45 30.22 -10.37
C LEU A 72 12.05 31.62 -10.56
N ILE A 73 13.13 31.92 -9.83
CA ILE A 73 13.82 33.21 -9.96
C ILE A 73 14.16 33.50 -11.41
N GLU A 74 14.78 32.54 -12.09
CA GLU A 74 15.21 32.83 -13.46
C GLU A 74 14.05 32.87 -14.44
N THR A 75 12.88 32.32 -14.09
CA THR A 75 11.70 32.50 -14.93
C THR A 75 11.18 33.93 -14.81
N LEU A 76 11.10 34.45 -13.58
CA LEU A 76 10.70 35.84 -13.37
C LEU A 76 11.63 36.79 -14.09
N VAL A 77 12.94 36.58 -13.99
CA VAL A 77 13.89 37.43 -14.71
C VAL A 77 13.71 37.28 -16.22
N ALA A 78 13.54 36.04 -16.71
CA ALA A 78 13.33 35.83 -18.13
C ALA A 78 12.08 36.52 -18.63
N LEU A 79 11.11 36.75 -17.76
CA LEU A 79 9.91 37.48 -18.12
C LEU A 79 10.04 38.99 -17.95
N GLY A 80 11.21 39.50 -17.56
CA GLY A 80 11.46 40.93 -17.54
C GLY A 80 11.67 41.53 -16.16
N ALA A 81 11.39 40.80 -15.10
CA ALA A 81 11.49 41.37 -13.76
C ALA A 81 12.94 41.52 -13.32
N GLU A 82 13.17 42.50 -12.43
CA GLU A 82 14.34 42.48 -11.55
C GLU A 82 13.91 41.96 -10.19
N VAL A 83 14.81 41.27 -9.49
CA VAL A 83 14.47 40.72 -8.19
C VAL A 83 15.63 40.95 -7.23
N ARG A 84 15.33 40.84 -5.93
CA ARG A 84 16.33 40.78 -4.85
C ARG A 84 15.82 39.73 -3.89
N TRP A 85 16.65 38.74 -3.55
CA TRP A 85 16.15 37.49 -2.96
C TRP A 85 16.80 37.15 -1.63
N SER A 86 16.02 36.49 -0.77
CA SER A 86 16.53 35.91 0.47
C SER A 86 15.77 34.62 0.74
N SER A 87 16.35 33.78 1.60
CA SER A 87 15.63 32.56 1.99
C SER A 87 14.66 32.90 3.11
N CYS A 88 13.60 32.07 3.25
CA CYS A 88 12.66 32.27 4.36
C CYS A 88 12.90 31.30 5.52
N ASN A 89 14.04 30.60 5.52
CA ASN A 89 14.43 29.75 6.63
C ASN A 89 15.94 29.71 6.74
N ILE A 90 16.44 29.62 7.98
CA ILE A 90 17.89 29.65 8.22
C ILE A 90 18.59 28.39 7.71
N PHE A 91 17.88 27.25 7.54
CA PHE A 91 18.52 26.00 7.11
C PHE A 91 18.13 25.49 5.73
N SER A 92 17.30 26.23 4.97
CA SER A 92 16.69 25.62 3.79
C SER A 92 17.46 25.88 2.50
N THR A 93 18.40 26.84 2.49
CA THR A 93 19.16 27.14 1.30
C THR A 93 19.99 25.95 0.85
N GLN A 94 20.02 25.72 -0.46
CA GLN A 94 21.07 24.92 -1.08
C GLN A 94 22.15 25.88 -1.56
N ASP A 95 23.36 25.77 -0.97
CA ASP A 95 24.40 26.74 -1.25
C ASP A 95 24.79 26.76 -2.73
N GLN A 96 24.74 25.62 -3.41
CA GLN A 96 25.06 25.61 -4.82
C GLN A 96 23.98 26.34 -5.64
N ALA A 97 22.72 26.31 -5.19
CA ALA A 97 21.68 27.08 -5.87
C ALA A 97 21.89 28.59 -5.66
N ALA A 98 22.14 29.00 -4.41
CA ALA A 98 22.41 30.42 -4.16
C ALA A 98 23.59 30.92 -4.98
N ALA A 99 24.68 30.14 -5.02
CA ALA A 99 25.86 30.57 -5.79
C ALA A 99 25.53 30.73 -7.27
N ALA A 100 24.81 29.76 -7.84
CA ALA A 100 24.47 29.86 -9.26
C ALA A 100 23.68 31.12 -9.55
N ILE A 101 22.73 31.45 -8.66
CA ILE A 101 21.92 32.64 -8.86
C ILE A 101 22.77 33.90 -8.71
N ALA A 102 23.66 33.94 -7.71
CA ALA A 102 24.57 35.07 -7.60
C ALA A 102 25.48 35.17 -8.81
N ALA A 103 26.03 34.04 -9.29
CA ALA A 103 26.92 34.12 -10.43
C ALA A 103 26.21 34.59 -11.68
N ALA A 104 24.89 34.49 -11.73
CA ALA A 104 24.12 35.04 -12.84
C ALA A 104 23.87 36.53 -12.70
N GLY A 105 24.46 37.17 -11.68
CA GLY A 105 24.28 38.59 -11.49
C GLY A 105 22.96 38.97 -10.85
N ILE A 106 22.36 38.06 -10.09
CA ILE A 106 21.08 38.30 -9.42
C ILE A 106 21.36 38.50 -7.93
N PRO A 107 20.89 39.60 -7.33
CA PRO A 107 21.12 39.81 -5.89
C PRO A 107 20.41 38.74 -5.07
N VAL A 108 21.20 37.95 -4.34
CA VAL A 108 20.69 36.90 -3.46
C VAL A 108 21.52 36.91 -2.18
N PHE A 109 20.84 36.81 -1.04
CA PHE A 109 21.48 36.84 0.29
C PHE A 109 20.97 35.63 1.08
N ALA A 110 21.75 34.54 1.12
CA ALA A 110 21.22 33.27 1.61
C ALA A 110 22.32 32.21 1.66
N TRP A 111 22.35 31.47 2.77
CA TRP A 111 23.22 30.32 2.91
C TRP A 111 22.60 29.38 3.94
N LYS A 112 23.00 28.13 3.90
CA LYS A 112 22.49 27.14 4.84
C LYS A 112 23.21 27.32 6.17
N GLY A 113 22.45 27.40 7.26
CA GLY A 113 23.04 27.60 8.57
C GLY A 113 23.21 29.04 8.99
N GLU A 114 22.33 29.93 8.54
CA GLU A 114 22.27 31.31 9.03
C GLU A 114 21.91 31.35 10.52
N THR A 115 22.43 32.35 11.21
CA THR A 115 21.92 32.71 12.53
C THR A 115 20.63 33.52 12.37
N GLU A 116 19.88 33.66 13.47
CA GLU A 116 18.67 34.50 13.39
C GLU A 116 19.02 35.94 13.00
N GLU A 117 20.13 36.46 13.52
CA GLU A 117 20.55 37.81 13.14
C GLU A 117 20.91 37.88 11.67
N GLU A 118 21.61 36.87 11.16
CA GLU A 118 21.94 36.81 9.74
C GLU A 118 20.70 36.67 8.88
N TYR A 119 19.71 35.92 9.35
CA TYR A 119 18.45 35.76 8.63
C TYR A 119 17.78 37.11 8.42
N GLU A 120 17.72 37.93 9.46
CA GLU A 120 17.08 39.23 9.33
C GLU A 120 17.92 40.16 8.48
N TRP A 121 19.25 40.10 8.62
CA TRP A 121 20.13 40.88 7.77
C TRP A 121 19.89 40.59 6.28
N CYS A 122 19.76 39.30 5.91
CA CYS A 122 19.55 38.96 4.49
C CYS A 122 18.26 39.57 3.95
N ILE A 123 17.17 39.48 4.71
CA ILE A 123 15.92 40.08 4.25
C ILE A 123 16.10 41.58 4.05
N GLU A 124 16.78 42.25 4.98
CA GLU A 124 16.96 43.69 4.85
C GLU A 124 17.90 44.04 3.70
N GLN A 125 18.81 43.14 3.32
CA GLN A 125 19.63 43.40 2.13
C GLN A 125 18.80 43.36 0.85
N THR A 126 17.72 42.58 0.82
CA THR A 126 16.84 42.63 -0.35
C THR A 126 16.06 43.95 -0.39
N ILE A 127 15.63 44.43 0.80
CA ILE A 127 14.81 45.64 0.92
C ILE A 127 15.61 46.90 0.59
N LEU A 128 16.84 46.98 1.08
CA LEU A 128 17.71 48.13 0.88
C LEU A 128 18.71 47.85 -0.23
N LYS A 129 18.89 48.83 -1.13
CA LYS A 129 19.94 48.76 -2.14
C LYS A 129 20.79 50.00 -1.98
N ASP A 130 22.10 49.81 -1.74
CA ASP A 130 23.03 50.90 -1.48
C ASP A 130 22.55 51.75 -0.30
N GLY A 131 22.11 51.06 0.75
CA GLY A 131 21.75 51.72 1.99
C GLY A 131 20.43 52.46 1.97
N GLN A 132 19.62 52.30 0.92
CA GLN A 132 18.38 53.03 0.76
C GLN A 132 17.31 52.07 0.24
N PRO A 133 16.04 52.31 0.56
CA PRO A 133 14.99 51.41 0.10
C PRO A 133 15.01 51.27 -1.42
N TRP A 134 15.07 50.03 -1.86
CA TRP A 134 14.90 49.73 -3.27
C TRP A 134 13.49 50.13 -3.70
N ASP A 135 13.36 50.58 -4.96
CA ASP A 135 12.03 50.92 -5.48
C ASP A 135 11.26 49.66 -5.87
N ALA A 136 11.02 48.82 -4.87
CA ALA A 136 10.26 47.59 -5.07
C ALA A 136 8.82 47.92 -5.44
N ASN A 137 8.22 47.09 -6.33
CA ASN A 137 6.80 47.19 -6.59
C ASN A 137 6.06 45.86 -6.55
N MET A 138 6.73 44.76 -6.19
CA MET A 138 6.11 43.44 -6.05
C MET A 138 6.79 42.66 -4.92
N VAL A 139 6.03 41.76 -4.29
CA VAL A 139 6.50 40.93 -3.17
C VAL A 139 6.08 39.49 -3.43
N LEU A 140 7.05 38.57 -3.33
CA LEU A 140 6.79 37.13 -3.32
C LEU A 140 7.31 36.60 -2.00
N ASP A 141 6.42 36.00 -1.20
CA ASP A 141 6.74 35.62 0.18
C ASP A 141 6.33 34.17 0.45
N ASP A 142 6.97 33.58 1.45
CA ASP A 142 6.71 32.20 1.89
C ASP A 142 6.80 32.24 3.42
N GLY A 143 5.64 32.42 4.08
CA GLY A 143 5.54 32.42 5.52
C GLY A 143 5.23 33.78 6.13
N GLY A 144 5.43 34.89 5.39
CA GLY A 144 5.01 36.20 5.84
C GLY A 144 6.05 37.04 6.55
N ASP A 145 7.29 36.58 6.67
CA ASP A 145 8.29 37.36 7.39
C ASP A 145 8.66 38.63 6.62
N LEU A 146 8.83 38.53 5.31
CA LEU A 146 9.12 39.72 4.51
C LEU A 146 7.93 40.68 4.51
N THR A 147 6.71 40.13 4.39
CA THR A 147 5.50 40.94 4.45
C THR A 147 5.43 41.69 5.77
N GLU A 148 5.85 41.04 6.86
CA GLU A 148 5.73 41.63 8.19
C GLU A 148 6.74 42.77 8.37
N ILE A 149 8.00 42.52 8.00
CA ILE A 149 9.03 43.56 8.03
C ILE A 149 8.61 44.78 7.20
N LEU A 150 8.07 44.57 6.00
CA LEU A 150 7.62 45.71 5.18
C LEU A 150 6.54 46.52 5.88
N HIS A 151 5.51 45.83 6.44
CA HIS A 151 4.43 46.56 7.11
C HIS A 151 4.89 47.23 8.38
N LYS A 152 5.78 46.58 9.15
CA LYS A 152 6.18 47.19 10.43
C LYS A 152 7.26 48.25 10.25
N LYS A 153 8.29 47.94 9.46
CA LYS A 153 9.50 48.75 9.44
C LYS A 153 9.62 49.63 8.21
N TYR A 154 9.05 49.22 7.07
CA TYR A 154 9.14 49.98 5.82
C TYR A 154 7.76 50.26 5.20
N PRO A 155 6.80 50.80 5.96
CA PRO A 155 5.47 51.04 5.38
C PRO A 155 5.47 51.89 4.13
N GLN A 156 6.39 52.84 4.05
CA GLN A 156 6.41 53.73 2.89
C GLN A 156 6.71 52.99 1.60
N MET A 157 7.48 51.89 1.67
CA MET A 157 7.71 51.09 0.48
C MET A 157 6.42 50.43 -0.02
N LEU A 158 5.47 50.12 0.86
CA LEU A 158 4.24 49.45 0.42
C LEU A 158 3.35 50.35 -0.44
N GLU A 159 3.45 51.68 -0.28
CA GLU A 159 2.71 52.60 -1.16
C GLU A 159 3.01 52.34 -2.64
N ARG A 160 4.21 51.85 -2.97
CA ARG A 160 4.56 51.60 -4.36
C ARG A 160 4.42 50.14 -4.78
N ILE A 161 3.93 49.27 -3.91
CA ILE A 161 3.89 47.84 -4.22
C ILE A 161 2.49 47.45 -4.69
N HIS A 162 2.42 46.78 -5.84
CA HIS A 162 1.14 46.38 -6.40
C HIS A 162 0.55 45.13 -5.75
N GLY A 163 1.35 44.31 -5.08
CA GLY A 163 0.76 43.12 -4.47
C GLY A 163 1.80 42.19 -3.89
N ILE A 164 1.29 41.23 -3.10
CA ILE A 164 2.06 40.14 -2.49
C ILE A 164 1.54 38.80 -3.02
N THR A 165 2.45 37.89 -3.40
CA THR A 165 2.05 36.53 -3.75
C THR A 165 2.63 35.58 -2.70
N GLU A 166 1.75 35.02 -1.86
CA GLU A 166 2.12 34.29 -0.65
C GLU A 166 1.99 32.79 -0.90
N GLU A 167 3.06 32.05 -0.60
CA GLU A 167 3.25 30.65 -0.93
C GLU A 167 2.53 29.69 0.02
N THR A 168 2.43 29.99 1.30
CA THR A 168 2.22 28.89 2.25
C THR A 168 1.10 29.22 3.23
N THR A 169 0.54 28.15 3.79
CA THR A 169 -0.63 28.23 4.65
C THR A 169 -0.43 29.25 5.78
N THR A 170 0.71 29.15 6.48
CA THR A 170 0.99 30.07 7.59
C THR A 170 1.02 31.53 7.11
N GLY A 171 1.67 31.79 5.98
CA GLY A 171 1.68 33.16 5.46
C GLY A 171 0.29 33.67 5.15
N VAL A 172 -0.55 32.82 4.58
CA VAL A 172 -1.92 33.22 4.22
C VAL A 172 -2.71 33.58 5.46
N HIS A 173 -2.55 32.79 6.52
CA HIS A 173 -3.24 33.10 7.77
C HIS A 173 -2.82 34.46 8.31
N ARG A 174 -1.52 34.79 8.19
CA ARG A 174 -1.09 36.11 8.67
C ARG A 174 -1.67 37.24 7.80
N LEU A 175 -1.77 37.01 6.47
CA LEU A 175 -2.41 38.00 5.59
C LEU A 175 -3.87 38.21 5.98
N LEU A 176 -4.59 37.12 6.23
CA LEU A 176 -6.01 37.24 6.56
C LEU A 176 -6.20 37.95 7.89
N ASP A 177 -5.34 37.69 8.86
CA ASP A 177 -5.36 38.46 10.11
C ASP A 177 -5.25 39.97 9.85
N MET A 178 -4.26 40.36 9.05
CA MET A 178 -4.11 41.79 8.73
C MET A 178 -5.31 42.33 7.98
N LEU A 179 -5.90 41.55 7.08
CA LEU A 179 -7.08 42.04 6.36
C LEU A 179 -8.23 42.29 7.33
N LYS A 180 -8.45 41.37 8.27
CA LYS A 180 -9.50 41.56 9.26
C LYS A 180 -9.25 42.80 10.12
N ASN A 181 -8.00 43.02 10.52
CA ASN A 181 -7.63 44.14 11.38
C ASN A 181 -7.46 45.46 10.64
N GLY A 182 -7.63 45.50 9.32
CA GLY A 182 -7.37 46.75 8.63
C GLY A 182 -5.92 47.17 8.53
N THR A 183 -4.98 46.25 8.73
CA THR A 183 -3.57 46.60 8.64
C THR A 183 -2.89 46.14 7.35
N LEU A 184 -3.58 45.39 6.49
CA LEU A 184 -2.98 44.95 5.23
C LEU A 184 -3.00 46.13 4.25
N LYS A 185 -1.84 46.45 3.67
CA LYS A 185 -1.72 47.66 2.86
C LYS A 185 -1.80 47.41 1.35
N VAL A 186 -1.59 46.18 0.91
CA VAL A 186 -1.63 45.86 -0.52
C VAL A 186 -2.35 44.54 -0.71
N PRO A 187 -2.96 44.32 -1.87
CA PRO A 187 -3.68 43.06 -2.11
C PRO A 187 -2.71 41.90 -2.22
N ALA A 188 -3.23 40.70 -1.97
CA ALA A 188 -2.42 39.48 -2.06
C ALA A 188 -3.15 38.43 -2.89
N ILE A 189 -2.38 37.55 -3.53
CA ILE A 189 -2.91 36.29 -4.05
C ILE A 189 -2.42 35.17 -3.13
N ASN A 190 -3.37 34.44 -2.60
CA ASN A 190 -3.14 33.20 -1.88
C ASN A 190 -2.75 32.13 -2.92
N VAL A 191 -1.44 31.97 -3.13
CA VAL A 191 -0.94 30.93 -4.03
C VAL A 191 -1.16 29.53 -3.41
N ASN A 192 -1.12 29.43 -2.09
CA ASN A 192 -1.25 28.13 -1.42
C ASN A 192 -2.50 27.38 -1.86
N ASP A 193 -3.62 28.09 -2.05
CA ASP A 193 -4.88 27.39 -2.20
C ASP A 193 -5.25 27.10 -3.65
N SER A 194 -4.33 27.27 -4.60
CA SER A 194 -4.48 26.55 -5.87
C SER A 194 -4.42 25.05 -5.57
N VAL A 195 -5.23 24.25 -6.28
CA VAL A 195 -5.17 22.81 -6.01
C VAL A 195 -3.81 22.27 -6.43
N THR A 196 -3.26 22.81 -7.51
CA THR A 196 -1.92 22.43 -7.97
C THR A 196 -0.84 22.94 -7.06
N LYS A 197 -1.20 23.65 -5.99
CA LYS A 197 -0.24 23.97 -4.93
C LYS A 197 -0.60 23.14 -3.70
N SER A 198 -1.70 23.47 -3.02
CA SER A 198 -2.04 22.85 -1.73
C SER A 198 -2.09 21.34 -1.79
N LYS A 199 -2.77 20.79 -2.79
CA LYS A 199 -2.99 19.35 -2.81
C LYS A 199 -1.95 18.63 -3.62
N ASN A 200 -0.84 19.31 -3.91
CA ASN A 200 0.33 18.83 -4.64
C ASN A 200 1.57 18.99 -3.77
N ASP A 201 1.98 20.24 -3.58
CA ASP A 201 3.07 20.63 -2.72
C ASP A 201 2.86 20.18 -1.27
N ASN A 202 1.82 20.71 -0.61
CA ASN A 202 1.67 20.48 0.84
C ASN A 202 1.58 19.00 1.17
N LYS A 203 0.93 18.22 0.32
CA LYS A 203 0.67 16.82 0.65
C LYS A 203 1.74 15.91 0.04
N TYR A 204 1.77 15.82 -1.31
CA TYR A 204 2.71 14.90 -1.96
C TYR A 204 4.15 15.33 -1.76
N GLY A 205 4.41 16.64 -1.68
CA GLY A 205 5.77 17.09 -1.38
C GLY A 205 6.31 16.51 -0.09
N CYS A 206 5.52 16.60 0.98
CA CYS A 206 5.95 16.05 2.25
C CYS A 206 6.00 14.53 2.21
N ARG A 207 5.14 13.91 1.39
CA ARG A 207 5.22 12.46 1.26
CA ARG A 207 5.22 12.46 1.26
C ARG A 207 6.60 12.06 0.74
N HIS A 208 7.11 12.80 -0.26
CA HIS A 208 8.44 12.56 -0.82
C HIS A 208 9.55 12.89 0.18
N SER A 209 9.47 14.07 0.81
CA SER A 209 10.65 14.64 1.45
C SER A 209 10.75 14.41 2.95
N LEU A 210 9.69 13.96 3.62
CA LEU A 210 9.81 13.77 5.07
C LEU A 210 10.65 12.54 5.39
N ASN A 211 10.30 11.37 4.85
CA ASN A 211 11.15 10.22 5.11
CA ASN A 211 11.14 10.20 5.09
C ASN A 211 12.54 10.42 4.52
N ASP A 212 12.63 11.19 3.43
CA ASP A 212 13.93 11.55 2.87
C ASP A 212 14.80 12.21 3.93
N ALA A 213 14.28 13.24 4.58
CA ALA A 213 15.11 13.97 5.55
C ALA A 213 15.42 13.11 6.78
N ILE A 214 14.48 12.26 7.21
CA ILE A 214 14.77 11.45 8.39
C ILE A 214 15.88 10.44 8.09
N LYS A 215 15.84 9.81 6.92
CA LYS A 215 16.93 8.90 6.53
C LYS A 215 18.27 9.62 6.46
N ARG A 216 18.31 10.80 5.83
CA ARG A 216 19.59 11.50 5.71
C ARG A 216 20.12 11.93 7.08
N GLY A 217 19.24 12.37 7.97
CA GLY A 217 19.72 12.80 9.28
C GLY A 217 20.07 11.69 10.24
N THR A 218 19.40 10.54 10.15
CA THR A 218 19.58 9.49 11.16
C THR A 218 19.96 8.14 10.58
N ASP A 219 19.56 7.88 9.34
CA ASP A 219 19.72 6.57 8.72
C ASP A 219 19.03 5.47 9.51
N HIS A 220 18.00 5.84 10.28
CA HIS A 220 17.24 4.84 11.04
C HIS A 220 16.32 4.06 10.12
N LEU A 221 16.25 2.74 10.35
CA LEU A 221 15.12 1.96 9.87
C LEU A 221 13.82 2.54 10.43
N LEU A 222 12.85 2.78 9.54
CA LEU A 222 11.51 3.20 9.96
C LEU A 222 10.51 2.06 10.03
N SER A 223 10.65 1.07 9.13
CA SER A 223 9.75 -0.09 9.10
C SER A 223 9.64 -0.74 10.47
N GLY A 224 8.41 -0.96 10.91
CA GLY A 224 8.19 -1.70 12.15
C GLY A 224 8.18 -0.85 13.40
N LYS A 225 8.57 0.42 13.30
CA LYS A 225 8.65 1.34 14.43
C LYS A 225 7.39 2.20 14.53
N GLN A 226 7.23 2.88 15.67
CA GLN A 226 6.00 3.61 15.99
C GLN A 226 6.21 5.11 15.78
N ALA A 227 5.27 5.73 15.05
CA ALA A 227 5.31 7.16 14.81
C ALA A 227 4.03 7.81 15.33
N LEU A 228 4.15 9.06 15.76
CA LEU A 228 3.02 9.90 16.10
C LEU A 228 3.12 11.15 15.24
N VAL A 229 2.12 11.38 14.38
CA VAL A 229 2.06 12.59 13.56
C VAL A 229 1.00 13.52 14.15
N ILE A 230 1.42 14.73 14.51
CA ILE A 230 0.53 15.70 15.13
C ILE A 230 0.02 16.57 13.99
N GLY A 231 -1.24 16.45 13.67
CA GLY A 231 -1.80 17.19 12.55
C GLY A 231 -2.15 16.26 11.40
N TYR A 232 -3.28 16.52 10.74
CA TYR A 232 -3.71 15.73 9.58
C TYR A 232 -4.42 16.63 8.55
N GLY A 233 -3.91 17.86 8.36
CA GLY A 233 -4.19 18.68 7.20
C GLY A 233 -3.41 18.15 6.01
N ASP A 234 -3.13 19.04 5.04
CA ASP A 234 -2.41 18.56 3.85
C ASP A 234 -1.00 18.06 4.21
N VAL A 235 -0.27 18.81 5.03
CA VAL A 235 1.07 18.37 5.42
C VAL A 235 1.01 17.11 6.27
N GLY A 236 0.09 17.03 7.24
CA GLY A 236 -0.03 15.83 8.06
C GLY A 236 -0.46 14.61 7.25
N LYS A 237 -1.30 14.81 6.23
CA LYS A 237 -1.70 13.68 5.39
C LYS A 237 -0.49 13.16 4.63
N GLY A 238 0.26 14.06 3.99
CA GLY A 238 1.42 13.63 3.23
C GLY A 238 2.51 13.09 4.13
N SER A 239 2.67 13.67 5.32
CA SER A 239 3.67 13.15 6.26
C SER A 239 3.32 11.76 6.76
N SER A 240 2.05 11.56 7.14
CA SER A 240 1.61 10.24 7.60
C SER A 240 1.85 9.19 6.51
N GLN A 241 1.57 9.54 5.26
CA GLN A 241 1.81 8.59 4.17
C GLN A 241 3.32 8.34 3.96
N SER A 242 4.14 9.39 4.06
CA SER A 242 5.60 9.21 3.96
C SER A 242 6.10 8.14 4.92
N LEU A 243 5.55 8.10 6.13
CA LEU A 243 6.01 7.14 7.13
C LEU A 243 5.31 5.79 7.00
N ARG A 244 3.99 5.79 6.69
CA ARG A 244 3.28 4.53 6.59
C ARG A 244 3.78 3.72 5.41
N GLN A 245 4.12 4.39 4.30
CA GLN A 245 4.58 3.64 3.13
C GLN A 245 5.94 2.99 3.38
N GLU A 246 6.67 3.46 4.36
CA GLU A 246 7.91 2.82 4.79
C GLU A 246 7.66 1.68 5.78
N GLY A 247 6.40 1.41 6.13
CA GLY A 247 6.08 0.39 7.11
C GLY A 247 6.14 0.83 8.56
N MET A 248 6.15 2.14 8.83
CA MET A 248 5.95 2.59 10.21
C MET A 248 4.51 2.30 10.65
N ILE A 249 4.34 2.10 11.96
CA ILE A 249 3.02 2.02 12.57
C ILE A 249 2.67 3.44 12.98
N VAL A 250 1.75 4.09 12.27
CA VAL A 250 1.55 5.54 12.39
C VAL A 250 0.26 5.80 13.17
N LYS A 251 0.35 6.60 14.24
CA LYS A 251 -0.81 7.13 14.94
C LYS A 251 -0.89 8.63 14.63
N VAL A 252 -2.12 9.18 14.63
CA VAL A 252 -2.37 10.57 14.23
C VAL A 252 -3.13 11.29 15.34
N ALA A 253 -2.70 12.52 15.64
CA ALA A 253 -3.43 13.42 16.53
C ALA A 253 -4.03 14.57 15.72
N GLU A 254 -5.23 15.00 16.10
CA GLU A 254 -5.90 16.11 15.44
C GLU A 254 -6.80 16.81 16.43
N VAL A 255 -6.97 18.12 16.22
CA VAL A 255 -8.03 18.88 16.90
C VAL A 255 -9.27 19.00 16.03
N ASP A 256 -9.16 18.74 14.72
CA ASP A 256 -10.26 18.92 13.78
C ASP A 256 -10.92 17.55 13.54
N PRO A 257 -12.17 17.35 13.98
CA PRO A 257 -12.76 15.99 13.86
C PRO A 257 -12.96 15.55 12.41
N ILE A 258 -13.15 16.48 11.48
CA ILE A 258 -13.26 16.06 10.08
C ILE A 258 -11.94 15.48 9.58
N CYS A 259 -10.82 16.19 9.85
CA CYS A 259 -9.50 15.63 9.52
C CYS A 259 -9.23 14.35 10.29
N ALA A 260 -9.69 14.27 11.54
CA ALA A 260 -9.54 13.02 12.29
C ALA A 260 -10.34 11.88 11.62
N MET A 261 -11.55 12.19 11.14
N MET A 261 -11.54 12.20 11.13
CA MET A 261 -12.34 11.18 10.43
CA MET A 261 -12.34 11.18 10.43
C MET A 261 -11.58 10.63 9.24
C MET A 261 -11.59 10.63 9.24
N GLN A 262 -10.95 11.52 8.46
CA GLN A 262 -10.15 11.10 7.33
C GLN A 262 -9.01 10.18 7.76
N ALA A 263 -8.30 10.52 8.84
CA ALA A 263 -7.22 9.67 9.32
C ALA A 263 -7.72 8.26 9.64
N CYS A 264 -8.87 8.15 10.30
CA CYS A 264 -9.43 6.83 10.59
C CYS A 264 -9.71 6.07 9.31
N MET A 265 -10.41 6.71 8.37
CA MET A 265 -10.78 6.05 7.12
C MET A 265 -9.54 5.69 6.31
N ASP A 266 -8.47 6.49 6.44
CA ASP A 266 -7.19 6.20 5.79
C ASP A 266 -6.41 5.10 6.49
N GLY A 267 -6.93 4.55 7.59
CA GLY A 267 -6.31 3.40 8.19
C GLY A 267 -5.35 3.70 9.32
N PHE A 268 -5.49 4.85 9.96
CA PHE A 268 -4.66 5.24 11.09
C PHE A 268 -5.48 5.25 12.38
N GLU A 269 -4.85 4.88 13.49
CA GLU A 269 -5.43 5.05 14.81
C GLU A 269 -5.27 6.51 15.23
N VAL A 270 -6.34 7.12 15.70
CA VAL A 270 -6.30 8.54 16.07
C VAL A 270 -6.20 8.63 17.58
N VAL A 271 -5.14 9.28 18.07
CA VAL A 271 -4.84 9.32 19.49
C VAL A 271 -4.55 10.75 19.92
N SER A 272 -4.63 11.00 21.23
CA SER A 272 -4.16 12.28 21.72
C SER A 272 -2.96 12.10 22.65
N PRO A 273 -1.96 13.00 22.61
CA PRO A 273 -0.89 12.94 23.62
C PRO A 273 -1.39 13.11 25.02
N TYR A 274 -2.61 13.63 25.18
CA TYR A 274 -3.18 13.92 26.47
C TYR A 274 -4.33 12.97 26.75
N LYS A 275 -4.43 12.57 28.01
CA LYS A 275 -5.50 11.69 28.44
C LYS A 275 -6.85 12.36 28.15
N ASN A 276 -7.70 11.65 27.41
CA ASN A 276 -9.00 12.18 26.97
C ASN A 276 -8.86 13.47 26.16
N GLY A 277 -7.67 13.74 25.62
CA GLY A 277 -7.47 14.92 24.81
C GLY A 277 -7.46 16.23 25.54
N ILE A 278 -7.34 16.23 26.87
CA ILE A 278 -7.41 17.44 27.66
C ILE A 278 -6.01 17.84 28.11
N ASN A 279 -5.56 18.98 27.58
CA ASN A 279 -4.22 19.52 27.74
C ASN A 279 -4.29 20.57 28.85
N ASP A 280 -4.18 20.09 30.11
CA ASP A 280 -4.27 20.99 31.26
C ASP A 280 -2.92 21.57 31.66
N GLY A 281 -1.85 21.33 30.90
CA GLY A 281 -0.54 21.86 31.20
C GLY A 281 0.27 21.14 32.27
N THR A 282 -0.23 20.04 32.82
CA THR A 282 0.49 19.27 33.82
C THR A 282 1.11 18.02 33.22
N GLU A 283 2.16 17.53 33.87
CA GLU A 283 2.73 16.23 33.49
C GLU A 283 1.68 15.13 33.58
N ALA A 284 0.77 15.22 34.54
CA ALA A 284 -0.19 14.16 34.76
C ALA A 284 -1.16 13.98 33.60
N SER A 285 -1.40 15.02 32.78
CA SER A 285 -2.31 14.90 31.64
C SER A 285 -1.69 14.15 30.47
N ILE A 286 -0.38 13.92 30.49
CA ILE A 286 0.29 13.22 29.40
C ILE A 286 -0.06 11.75 29.45
N ASP A 287 -0.48 11.20 28.31
CA ASP A 287 -0.56 9.76 28.16
C ASP A 287 0.87 9.20 28.10
N ALA A 288 1.43 8.90 29.28
CA ALA A 288 2.80 8.43 29.37
C ALA A 288 2.98 7.07 28.70
N ALA A 289 2.00 6.18 28.85
CA ALA A 289 2.08 4.88 28.20
C ALA A 289 2.19 5.04 26.68
N LEU A 290 1.36 5.89 26.09
CA LEU A 290 1.45 6.15 24.66
C LEU A 290 2.80 6.73 24.28
N LEU A 291 3.19 7.86 24.89
CA LEU A 291 4.42 8.53 24.42
C LEU A 291 5.65 7.66 24.67
N GLY A 292 5.61 6.83 25.71
CA GLY A 292 6.69 5.90 26.01
C GLY A 292 6.91 4.83 24.97
N LYS A 293 5.99 4.68 24.01
CA LYS A 293 6.12 3.72 22.92
C LYS A 293 6.56 4.34 21.61
N ILE A 294 6.63 5.68 21.54
CA ILE A 294 6.76 6.38 20.26
C ILE A 294 8.23 6.55 19.89
N ASP A 295 8.58 6.11 18.68
CA ASP A 295 9.96 6.19 18.18
C ASP A 295 10.22 7.47 17.41
N LEU A 296 9.19 8.15 16.95
CA LEU A 296 9.32 9.29 16.06
C LEU A 296 8.06 10.13 16.21
N ILE A 297 8.22 11.42 16.48
CA ILE A 297 7.09 12.35 16.48
C ILE A 297 7.38 13.43 15.45
N VAL A 298 6.37 13.76 14.62
CA VAL A 298 6.46 14.76 13.57
C VAL A 298 5.32 15.76 13.78
N THR A 299 5.63 17.06 13.81
CA THR A 299 4.61 18.09 13.96
C THR A 299 4.32 18.72 12.59
N THR A 300 3.03 18.89 12.28
CA THR A 300 2.62 19.35 10.95
C THR A 300 1.52 20.42 10.98
N THR A 301 1.40 21.18 12.06
CA THR A 301 0.15 21.87 12.36
C THR A 301 0.10 23.35 11.94
N GLY A 302 1.25 24.03 11.87
CA GLY A 302 1.21 25.50 11.84
C GLY A 302 0.72 26.17 13.12
N ASN A 303 0.57 25.41 14.21
CA ASN A 303 0.12 25.87 15.52
C ASN A 303 1.32 25.90 16.50
N VAL A 304 1.08 26.30 17.73
CA VAL A 304 2.15 26.58 18.70
C VAL A 304 2.12 25.52 19.81
N ASN A 305 3.29 24.98 20.14
CA ASN A 305 3.48 24.11 21.29
C ASN A 305 2.61 22.86 21.19
N VAL A 306 2.67 22.18 20.04
CA VAL A 306 1.91 20.95 19.89
C VAL A 306 2.76 19.72 20.21
N CYS A 307 4.07 19.88 20.35
CA CYS A 307 4.93 18.89 21.00
C CYS A 307 5.57 19.64 22.18
N ASP A 308 4.94 19.53 23.36
CA ASP A 308 5.29 20.44 24.44
C ASP A 308 6.31 19.82 25.38
N ALA A 309 6.68 20.56 26.44
CA ALA A 309 7.74 20.11 27.33
C ALA A 309 7.37 18.80 28.03
N ASN A 310 6.12 18.67 28.48
CA ASN A 310 5.70 17.44 29.15
C ASN A 310 5.72 16.24 28.19
N MET A 311 5.33 16.47 26.93
CA MET A 311 5.42 15.40 25.95
C MET A 311 6.86 14.99 25.73
N LEU A 312 7.75 15.97 25.62
CA LEU A 312 9.16 15.71 25.40
C LEU A 312 9.76 14.92 26.55
N LYS A 313 9.35 15.23 27.79
CA LYS A 313 9.81 14.50 28.96
C LYS A 313 9.33 13.05 28.95
N ALA A 314 8.16 12.79 28.37
CA ALA A 314 7.58 11.47 28.43
C ALA A 314 7.96 10.58 27.24
N LEU A 315 8.56 11.13 26.19
CA LEU A 315 8.85 10.34 25.01
C LEU A 315 9.80 9.19 25.33
N LYS A 316 9.66 8.13 24.55
CA LYS A 316 10.56 6.98 24.62
C LYS A 316 12.02 7.44 24.47
N LYS A 317 12.91 6.84 25.26
CA LYS A 317 14.35 7.11 25.11
C LYS A 317 14.74 6.91 23.66
N ARG A 318 15.54 7.84 23.13
CA ARG A 318 16.12 7.79 21.78
C ARG A 318 15.09 7.96 20.67
N ALA A 319 13.88 8.43 21.00
CA ALA A 319 12.95 8.86 19.95
C ALA A 319 13.53 10.01 19.13
N VAL A 320 13.12 10.08 17.87
CA VAL A 320 13.42 11.19 16.98
C VAL A 320 12.28 12.19 17.04
N VAL A 321 12.63 13.48 17.05
CA VAL A 321 11.69 14.58 17.14
C VAL A 321 11.95 15.54 15.98
N CYS A 322 10.90 15.91 15.22
CA CYS A 322 11.11 16.86 14.14
C CYS A 322 9.81 17.60 13.82
N ASN A 323 9.96 18.66 13.04
CA ASN A 323 8.85 19.53 12.66
C ASN A 323 8.90 19.77 11.16
N ILE A 324 7.74 19.64 10.50
CA ILE A 324 7.63 19.97 9.08
C ILE A 324 6.63 21.09 8.82
N GLY A 325 6.06 21.69 9.88
CA GLY A 325 5.33 22.93 9.78
C GLY A 325 6.29 24.09 9.55
N HIS A 326 5.74 25.28 9.28
CA HIS A 326 6.61 26.35 8.80
C HIS A 326 7.57 26.89 9.88
N PHE A 327 7.14 26.95 11.14
CA PHE A 327 7.93 27.61 12.18
C PHE A 327 8.32 26.60 13.25
N ASP A 328 9.46 26.86 13.90
CA ASP A 328 9.99 25.92 14.88
C ASP A 328 9.23 25.91 16.21
N ASN A 329 8.36 26.87 16.48
CA ASN A 329 7.69 26.87 17.77
C ASN A 329 6.60 25.78 17.89
N GLU A 330 6.41 24.91 16.91
CA GLU A 330 5.58 23.72 17.10
C GLU A 330 6.13 22.86 18.22
N ILE A 331 7.45 22.78 18.35
CA ILE A 331 8.12 22.01 19.37
C ILE A 331 8.66 22.98 20.39
N ASP A 332 8.56 22.63 21.68
CA ASP A 332 9.13 23.49 22.72
C ASP A 332 10.64 23.24 22.81
N THR A 333 11.35 23.72 21.77
CA THR A 333 12.81 23.64 21.80
C THR A 333 13.40 24.57 22.85
N ALA A 334 12.73 25.69 23.16
CA ALA A 334 13.27 26.57 24.18
C ALA A 334 13.37 25.86 25.53
N PHE A 335 12.36 25.08 25.90
CA PHE A 335 12.46 24.25 27.10
C PHE A 335 13.70 23.36 27.06
N MET A 336 13.93 22.71 25.91
CA MET A 336 15.10 21.84 25.78
C MET A 336 16.42 22.61 25.85
N ARG A 337 16.48 23.82 25.29
CA ARG A 337 17.69 24.61 25.44
C ARG A 337 17.91 24.98 26.90
N LYS A 338 16.83 25.19 27.66
CA LYS A 338 16.98 25.70 29.01
C LYS A 338 17.41 24.60 29.97
N ASN A 339 17.02 23.36 29.71
CA ASN A 339 17.14 22.29 30.70
C ASN A 339 18.07 21.15 30.33
N TRP A 340 18.28 20.87 29.03
CA TRP A 340 18.99 19.67 28.62
C TRP A 340 20.27 20.00 27.84
N ALA A 341 21.22 19.08 27.86
CA ALA A 341 22.50 19.30 27.20
C ALA A 341 22.41 18.81 25.76
N TRP A 342 22.84 19.64 24.82
CA TRP A 342 22.80 19.29 23.41
C TRP A 342 24.16 18.79 22.93
N GLU A 343 24.17 17.67 22.24
CA GLU A 343 25.38 17.09 21.64
C GLU A 343 25.17 17.06 20.14
N GLU A 344 26.01 17.77 19.39
CA GLU A 344 25.85 17.74 17.94
C GLU A 344 26.36 16.40 17.39
N VAL A 345 25.54 15.71 16.62
CA VAL A 345 26.02 14.52 15.91
C VAL A 345 26.73 14.93 14.64
N LYS A 346 26.04 15.75 13.86
CA LYS A 346 26.52 16.34 12.62
C LYS A 346 25.57 17.50 12.33
N PRO A 347 25.86 18.33 11.33
CA PRO A 347 25.02 19.51 11.12
C PRO A 347 23.53 19.16 11.07
N GLN A 348 22.71 19.97 11.76
CA GLN A 348 21.26 19.81 11.84
C GLN A 348 20.80 18.49 12.48
N VAL A 349 21.65 17.81 13.25
CA VAL A 349 21.26 16.61 14.01
C VAL A 349 21.86 16.73 15.42
N HIS A 350 21.00 16.80 16.43
CA HIS A 350 21.46 16.92 17.80
C HIS A 350 20.86 15.84 18.68
N LYS A 351 21.68 15.28 19.56
CA LYS A 351 21.18 14.47 20.65
C LYS A 351 20.92 15.39 21.83
N ILE A 352 19.74 15.29 22.41
CA ILE A 352 19.36 16.12 23.54
C ILE A 352 19.30 15.21 24.75
N HIS A 353 20.24 15.40 25.68
CA HIS A 353 20.41 14.51 26.82
C HIS A 353 19.53 15.00 27.96
N ARG A 354 18.60 14.15 28.39
CA ARG A 354 17.62 14.55 29.39
C ARG A 354 18.13 14.36 30.80
N THR A 355 19.42 14.05 30.94
CA THR A 355 20.03 13.86 32.23
C THR A 355 20.41 15.17 32.92
N GLY A 356 20.29 16.30 32.25
CA GLY A 356 20.68 17.55 32.86
C GLY A 356 21.23 18.52 31.82
N LYS A 357 21.51 19.74 32.30
CA LYS A 357 21.99 20.80 31.43
C LYS A 357 23.51 20.88 31.37
N ASP A 358 24.20 20.56 32.45
CA ASP A 358 25.64 20.82 32.55
C ASP A 358 26.41 19.57 32.12
N GLY A 359 26.58 19.45 30.82
CA GLY A 359 27.34 18.33 30.28
C GLY A 359 26.52 17.08 30.15
N PHE A 360 27.15 16.03 29.65
CA PHE A 360 26.47 14.78 29.37
C PHE A 360 27.48 13.66 29.32
N ASP A 361 27.01 12.46 29.66
CA ASP A 361 27.80 11.25 29.43
C ASP A 361 27.72 10.89 27.95
N ALA A 362 28.88 10.71 27.32
CA ALA A 362 28.90 10.35 25.90
C ALA A 362 28.15 9.06 25.61
N HIS A 363 28.03 8.16 26.60
CA HIS A 363 27.32 6.90 26.48
C HIS A 363 25.96 6.90 27.15
N ASN A 364 25.46 8.05 27.59
CA ASN A 364 24.10 8.15 28.12
C ASN A 364 23.08 7.61 27.12
N ASP A 365 22.12 6.84 27.60
CA ASP A 365 21.08 6.28 26.75
C ASP A 365 19.81 7.12 26.75
N ASP A 366 19.69 8.08 27.67
CA ASP A 366 18.47 8.85 27.83
C ASP A 366 18.61 10.15 27.04
N TYR A 367 18.40 10.07 25.74
CA TYR A 367 18.46 11.27 24.92
C TYR A 367 17.40 11.19 23.84
N LEU A 368 17.11 12.35 23.24
CA LEU A 368 16.27 12.43 22.06
C LEU A 368 17.15 12.91 20.91
N ILE A 369 16.79 12.53 19.69
CA ILE A 369 17.42 13.09 18.50
C ILE A 369 16.46 14.13 17.91
N LEU A 370 16.93 15.36 17.85
CA LEU A 370 16.20 16.48 17.28
C LEU A 370 16.81 16.82 15.93
N LEU A 371 15.98 16.87 14.89
CA LEU A 371 16.44 17.26 13.57
C LEU A 371 16.19 18.75 13.28
N ALA A 372 17.18 19.39 12.64
CA ALA A 372 17.13 20.77 12.14
C ALA A 372 16.77 21.77 13.24
N GLU A 373 17.12 21.44 14.49
CA GLU A 373 16.81 22.28 15.64
C GLU A 373 15.32 22.65 15.67
N GLY A 374 14.48 21.75 15.16
CA GLY A 374 13.05 21.97 15.14
C GLY A 374 12.52 22.77 13.96
N ARG A 375 13.40 23.28 13.10
CA ARG A 375 13.00 23.97 11.88
C ARG A 375 12.54 22.96 10.82
N LEU A 376 11.81 23.46 9.80
CA LEU A 376 11.25 22.61 8.73
C LEU A 376 12.20 21.49 8.33
N VAL A 377 11.88 20.26 8.71
CA VAL A 377 12.88 19.18 8.61
C VAL A 377 13.13 18.75 7.16
N ASN A 378 12.15 18.83 6.28
CA ASN A 378 12.38 18.32 4.94
C ASN A 378 13.40 19.19 4.21
N LEU A 379 13.37 20.51 4.45
CA LEU A 379 14.37 21.39 3.87
C LEU A 379 15.65 21.47 4.69
N GLY A 380 15.57 21.29 6.00
CA GLY A 380 16.75 21.42 6.85
C GLY A 380 17.67 20.23 6.74
N ASN A 381 17.11 19.02 6.69
CA ASN A 381 17.91 17.81 6.64
C ASN A 381 17.93 17.12 5.28
N ALA A 382 17.19 17.63 4.29
CA ALA A 382 17.29 17.08 2.95
C ALA A 382 17.18 18.25 1.98
N THR A 383 16.40 18.14 0.89
CA THR A 383 16.35 19.25 -0.06
C THR A 383 14.94 19.74 -0.32
N GLY A 384 14.01 19.48 0.62
CA GLY A 384 12.62 19.81 0.44
C GLY A 384 11.96 19.04 -0.70
N HIS A 385 10.91 19.65 -1.24
CA HIS A 385 10.12 19.00 -2.28
C HIS A 385 10.93 18.86 -3.56
N PRO A 386 10.63 17.85 -4.37
CA PRO A 386 11.33 17.69 -5.64
C PRO A 386 10.82 18.66 -6.72
N SER A 387 11.68 18.87 -7.72
CA SER A 387 11.38 19.84 -8.78
C SER A 387 10.01 19.59 -9.43
N ARG A 388 9.67 18.33 -9.75
CA ARG A 388 8.44 18.11 -10.50
C ARG A 388 7.20 18.48 -9.68
N ILE A 389 7.30 18.47 -8.36
CA ILE A 389 6.22 18.96 -7.50
C ILE A 389 6.25 20.49 -7.41
N MET A 390 7.43 21.08 -7.15
CA MET A 390 7.54 22.54 -7.01
C MET A 390 7.17 23.24 -8.32
N ASP A 391 7.27 22.54 -9.45
CA ASP A 391 6.76 23.02 -10.73
C ASP A 391 5.36 23.59 -10.60
N GLY A 392 4.45 22.84 -9.97
CA GLY A 392 3.09 23.31 -9.81
C GLY A 392 3.01 24.57 -8.97
N SER A 393 3.65 24.56 -7.79
CA SER A 393 3.65 25.73 -6.91
C SER A 393 4.19 26.96 -7.60
N PHE A 394 5.29 26.83 -8.31
CA PHE A 394 5.97 27.99 -8.85
C PHE A 394 5.40 28.48 -10.16
N ALA A 395 4.75 27.61 -10.95
CA ALA A 395 3.93 28.10 -12.06
C ALA A 395 2.80 29.00 -11.55
N ASN A 396 2.17 28.60 -10.44
CA ASN A 396 1.17 29.46 -9.80
C ASN A 396 1.77 30.80 -9.36
N GLN A 397 2.96 30.77 -8.75
CA GLN A 397 3.61 32.02 -8.34
C GLN A 397 3.80 32.96 -9.53
N VAL A 398 4.28 32.42 -10.66
CA VAL A 398 4.57 33.30 -11.81
C VAL A 398 3.26 33.90 -12.33
N LEU A 399 2.22 33.07 -12.46
CA LEU A 399 0.92 33.58 -12.91
C LEU A 399 0.38 34.65 -11.97
N ALA A 400 0.52 34.43 -10.66
CA ALA A 400 0.06 35.39 -9.66
C ALA A 400 0.84 36.70 -9.72
N GLN A 401 2.17 36.62 -9.88
CA GLN A 401 3.00 37.82 -10.05
C GLN A 401 2.55 38.61 -11.26
N ILE A 402 2.33 37.93 -12.40
CA ILE A 402 1.89 38.63 -13.62
C ILE A 402 0.55 39.33 -13.38
N HIS A 403 -0.37 38.65 -12.69
CA HIS A 403 -1.70 39.21 -12.53
C HIS A 403 -1.67 40.48 -11.69
N LEU A 404 -1.04 40.42 -10.52
CA LEU A 404 -1.02 41.60 -9.64
C LEU A 404 -0.19 42.71 -10.25
N PHE A 405 0.93 42.36 -10.89
CA PHE A 405 1.71 43.41 -11.54
C PHE A 405 0.90 44.12 -12.61
N GLU A 406 0.18 43.39 -13.45
CA GLU A 406 -0.64 44.02 -14.50
C GLU A 406 -1.83 44.81 -13.93
N GLN A 407 -2.34 44.46 -12.75
CA GLN A 407 -3.48 45.20 -12.18
C GLN A 407 -3.09 46.55 -11.58
N LYS A 408 -1.81 46.75 -11.26
CA LYS A 408 -1.26 48.08 -10.91
C LYS A 408 -2.02 48.75 -9.75
N TYR A 409 -2.22 47.99 -8.67
CA TYR A 409 -2.95 48.52 -7.51
C TYR A 409 -2.32 49.80 -6.96
N ALA A 410 -0.98 49.88 -6.94
CA ALA A 410 -0.32 51.03 -6.31
C ALA A 410 -0.64 52.34 -7.01
N ASP A 411 -1.16 52.28 -8.23
CA ASP A 411 -1.42 53.49 -9.00
C ASP A 411 -2.85 54.00 -8.89
N LEU A 412 -3.70 53.32 -8.12
CA LEU A 412 -5.10 53.68 -7.99
C LEU A 412 -5.30 54.83 -7.00
N PRO A 413 -6.37 55.61 -7.16
CA PRO A 413 -6.76 56.54 -6.11
C PRO A 413 -7.20 55.80 -4.85
N ALA A 414 -7.09 56.51 -3.72
CA ALA A 414 -7.39 55.92 -2.41
C ALA A 414 -8.75 55.24 -2.40
N ALA A 415 -9.77 55.87 -2.99
CA ALA A 415 -11.10 55.28 -3.00
C ALA A 415 -11.10 53.94 -3.73
N GLU A 416 -10.36 53.84 -4.83
CA GLU A 416 -10.34 52.59 -5.58
C GLU A 416 -9.45 51.54 -4.94
N LYS A 417 -8.36 51.95 -4.29
CA LYS A 417 -7.55 51.00 -3.54
C LYS A 417 -8.42 50.26 -2.53
N ALA A 418 -9.29 51.00 -1.83
CA ALA A 418 -10.14 50.39 -0.80
C ALA A 418 -11.04 49.31 -1.39
N LYS A 419 -11.52 49.51 -2.61
CA LYS A 419 -12.33 48.50 -3.27
C LYS A 419 -11.53 47.31 -3.78
N ARG A 420 -10.23 47.47 -4.01
CA ARG A 420 -9.43 46.42 -4.59
C ARG A 420 -8.61 45.64 -3.56
N LEU A 421 -8.66 46.04 -2.28
CA LEU A 421 -7.80 45.44 -1.27
C LEU A 421 -8.41 44.11 -0.82
N SER A 422 -7.78 43.00 -1.21
CA SER A 422 -8.36 41.69 -0.97
C SER A 422 -7.25 40.64 -0.97
N VAL A 423 -7.58 39.46 -0.45
CA VAL A 423 -6.75 38.27 -0.58
C VAL A 423 -7.53 37.29 -1.47
N GLU A 424 -7.02 37.01 -2.66
CA GLU A 424 -7.74 36.20 -3.63
CA GLU A 424 -7.71 36.23 -3.68
C GLU A 424 -6.90 35.00 -4.06
N VAL A 425 -7.57 34.07 -4.74
CA VAL A 425 -6.90 32.93 -5.35
C VAL A 425 -6.97 33.11 -6.85
N LEU A 426 -6.11 32.36 -7.54
CA LEU A 426 -6.14 32.32 -8.99
C LEU A 426 -7.41 31.64 -9.47
N PRO A 427 -7.92 32.01 -10.63
CA PRO A 427 -9.12 31.35 -11.16
C PRO A 427 -8.87 29.90 -11.54
N LYS A 428 -9.94 29.10 -11.43
CA LYS A 428 -9.82 27.66 -11.64
C LYS A 428 -9.27 27.30 -13.03
N LYS A 429 -9.57 28.09 -14.06
CA LYS A 429 -9.09 27.78 -15.42
C LYS A 429 -7.56 27.73 -15.46
N LEU A 430 -6.89 28.60 -14.68
CA LEU A 430 -5.42 28.63 -14.63
C LEU A 430 -4.86 27.47 -13.82
N ASP A 431 -5.50 27.17 -12.69
CA ASP A 431 -5.20 26.00 -11.90
C ASP A 431 -5.25 24.74 -12.78
N GLU A 432 -6.28 24.63 -13.62
CA GLU A 432 -6.38 23.51 -14.55
C GLU A 432 -5.27 23.53 -15.60
N GLU A 433 -4.91 24.72 -16.08
CA GLU A 433 -3.86 24.77 -17.10
C GLU A 433 -2.51 24.38 -16.52
N VAL A 434 -2.25 24.77 -15.27
CA VAL A 434 -1.04 24.31 -14.58
C VAL A 434 -1.03 22.79 -14.50
N ALA A 435 -2.14 22.21 -14.04
CA ALA A 435 -2.26 20.76 -13.88
C ALA A 435 -2.06 20.02 -15.20
N LEU A 436 -2.56 20.58 -16.30
CA LEU A 436 -2.40 19.93 -17.59
C LEU A 436 -0.93 19.78 -17.94
N GLU A 437 -0.13 20.83 -17.75
CA GLU A 437 1.29 20.69 -18.02
C GLU A 437 1.96 19.69 -17.07
N MET A 438 1.56 19.66 -15.81
CA MET A 438 2.09 18.63 -14.91
C MET A 438 1.77 17.24 -15.43
N VAL A 439 0.53 17.02 -15.88
CA VAL A 439 0.14 15.69 -16.36
C VAL A 439 0.96 15.32 -17.58
N LYS A 440 1.14 16.25 -18.51
CA LYS A 440 1.96 15.96 -19.69
C LYS A 440 3.37 15.57 -19.30
N GLY A 441 3.91 16.20 -18.24
CA GLY A 441 5.25 15.87 -17.79
C GLY A 441 5.38 14.42 -17.35
N PHE A 442 4.28 13.82 -16.89
CA PHE A 442 4.23 12.40 -16.55
C PHE A 442 3.99 11.53 -17.77
N GLY A 443 3.75 12.11 -18.93
CA GLY A 443 3.27 11.34 -20.08
C GLY A 443 1.79 11.00 -20.05
N GLY A 444 1.04 11.57 -19.13
CA GLY A 444 -0.39 11.31 -19.07
C GLY A 444 -1.11 11.93 -20.24
N VAL A 445 -2.21 11.29 -20.63
CA VAL A 445 -3.07 11.74 -21.73
C VAL A 445 -4.45 12.07 -21.15
N VAL A 446 -4.81 13.35 -21.12
CA VAL A 446 -6.13 13.81 -20.68
C VAL A 446 -7.11 13.63 -21.82
N THR A 447 -8.28 13.07 -21.52
CA THR A 447 -9.33 12.86 -22.52
C THR A 447 -10.09 14.17 -22.70
N GLN A 448 -10.59 14.40 -23.92
CA GLN A 448 -11.37 15.60 -24.21
C GLN A 448 -12.84 15.21 -24.35
N LEU A 449 -13.70 15.95 -23.66
CA LEU A 449 -15.15 15.75 -23.76
C LEU A 449 -15.64 15.95 -25.18
N THR A 450 -16.63 15.15 -25.57
CA THR A 450 -17.38 15.48 -26.77
C THR A 450 -18.32 16.65 -26.46
N PRO A 451 -18.79 17.36 -27.48
CA PRO A 451 -19.79 18.42 -27.22
C PRO A 451 -21.01 17.93 -26.43
N LYS A 452 -21.55 16.76 -26.78
CA LYS A 452 -22.70 16.24 -26.06
C LYS A 452 -22.36 15.90 -24.62
N GLN A 453 -21.16 15.35 -24.36
CA GLN A 453 -20.79 15.08 -22.98
C GLN A 453 -20.65 16.38 -22.20
N ALA A 454 -20.03 17.39 -22.81
CA ALA A 454 -19.86 18.66 -22.09
C ALA A 454 -21.22 19.25 -21.71
N GLU A 455 -22.18 19.23 -22.63
CA GLU A 455 -23.52 19.71 -22.34
C GLU A 455 -24.22 18.85 -21.28
N TYR A 456 -24.00 17.53 -21.33
CA TYR A 456 -24.64 16.63 -20.38
C TYR A 456 -24.26 16.98 -18.94
N ILE A 457 -22.98 17.30 -18.70
CA ILE A 457 -22.56 17.63 -17.34
C ILE A 457 -22.47 19.14 -17.11
N GLY A 458 -22.78 19.96 -18.11
CA GLY A 458 -22.88 21.40 -17.90
C GLY A 458 -21.57 22.16 -17.83
N VAL A 459 -20.59 21.78 -18.64
CA VAL A 459 -19.31 22.48 -18.69
C VAL A 459 -18.97 22.83 -20.13
N SER A 460 -18.07 23.79 -20.29
CA SER A 460 -17.46 24.01 -21.60
C SER A 460 -16.46 22.89 -21.88
N VAL A 461 -16.28 22.55 -23.16
CA VAL A 461 -15.36 21.46 -23.50
C VAL A 461 -13.95 21.78 -23.02
N GLU A 462 -13.58 23.06 -22.96
CA GLU A 462 -12.25 23.43 -22.52
C GLU A 462 -12.16 23.63 -21.00
N GLY A 463 -13.27 23.49 -20.27
CA GLY A 463 -13.26 23.74 -18.86
C GLY A 463 -13.62 25.20 -18.55
N PRO A 464 -13.64 25.57 -17.27
CA PRO A 464 -13.36 24.76 -16.08
C PRO A 464 -14.34 23.60 -15.90
N PHE A 465 -13.86 22.52 -15.29
CA PHE A 465 -14.61 21.28 -15.24
C PHE A 465 -15.37 21.07 -13.93
N LYS A 466 -15.14 21.94 -12.92
CA LYS A 466 -15.72 21.80 -11.59
C LYS A 466 -16.24 23.15 -11.11
N PRO A 467 -17.31 23.17 -10.31
CA PRO A 467 -17.73 24.42 -9.67
C PRO A 467 -16.65 24.86 -8.69
N ASP A 468 -16.69 26.15 -8.31
CA ASP A 468 -15.68 26.65 -7.39
C ASP A 468 -15.78 25.98 -6.00
N THR A 469 -16.94 25.44 -5.64
CA THR A 469 -17.09 24.72 -4.37
C THR A 469 -16.35 23.37 -4.32
N TYR A 470 -15.85 22.84 -5.45
CA TYR A 470 -15.36 21.45 -5.47
C TYR A 470 -14.07 21.31 -4.68
N ARG A 471 -13.95 20.20 -3.92
CA ARG A 471 -12.83 20.02 -2.99
C ARG A 471 -11.74 19.08 -3.52
N TYR A 472 -12.00 18.35 -4.60
CA TYR A 472 -11.01 17.37 -5.14
C TYR A 472 -10.62 16.35 -4.05
N GLY B 12 51.05 5.54 18.93
CA GLY B 12 51.86 5.51 17.73
C GLY B 12 51.36 4.52 16.69
N PHE B 13 50.04 4.37 16.59
CA PHE B 13 49.45 3.43 15.65
C PHE B 13 49.43 4.01 14.24
N THR B 14 50.01 3.28 13.28
CA THR B 14 50.08 3.75 11.91
C THR B 14 49.62 2.72 10.88
N ASP B 15 49.14 1.55 11.31
CA ASP B 15 48.89 0.41 10.42
C ASP B 15 47.46 0.46 9.86
N TYR B 16 47.24 1.44 8.99
CA TYR B 16 45.92 1.67 8.40
C TYR B 16 46.07 2.64 7.24
N LYS B 17 44.97 2.82 6.50
CA LYS B 17 44.88 3.95 5.56
C LYS B 17 43.41 4.30 5.34
N VAL B 18 43.05 5.52 5.73
CA VAL B 18 41.70 6.05 5.57
C VAL B 18 41.79 7.41 4.90
N ALA B 19 40.62 7.96 4.55
CA ALA B 19 40.58 9.23 3.86
C ALA B 19 40.97 10.39 4.78
N ASP B 20 40.51 10.35 6.03
CA ASP B 20 40.73 11.47 6.93
C ASP B 20 40.53 10.96 8.35
N ILE B 21 41.61 10.80 9.10
CA ILE B 21 41.54 10.29 10.45
C ILE B 21 40.78 11.23 11.39
N THR B 22 40.76 12.54 11.12
CA THR B 22 40.06 13.49 11.99
C THR B 22 38.54 13.37 11.91
N LEU B 23 38.00 12.48 11.08
CA LEU B 23 36.58 12.18 11.09
C LEU B 23 36.23 11.15 12.16
N ALA B 24 37.21 10.73 12.97
CA ALA B 24 37.02 9.63 13.89
C ALA B 24 35.94 9.93 14.95
N ALA B 25 35.96 11.13 15.53
CA ALA B 25 35.02 11.44 16.61
C ALA B 25 33.59 11.49 16.08
N TRP B 26 33.38 12.05 14.88
CA TRP B 26 32.08 11.92 14.22
C TRP B 26 31.72 10.45 14.03
N GLY B 27 32.67 9.64 13.55
CA GLY B 27 32.38 8.22 13.38
C GLY B 27 31.94 7.58 14.68
N ARG B 28 32.63 7.94 15.78
CA ARG B 28 32.35 7.33 17.08
C ARG B 28 30.98 7.73 17.61
N ARG B 29 30.57 8.98 17.40
CA ARG B 29 29.20 9.39 17.71
C ARG B 29 28.17 8.52 16.98
N GLU B 30 28.36 8.29 15.69
CA GLU B 30 27.42 7.45 14.95
C GLU B 30 27.54 5.98 15.35
N LEU B 31 28.72 5.52 15.76
CA LEU B 31 28.83 4.15 16.26
C LEU B 31 28.00 3.97 17.53
N ILE B 32 28.08 4.95 18.45
CA ILE B 32 27.34 4.87 19.70
C ILE B 32 25.83 4.86 19.44
N ILE B 33 25.39 5.61 18.42
CA ILE B 33 23.98 5.58 18.05
C ILE B 33 23.63 4.22 17.45
N ALA B 34 24.44 3.76 16.49
CA ALA B 34 24.11 2.50 15.82
C ALA B 34 24.08 1.32 16.80
N GLU B 35 24.91 1.35 17.84
CA GLU B 35 24.86 0.26 18.81
C GLU B 35 23.46 0.14 19.44
N SER B 36 22.84 1.28 19.74
CA SER B 36 21.49 1.23 20.29
C SER B 36 20.49 0.70 19.26
N GLU B 37 20.85 0.66 17.99
CA GLU B 37 19.99 0.12 16.93
C GLU B 37 20.30 -1.33 16.58
N MET B 38 21.27 -1.98 17.24
CA MET B 38 21.71 -3.33 16.87
C MET B 38 21.70 -4.26 18.09
N PRO B 39 20.51 -4.57 18.63
CA PRO B 39 20.45 -5.34 19.89
C PRO B 39 20.93 -6.78 19.76
N ALA B 40 20.70 -7.42 18.63
CA ALA B 40 21.17 -8.80 18.47
C ALA B 40 22.68 -8.86 18.52
N LEU B 41 23.33 -7.93 17.82
CA LEU B 41 24.79 -7.90 17.78
C LEU B 41 25.35 -7.50 19.12
N MET B 42 24.81 -6.45 19.74
CA MET B 42 25.26 -6.07 21.07
C MET B 42 24.93 -7.13 22.11
N GLY B 43 23.83 -7.87 21.92
CA GLY B 43 23.54 -8.97 22.81
C GLY B 43 24.61 -10.04 22.76
N LEU B 44 25.22 -10.26 21.60
CA LEU B 44 26.31 -11.24 21.48
C LEU B 44 27.54 -10.79 22.26
N ARG B 45 27.79 -9.48 22.32
CA ARG B 45 28.87 -8.98 23.17
C ARG B 45 28.67 -9.41 24.62
N ARG B 46 27.48 -9.17 25.18
CA ARG B 46 27.26 -9.49 26.58
C ARG B 46 27.28 -11.00 26.83
N LYS B 47 26.68 -11.77 25.93
CA LYS B 47 26.57 -13.20 26.14
C LYS B 47 27.92 -13.91 26.06
N TYR B 48 28.80 -13.48 25.16
CA TYR B 48 30.05 -14.20 24.94
C TYR B 48 31.28 -13.51 25.50
N ALA B 49 31.17 -12.27 26.00
CA ALA B 49 32.35 -11.54 26.46
C ALA B 49 33.13 -12.34 27.50
N GLY B 50 32.43 -12.86 28.51
CA GLY B 50 33.10 -13.64 29.54
C GLY B 50 33.89 -14.81 28.98
N GLN B 51 33.39 -15.45 27.94
CA GLN B 51 33.99 -16.69 27.47
C GLN B 51 35.06 -16.49 26.42
N GLN B 52 35.11 -15.32 25.77
CA GLN B 52 36.10 -15.00 24.76
C GLN B 52 36.21 -16.09 23.67
N PRO B 53 35.12 -16.36 22.94
CA PRO B 53 35.14 -17.47 21.98
C PRO B 53 36.07 -17.24 20.80
N LEU B 54 36.46 -16.00 20.51
CA LEU B 54 37.33 -15.72 19.39
C LEU B 54 38.76 -15.39 19.82
N LYS B 55 39.11 -15.68 21.07
CA LYS B 55 40.48 -15.53 21.51
C LYS B 55 41.41 -16.40 20.66
N GLY B 56 42.35 -15.76 19.99
CA GLY B 56 43.26 -16.43 19.11
C GLY B 56 42.85 -16.36 17.65
N ALA B 57 41.62 -15.95 17.36
CA ALA B 57 41.20 -15.77 15.98
C ALA B 57 41.90 -14.56 15.36
N LYS B 58 42.35 -14.74 14.12
CA LYS B 58 42.94 -13.66 13.33
C LYS B 58 42.16 -13.56 12.02
N ILE B 59 41.26 -12.58 11.92
CA ILE B 59 40.25 -12.53 10.89
C ILE B 59 40.66 -11.54 9.81
N LEU B 60 40.81 -12.03 8.58
CA LEU B 60 40.81 -11.17 7.40
C LEU B 60 39.37 -10.83 7.02
N GLY B 61 39.02 -9.54 7.06
CA GLY B 61 37.68 -9.11 6.74
C GLY B 61 37.60 -8.21 5.52
N CYS B 62 36.70 -8.50 4.59
CA CYS B 62 36.49 -7.65 3.41
C CYS B 62 34.99 -7.42 3.19
N ILE B 63 34.49 -6.27 3.64
CA ILE B 63 33.09 -5.92 3.50
C ILE B 63 32.94 -4.42 3.74
N HIS B 64 32.07 -3.79 2.93
CA HIS B 64 31.69 -2.37 3.01
C HIS B 64 31.97 -1.72 4.35
N MET B 65 32.89 -0.74 4.38
CA MET B 65 33.39 -0.18 5.64
C MET B 65 32.45 0.96 6.07
N THR B 66 31.26 0.55 6.47
CA THR B 66 30.21 1.44 6.97
C THR B 66 30.20 1.47 8.49
N ILE B 67 29.35 2.33 9.02
CA ILE B 67 29.12 2.38 10.45
C ILE B 67 28.67 1.01 10.97
N GLN B 68 27.78 0.35 10.23
CA GLN B 68 27.28 -0.95 10.68
C GLN B 68 28.40 -1.98 10.70
N THR B 69 29.28 -1.96 9.70
CA THR B 69 30.44 -2.83 9.72
C THR B 69 31.38 -2.50 10.88
N GLY B 70 31.45 -1.21 11.25
CA GLY B 70 32.21 -0.86 12.44
C GLY B 70 31.71 -1.56 13.69
N VAL B 71 30.38 -1.67 13.85
CA VAL B 71 29.85 -2.34 15.03
C VAL B 71 30.17 -3.82 14.98
N LEU B 72 30.12 -4.41 13.78
CA LEU B 72 30.54 -5.80 13.59
C LEU B 72 31.99 -5.99 13.99
N ILE B 73 32.89 -5.14 13.48
CA ILE B 73 34.31 -5.27 13.76
C ILE B 73 34.55 -5.26 15.26
N GLU B 74 33.98 -4.28 15.96
CA GLU B 74 34.25 -4.15 17.38
C GLU B 74 33.56 -5.24 18.21
N THR B 75 32.50 -5.86 17.68
CA THR B 75 31.96 -7.05 18.33
C THR B 75 32.96 -8.19 18.25
N LEU B 76 33.54 -8.41 17.06
CA LEU B 76 34.54 -9.48 16.91
C LEU B 76 35.73 -9.25 17.82
N VAL B 77 36.23 -8.01 17.85
CA VAL B 77 37.35 -7.70 18.74
C VAL B 77 36.96 -7.91 20.20
N ALA B 78 35.74 -7.49 20.57
CA ALA B 78 35.30 -7.63 21.95
C ALA B 78 35.29 -9.09 22.42
N LEU B 79 35.14 -10.03 21.47
CA LEU B 79 35.07 -11.45 21.78
C LEU B 79 36.41 -12.15 21.65
N GLY B 80 37.48 -11.40 21.37
CA GLY B 80 38.83 -11.94 21.39
C GLY B 80 39.60 -11.89 20.10
N ALA B 81 38.99 -11.47 18.98
CA ALA B 81 39.65 -11.56 17.69
C ALA B 81 40.57 -10.37 17.44
N GLU B 82 41.63 -10.61 16.67
CA GLU B 82 42.34 -9.55 15.96
C GLU B 82 41.83 -9.55 14.52
N VAL B 83 41.86 -8.40 13.87
CA VAL B 83 41.33 -8.30 12.52
C VAL B 83 42.18 -7.33 11.71
N ARG B 84 42.16 -7.53 10.39
CA ARG B 84 42.67 -6.57 9.41
C ARG B 84 41.61 -6.46 8.33
N TRP B 85 41.14 -5.25 8.06
CA TRP B 85 39.88 -5.01 7.36
C TRP B 85 40.04 -4.20 6.09
N SER B 86 39.18 -4.48 5.11
CA SER B 86 39.07 -3.71 3.89
C SER B 86 37.63 -3.72 3.42
N SER B 87 37.28 -2.80 2.51
CA SER B 87 35.93 -2.76 1.98
C SER B 87 35.88 -3.62 0.72
N CYS B 88 34.69 -4.16 0.41
CA CYS B 88 34.51 -4.95 -0.80
C CYS B 88 33.91 -4.14 -1.95
N ASN B 89 33.94 -2.81 -1.86
CA ASN B 89 33.49 -1.98 -2.97
C ASN B 89 34.14 -0.59 -2.88
N ILE B 90 34.44 0.00 -4.03
CA ILE B 90 35.22 1.24 -4.06
C ILE B 90 34.46 2.47 -3.56
N PHE B 91 33.12 2.45 -3.60
CA PHE B 91 32.28 3.58 -3.19
C PHE B 91 31.49 3.34 -1.90
N SER B 92 31.56 2.16 -1.28
CA SER B 92 30.67 1.87 -0.16
C SER B 92 31.16 2.36 1.20
N THR B 93 32.43 2.74 1.33
CA THR B 93 32.97 3.12 2.64
C THR B 93 32.34 4.44 3.12
N GLN B 94 32.01 4.49 4.41
CA GLN B 94 31.75 5.75 5.08
C GLN B 94 33.03 6.18 5.77
N ASP B 95 33.60 7.30 5.30
CA ASP B 95 34.93 7.68 5.73
C ASP B 95 34.99 7.91 7.24
N GLN B 96 33.91 8.37 7.86
CA GLN B 96 33.93 8.55 9.30
C GLN B 96 33.94 7.21 10.03
N ALA B 97 33.29 6.19 9.46
CA ALA B 97 33.38 4.86 10.07
C ALA B 97 34.81 4.35 10.01
N ALA B 98 35.45 4.44 8.83
CA ALA B 98 36.82 3.92 8.71
C ALA B 98 37.77 4.65 9.65
N ALA B 99 37.55 5.95 9.85
CA ALA B 99 38.37 6.73 10.77
C ALA B 99 38.20 6.27 12.21
N ALA B 100 36.96 6.09 12.66
CA ALA B 100 36.75 5.62 14.03
C ALA B 100 37.44 4.28 14.27
N ILE B 101 37.39 3.39 13.28
CA ILE B 101 38.00 2.07 13.46
C ILE B 101 39.51 2.18 13.51
N ALA B 102 40.10 2.95 12.58
CA ALA B 102 41.53 3.20 12.63
C ALA B 102 41.94 3.84 13.95
N ALA B 103 41.12 4.76 14.47
CA ALA B 103 41.51 5.48 15.68
C ALA B 103 41.43 4.59 16.90
N ALA B 104 40.67 3.51 16.82
CA ALA B 104 40.62 2.50 17.87
C ALA B 104 41.77 1.49 17.79
N GLY B 105 42.76 1.72 16.92
CA GLY B 105 43.92 0.84 16.83
C GLY B 105 43.72 -0.40 15.97
N ILE B 106 42.77 -0.38 15.06
CA ILE B 106 42.41 -1.55 14.26
C ILE B 106 42.86 -1.31 12.83
N PRO B 107 43.58 -2.24 12.21
CA PRO B 107 44.03 -2.04 10.82
C PRO B 107 42.87 -2.06 9.86
N VAL B 108 42.64 -0.93 9.19
CA VAL B 108 41.59 -0.81 8.19
C VAL B 108 42.12 -0.01 7.02
N PHE B 109 41.78 -0.45 5.80
CA PHE B 109 42.32 0.12 4.57
C PHE B 109 41.13 0.33 3.64
N ALA B 110 40.57 1.54 3.66
CA ALA B 110 39.31 1.76 2.96
C ALA B 110 38.98 3.24 2.98
N TRP B 111 38.46 3.73 1.85
CA TRP B 111 37.92 5.08 1.76
C TRP B 111 36.90 5.10 0.63
N LYS B 112 35.99 6.07 0.69
CA LYS B 112 34.99 6.21 -0.35
C LYS B 112 35.62 6.82 -1.60
N GLY B 113 35.42 6.17 -2.74
CA GLY B 113 36.01 6.63 -3.99
C GLY B 113 37.41 6.12 -4.27
N GLU B 114 37.66 4.85 -3.99
CA GLU B 114 38.91 4.22 -4.38
C GLU B 114 38.97 4.00 -5.88
N THR B 115 40.18 3.97 -6.43
CA THR B 115 40.36 3.43 -7.77
C THR B 115 40.42 1.91 -7.70
N GLU B 116 40.35 1.26 -8.86
CA GLU B 116 40.46 -0.20 -8.89
C GLU B 116 41.78 -0.66 -8.33
N GLU B 117 42.86 0.07 -8.61
CA GLU B 117 44.16 -0.32 -8.09
C GLU B 117 44.23 -0.15 -6.58
N GLU B 118 43.67 0.94 -6.06
CA GLU B 118 43.62 1.15 -4.62
C GLU B 118 42.79 0.07 -3.94
N TYR B 119 41.73 -0.38 -4.59
CA TYR B 119 40.87 -1.42 -4.04
C TYR B 119 41.65 -2.71 -3.83
N GLU B 120 42.37 -3.17 -4.86
CA GLU B 120 43.19 -4.36 -4.69
C GLU B 120 44.29 -4.15 -3.67
N TRP B 121 44.90 -2.95 -3.66
CA TRP B 121 45.95 -2.65 -2.71
C TRP B 121 45.43 -2.76 -1.29
N CYS B 122 44.22 -2.26 -1.04
CA CYS B 122 43.65 -2.29 0.30
C CYS B 122 43.47 -3.72 0.79
N ILE B 123 42.92 -4.59 -0.05
CA ILE B 123 42.81 -5.99 0.32
C ILE B 123 44.18 -6.55 0.65
N GLU B 124 45.19 -6.23 -0.17
CA GLU B 124 46.54 -6.74 0.06
C GLU B 124 47.11 -6.30 1.39
N GLN B 125 46.81 -5.07 1.81
CA GLN B 125 47.28 -4.59 3.11
C GLN B 125 46.67 -5.35 4.29
N THR B 126 45.49 -5.96 4.11
CA THR B 126 44.98 -6.86 5.15
C THR B 126 45.75 -8.19 5.12
N ILE B 127 46.07 -8.67 3.92
CA ILE B 127 46.72 -9.96 3.78
C ILE B 127 48.16 -9.91 4.27
N LEU B 128 48.85 -8.79 4.05
CA LEU B 128 50.26 -8.64 4.41
C LEU B 128 50.38 -7.74 5.63
N LYS B 129 51.14 -8.20 6.63
CA LYS B 129 51.58 -7.35 7.73
C LYS B 129 53.10 -7.30 7.70
N ASP B 130 53.65 -6.08 7.61
CA ASP B 130 55.09 -5.86 7.53
C ASP B 130 55.70 -6.62 6.37
N GLY B 131 55.05 -6.58 5.21
CA GLY B 131 55.59 -7.20 4.02
C GLY B 131 55.50 -8.70 3.96
N GLN B 132 54.97 -9.35 5.01
CA GLN B 132 54.84 -10.80 5.07
C GLN B 132 53.38 -11.18 5.28
N PRO B 133 52.97 -12.38 4.85
CA PRO B 133 51.58 -12.80 5.10
C PRO B 133 51.29 -12.88 6.60
N TRP B 134 50.21 -12.22 6.99
CA TRP B 134 49.73 -12.28 8.37
C TRP B 134 49.35 -13.71 8.73
N ASP B 135 49.47 -14.04 10.02
CA ASP B 135 49.13 -15.36 10.50
C ASP B 135 47.61 -15.47 10.70
N ALA B 136 46.88 -15.25 9.61
CA ALA B 136 45.42 -15.30 9.65
C ALA B 136 44.95 -16.73 9.78
N ASN B 137 43.83 -16.89 10.47
CA ASN B 137 43.22 -18.21 10.59
C ASN B 137 41.70 -18.17 10.38
N MET B 138 41.15 -17.06 9.92
CA MET B 138 39.72 -16.92 9.67
C MET B 138 39.51 -15.86 8.59
N VAL B 139 38.42 -15.99 7.85
CA VAL B 139 38.10 -15.07 6.76
C VAL B 139 36.64 -14.67 6.86
N LEU B 140 36.36 -13.37 6.70
CA LEU B 140 35.01 -12.84 6.60
C LEU B 140 34.92 -12.03 5.31
N ASP B 141 34.05 -12.47 4.38
CA ASP B 141 34.05 -11.92 3.04
C ASP B 141 32.63 -11.57 2.61
N ASP B 142 32.55 -10.61 1.70
CA ASP B 142 31.28 -10.14 1.14
C ASP B 142 31.51 -10.01 -0.35
N GLY B 143 31.17 -11.06 -1.09
CA GLY B 143 31.24 -11.06 -2.54
C GLY B 143 32.31 -12.00 -3.09
N GLY B 144 33.23 -12.48 -2.25
CA GLY B 144 34.18 -13.47 -2.66
C GLY B 144 35.51 -12.97 -3.21
N ASP B 145 35.76 -11.65 -3.20
CA ASP B 145 37.02 -11.15 -3.78
C ASP B 145 38.22 -11.54 -2.92
N LEU B 146 38.12 -11.34 -1.61
CA LEU B 146 39.20 -11.78 -0.70
C LEU B 146 39.40 -13.29 -0.77
N THR B 147 38.30 -14.04 -0.80
CA THR B 147 38.43 -15.50 -0.88
C THR B 147 39.18 -15.91 -2.14
N GLU B 148 38.88 -15.26 -3.26
CA GLU B 148 39.52 -15.59 -4.53
C GLU B 148 41.01 -15.27 -4.51
N ILE B 149 41.38 -14.09 -3.99
CA ILE B 149 42.78 -13.71 -3.94
C ILE B 149 43.59 -14.72 -3.12
N LEU B 150 43.02 -15.18 -1.99
CA LEU B 150 43.73 -16.14 -1.15
C LEU B 150 43.87 -17.49 -1.84
N HIS B 151 42.84 -17.96 -2.53
CA HIS B 151 42.97 -19.25 -3.21
C HIS B 151 43.96 -19.17 -4.36
N LYS B 152 43.99 -18.04 -5.06
CA LYS B 152 44.80 -17.94 -6.27
C LYS B 152 46.20 -17.43 -6.00
N LYS B 153 46.37 -16.49 -5.08
CA LYS B 153 47.66 -15.83 -4.93
C LYS B 153 48.40 -16.20 -3.65
N TYR B 154 47.71 -16.52 -2.56
CA TYR B 154 48.36 -16.98 -1.33
C TYR B 154 47.77 -18.31 -0.85
N PRO B 155 47.87 -19.38 -1.65
CA PRO B 155 47.27 -20.65 -1.21
C PRO B 155 47.85 -21.20 0.08
N GLN B 156 49.11 -20.90 0.40
CA GLN B 156 49.70 -21.42 1.63
C GLN B 156 49.02 -20.87 2.88
N MET B 157 48.48 -19.65 2.83
CA MET B 157 47.79 -19.13 4.02
C MET B 157 46.54 -19.94 4.33
N LEU B 158 45.92 -20.57 3.34
CA LEU B 158 44.72 -21.35 3.58
C LEU B 158 45.00 -22.60 4.42
N GLU B 159 46.24 -23.08 4.45
CA GLU B 159 46.55 -24.22 5.32
C GLU B 159 46.40 -23.85 6.79
N ARG B 160 46.37 -22.56 7.11
CA ARG B 160 46.23 -22.09 8.48
C ARG B 160 44.84 -21.58 8.82
N ILE B 161 43.93 -21.51 7.85
CA ILE B 161 42.62 -20.88 8.03
C ILE B 161 41.58 -21.96 8.30
N HIS B 162 40.72 -21.70 9.30
CA HIS B 162 39.72 -22.68 9.69
C HIS B 162 38.41 -22.57 8.90
N GLY B 163 38.17 -21.45 8.23
CA GLY B 163 36.92 -21.28 7.52
C GLY B 163 36.72 -19.86 7.02
N ILE B 164 35.73 -19.74 6.11
CA ILE B 164 35.29 -18.49 5.51
C ILE B 164 33.82 -18.30 5.85
N THR B 165 33.43 -17.10 6.27
CA THR B 165 32.04 -16.75 6.49
C THR B 165 31.63 -15.71 5.44
N GLU B 166 30.81 -16.13 4.47
CA GLU B 166 30.52 -15.32 3.30
C GLU B 166 29.14 -14.67 3.39
N GLU B 167 29.11 -13.36 3.13
CA GLU B 167 27.94 -12.51 3.39
C GLU B 167 26.86 -12.58 2.31
N THR B 168 27.20 -12.67 1.02
CA THR B 168 26.19 -12.32 0.02
C THR B 168 26.05 -13.37 -1.09
N THR B 169 24.89 -13.33 -1.76
CA THR B 169 24.51 -14.34 -2.75
C THR B 169 25.60 -14.58 -3.79
N THR B 170 26.18 -13.50 -4.30
CA THR B 170 27.22 -13.65 -5.33
C THR B 170 28.45 -14.38 -4.78
N GLY B 171 28.89 -14.03 -3.58
CA GLY B 171 30.04 -14.74 -3.03
C GLY B 171 29.74 -16.21 -2.79
N VAL B 172 28.52 -16.52 -2.36
CA VAL B 172 28.16 -17.92 -2.11
C VAL B 172 28.21 -18.72 -3.40
N HIS B 173 27.78 -18.11 -4.50
CA HIS B 173 27.84 -18.80 -5.79
C HIS B 173 29.28 -19.15 -6.13
N ARG B 174 30.20 -18.20 -5.91
CA ARG B 174 31.60 -18.47 -6.20
C ARG B 174 32.15 -19.59 -5.31
N LEU B 175 31.74 -19.65 -4.04
CA LEU B 175 32.20 -20.74 -3.18
C LEU B 175 31.70 -22.09 -3.68
N LEU B 176 30.43 -22.15 -4.10
CA LEU B 176 29.83 -23.40 -4.54
C LEU B 176 30.43 -23.88 -5.86
N ASP B 177 30.90 -22.95 -6.70
CA ASP B 177 31.68 -23.37 -7.86
C ASP B 177 32.94 -24.11 -7.41
N MET B 178 33.55 -23.66 -6.32
CA MET B 178 34.81 -24.29 -5.92
C MET B 178 34.58 -25.65 -5.26
N LEU B 179 33.58 -25.71 -4.38
CA LEU B 179 33.20 -26.98 -3.76
C LEU B 179 32.85 -28.02 -4.82
N LYS B 180 32.22 -27.58 -5.92
CA LYS B 180 31.88 -28.50 -7.00
C LYS B 180 33.13 -28.92 -7.79
N ASN B 181 34.05 -27.99 -8.02
CA ASN B 181 35.30 -28.27 -8.71
C ASN B 181 36.34 -28.91 -7.80
N GLY B 182 36.05 -29.04 -6.51
CA GLY B 182 37.02 -29.59 -5.58
C GLY B 182 38.25 -28.73 -5.37
N THR B 183 38.11 -27.42 -5.53
CA THR B 183 39.19 -26.43 -5.38
C THR B 183 38.97 -25.52 -4.16
N LEU B 184 37.95 -25.78 -3.35
CA LEU B 184 37.75 -25.01 -2.13
C LEU B 184 38.62 -25.60 -1.03
N LYS B 185 39.45 -24.76 -0.40
CA LYS B 185 40.46 -25.27 0.52
C LYS B 185 40.00 -25.29 1.97
N VAL B 186 39.04 -24.45 2.35
CA VAL B 186 38.55 -24.45 3.74
C VAL B 186 37.04 -24.44 3.74
N PRO B 187 36.39 -24.90 4.81
CA PRO B 187 34.93 -24.91 4.83
C PRO B 187 34.40 -23.49 4.92
N ALA B 188 33.14 -23.33 4.54
CA ALA B 188 32.49 -22.03 4.55
C ALA B 188 31.15 -22.10 5.24
N ILE B 189 30.73 -20.97 5.81
CA ILE B 189 29.35 -20.75 6.21
C ILE B 189 28.71 -19.79 5.22
N ASN B 190 27.60 -20.22 4.63
CA ASN B 190 26.74 -19.37 3.82
C ASN B 190 25.92 -18.57 4.81
N VAL B 191 26.39 -17.36 5.12
CA VAL B 191 25.63 -16.46 5.98
C VAL B 191 24.43 -15.90 5.23
N ASN B 192 24.57 -15.71 3.92
CA ASN B 192 23.49 -15.10 3.16
C ASN B 192 22.17 -15.81 3.42
N ASP B 193 22.20 -17.14 3.55
CA ASP B 193 20.95 -17.88 3.51
C ASP B 193 20.33 -18.14 4.88
N SER B 194 20.80 -17.50 5.95
CA SER B 194 19.95 -17.38 7.13
C SER B 194 18.73 -16.55 6.76
N VAL B 195 17.58 -16.87 7.34
CA VAL B 195 16.40 -16.07 7.03
C VAL B 195 16.57 -14.67 7.56
N THR B 196 17.16 -14.53 8.76
CA THR B 196 17.45 -13.24 9.34
C THR B 196 18.55 -12.49 8.59
N LYS B 197 19.08 -13.06 7.51
CA LYS B 197 19.93 -12.34 6.57
C LYS B 197 19.19 -12.19 5.24
N SER B 198 18.99 -13.28 4.50
CA SER B 198 18.44 -13.21 3.13
C SER B 198 17.13 -12.44 3.09
N LYS B 199 16.16 -12.84 3.92
CA LYS B 199 14.84 -12.23 3.89
CA LYS B 199 14.83 -12.25 3.93
C LYS B 199 14.73 -11.00 4.76
N ASN B 200 15.86 -10.43 5.18
CA ASN B 200 15.85 -9.24 6.01
C ASN B 200 16.73 -8.16 5.35
N ASP B 201 18.01 -8.47 5.23
CA ASP B 201 18.99 -7.66 4.52
C ASP B 201 18.67 -7.55 3.03
N ASN B 202 18.68 -8.68 2.31
CA ASN B 202 18.58 -8.61 0.86
C ASN B 202 17.28 -7.96 0.40
N LYS B 203 16.19 -8.19 1.13
CA LYS B 203 14.87 -7.67 0.76
C LYS B 203 14.55 -6.34 1.47
N TYR B 204 14.40 -6.35 2.80
CA TYR B 204 13.98 -5.11 3.46
C TYR B 204 15.06 -4.05 3.44
N GLY B 205 16.33 -4.46 3.42
CA GLY B 205 17.40 -3.48 3.30
C GLY B 205 17.32 -2.70 2.00
N CYS B 206 17.12 -3.39 0.87
CA CYS B 206 16.98 -2.66 -0.38
C CYS B 206 15.69 -1.85 -0.40
N ARG B 207 14.63 -2.35 0.23
CA ARG B 207 13.41 -1.54 0.35
C ARG B 207 13.71 -0.19 0.98
N HIS B 208 14.46 -0.18 2.08
CA HIS B 208 14.82 1.07 2.77
C HIS B 208 15.76 1.93 1.93
N SER B 209 16.78 1.31 1.31
CA SER B 209 17.93 2.09 0.86
C SER B 209 17.96 2.38 -0.64
N LEU B 210 17.15 1.71 -1.47
CA LEU B 210 17.16 2.02 -2.89
C LEU B 210 16.57 3.40 -3.17
N ASN B 211 15.31 3.65 -2.74
CA ASN B 211 14.75 4.97 -2.99
CA ASN B 211 14.73 4.97 -2.95
C ASN B 211 15.54 6.04 -2.24
N ASP B 212 16.16 5.68 -1.10
CA ASP B 212 17.05 6.59 -0.39
C ASP B 212 18.20 7.07 -1.29
N ALA B 213 18.90 6.14 -1.93
CA ALA B 213 20.03 6.53 -2.79
C ALA B 213 19.55 7.34 -3.99
N ILE B 214 18.42 6.95 -4.58
CA ILE B 214 17.93 7.65 -5.77
C ILE B 214 17.56 9.10 -5.43
N LYS B 215 16.92 9.33 -4.29
CA LYS B 215 16.64 10.69 -3.84
C LYS B 215 17.92 11.47 -3.60
N ARG B 216 18.87 10.90 -2.83
CA ARG B 216 20.12 11.62 -2.59
C ARG B 216 20.84 11.94 -3.90
N GLY B 217 20.90 11.00 -4.82
CA GLY B 217 21.63 11.22 -6.07
C GLY B 217 20.96 12.17 -7.06
N THR B 218 19.65 12.15 -7.15
CA THR B 218 18.95 12.95 -8.15
C THR B 218 17.91 13.91 -7.59
N ASP B 219 17.37 13.65 -6.41
CA ASP B 219 16.24 14.41 -5.88
C ASP B 219 15.05 14.40 -6.84
N HIS B 220 14.93 13.38 -7.68
CA HIS B 220 13.77 13.26 -8.57
C HIS B 220 12.53 12.80 -7.82
N LEU B 221 11.39 13.42 -8.14
CA LEU B 221 10.12 12.81 -7.78
C LEU B 221 10.04 11.43 -8.42
N LEU B 222 9.63 10.42 -7.64
CA LEU B 222 9.39 9.06 -8.14
C LEU B 222 7.92 8.78 -8.40
N SER B 223 7.03 9.38 -7.59
CA SER B 223 5.61 9.15 -7.73
C SER B 223 5.14 9.48 -9.14
N GLY B 224 4.37 8.57 -9.72
CA GLY B 224 3.82 8.78 -11.03
C GLY B 224 4.72 8.41 -12.18
N LYS B 225 6.00 8.11 -11.93
CA LYS B 225 6.92 7.80 -13.02
CA LYS B 225 6.95 7.80 -13.00
C LYS B 225 7.07 6.29 -13.19
N GLN B 226 7.71 5.89 -14.30
CA GLN B 226 7.77 4.50 -14.73
CA GLN B 226 7.77 4.50 -14.72
C GLN B 226 9.13 3.89 -14.42
N ALA B 227 9.12 2.74 -13.76
CA ALA B 227 10.33 2.03 -13.40
C ALA B 227 10.31 0.64 -14.03
N LEU B 228 11.51 0.16 -14.38
CA LEU B 228 11.71 -1.22 -14.78
C LEU B 228 12.75 -1.81 -13.88
N VAL B 229 12.36 -2.83 -13.11
CA VAL B 229 13.28 -3.55 -12.24
C VAL B 229 13.66 -4.86 -12.93
N ILE B 230 14.96 -5.08 -13.13
CA ILE B 230 15.44 -6.32 -13.70
C ILE B 230 15.75 -7.26 -12.55
N GLY B 231 14.97 -8.32 -12.43
CA GLY B 231 15.18 -9.32 -11.39
C GLY B 231 14.11 -9.20 -10.31
N TYR B 232 13.74 -10.35 -9.74
CA TYR B 232 12.73 -10.35 -8.66
C TYR B 232 13.04 -11.48 -7.66
N GLY B 233 14.33 -11.65 -7.33
CA GLY B 233 14.73 -12.44 -6.17
C GLY B 233 14.58 -11.55 -4.95
N ASP B 234 15.42 -11.76 -3.94
CA ASP B 234 15.23 -11.01 -2.70
C ASP B 234 15.49 -9.52 -2.90
N VAL B 235 16.57 -9.18 -3.60
CA VAL B 235 16.91 -7.78 -3.85
C VAL B 235 15.88 -7.14 -4.79
N GLY B 236 15.50 -7.87 -5.85
CA GLY B 236 14.47 -7.35 -6.75
C GLY B 236 13.12 -7.13 -6.10
N LYS B 237 12.71 -8.04 -5.20
CA LYS B 237 11.47 -7.84 -4.45
C LYS B 237 11.55 -6.57 -3.58
N GLY B 238 12.65 -6.42 -2.82
CA GLY B 238 12.81 -5.26 -1.96
C GLY B 238 12.91 -3.95 -2.74
N SER B 239 13.62 -3.98 -3.86
CA SER B 239 13.77 -2.82 -4.73
C SER B 239 12.46 -2.42 -5.37
N SER B 240 11.69 -3.39 -5.88
CA SER B 240 10.40 -3.09 -6.46
C SER B 240 9.47 -2.44 -5.44
N GLN B 241 9.49 -2.94 -4.20
CA GLN B 241 8.67 -2.36 -3.15
C GLN B 241 9.17 -0.95 -2.79
N SER B 242 10.51 -0.78 -2.75
CA SER B 242 11.08 0.55 -2.50
C SER B 242 10.50 1.58 -3.47
N LEU B 243 10.35 1.20 -4.74
CA LEU B 243 9.80 2.11 -5.73
C LEU B 243 8.27 2.17 -5.70
N ARG B 244 7.60 1.02 -5.52
CA ARG B 244 6.15 1.01 -5.60
C ARG B 244 5.55 1.82 -4.45
N GLN B 245 6.17 1.77 -3.28
CA GLN B 245 5.63 2.49 -2.13
C GLN B 245 5.79 4.00 -2.28
N GLU B 246 6.69 4.46 -3.15
CA GLU B 246 6.80 5.87 -3.50
C GLU B 246 5.79 6.29 -4.56
N GLY B 247 5.01 5.37 -5.11
CA GLY B 247 4.07 5.71 -6.16
C GLY B 247 4.58 5.53 -7.58
N MET B 248 5.73 4.90 -7.75
CA MET B 248 6.14 4.54 -9.11
C MET B 248 5.23 3.46 -9.69
N ILE B 249 5.14 3.47 -11.01
CA ILE B 249 4.52 2.40 -11.76
C ILE B 249 5.67 1.48 -12.13
N VAL B 250 5.73 0.33 -11.47
CA VAL B 250 6.88 -0.54 -11.58
C VAL B 250 6.53 -1.72 -12.47
N LYS B 251 7.43 -2.02 -13.41
CA LYS B 251 7.40 -3.25 -14.18
C LYS B 251 8.62 -4.07 -13.82
N VAL B 252 8.51 -5.40 -13.96
CA VAL B 252 9.48 -6.34 -13.44
C VAL B 252 9.87 -7.30 -14.55
N ALA B 253 11.17 -7.55 -14.71
CA ALA B 253 11.64 -8.54 -15.67
C ALA B 253 12.25 -9.69 -14.88
N GLU B 254 12.04 -10.89 -15.38
CA GLU B 254 12.58 -12.07 -14.73
C GLU B 254 12.85 -13.14 -15.77
N VAL B 255 13.84 -13.99 -15.45
CA VAL B 255 14.06 -15.23 -16.18
C VAL B 255 13.49 -16.43 -15.42
N ASP B 256 13.15 -16.26 -14.14
CA ASP B 256 12.65 -17.36 -13.34
C ASP B 256 11.13 -17.24 -13.28
N PRO B 257 10.39 -18.20 -13.85
CA PRO B 257 8.93 -18.08 -13.87
C PRO B 257 8.29 -18.08 -12.48
N ILE B 258 8.90 -18.74 -11.49
CA ILE B 258 8.34 -18.68 -10.15
C ILE B 258 8.46 -17.26 -9.58
N CYS B 259 9.64 -16.66 -9.69
CA CYS B 259 9.78 -15.28 -9.23
C CYS B 259 8.87 -14.34 -10.02
N ALA B 260 8.73 -14.56 -11.33
CA ALA B 260 7.82 -13.77 -12.14
C ALA B 260 6.39 -13.91 -11.65
N MET B 261 6.00 -15.12 -11.25
N MET B 261 6.00 -15.12 -11.24
CA MET B 261 4.65 -15.32 -10.75
CA MET B 261 4.66 -15.34 -10.73
C MET B 261 4.42 -14.52 -9.47
C MET B 261 4.42 -14.52 -9.47
N GLN B 262 5.44 -14.46 -8.61
CA GLN B 262 5.30 -13.68 -7.40
C GLN B 262 5.14 -12.20 -7.73
N ALA B 263 5.88 -11.71 -8.73
CA ALA B 263 5.75 -10.31 -9.13
C ALA B 263 4.33 -10.02 -9.57
N CYS B 264 3.74 -10.90 -10.39
CA CYS B 264 2.35 -10.70 -10.85
C CYS B 264 1.41 -10.63 -9.66
N MET B 265 1.50 -11.63 -8.77
CA MET B 265 0.62 -11.68 -7.60
C MET B 265 0.84 -10.50 -6.69
N ASP B 266 2.06 -9.93 -6.69
CA ASP B 266 2.36 -8.76 -5.90
C ASP B 266 1.87 -7.48 -6.57
N GLY B 267 1.24 -7.57 -7.73
CA GLY B 267 0.64 -6.40 -8.33
C GLY B 267 1.51 -5.70 -9.34
N PHE B 268 2.51 -6.38 -9.91
CA PHE B 268 3.38 -5.79 -10.91
C PHE B 268 3.12 -6.44 -12.27
N GLU B 269 3.26 -5.64 -13.30
CA GLU B 269 3.26 -6.12 -14.67
C GLU B 269 4.65 -6.68 -15.01
N VAL B 270 4.69 -7.94 -15.51
CA VAL B 270 5.94 -8.63 -15.84
C VAL B 270 6.17 -8.51 -17.34
N VAL B 271 7.30 -7.90 -17.71
CA VAL B 271 7.67 -7.57 -19.07
C VAL B 271 9.11 -7.99 -19.31
N SER B 272 9.46 -8.10 -20.59
CA SER B 272 10.84 -8.35 -20.99
C SER B 272 11.36 -7.17 -21.81
N PRO B 273 12.63 -6.82 -21.68
CA PRO B 273 13.23 -5.82 -22.59
C PRO B 273 13.22 -6.26 -24.04
N TYR B 274 12.99 -7.54 -24.30
CA TYR B 274 13.13 -8.14 -25.62
C TYR B 274 11.81 -8.69 -26.10
N LYS B 275 11.56 -8.54 -27.39
CA LYS B 275 10.38 -9.15 -28.01
C LYS B 275 10.41 -10.65 -27.80
N ASN B 276 9.29 -11.19 -27.31
CA ASN B 276 9.11 -12.60 -26.98
C ASN B 276 10.09 -13.06 -25.93
N GLY B 277 10.74 -12.12 -25.24
CA GLY B 277 11.77 -12.47 -24.27
C GLY B 277 13.05 -13.04 -24.84
N ILE B 278 13.27 -12.97 -26.15
CA ILE B 278 14.43 -13.58 -26.79
C ILE B 278 15.49 -12.50 -26.99
N ASN B 279 16.61 -12.65 -26.28
CA ASN B 279 17.70 -11.69 -26.25
C ASN B 279 18.72 -12.14 -27.29
N ASP B 280 18.46 -11.79 -28.55
CA ASP B 280 19.33 -12.26 -29.64
C ASP B 280 20.49 -11.30 -29.95
N GLY B 281 20.65 -10.22 -29.20
CA GLY B 281 21.75 -9.31 -29.40
C GLY B 281 21.51 -8.18 -30.38
N THR B 282 20.35 -8.12 -31.01
CA THR B 282 20.10 -7.12 -32.04
C THR B 282 19.26 -5.97 -31.49
N GLU B 283 19.32 -4.83 -32.17
CA GLU B 283 18.43 -3.73 -31.82
C GLU B 283 16.97 -4.07 -32.08
N ALA B 284 16.70 -4.89 -33.11
CA ALA B 284 15.33 -5.23 -33.44
C ALA B 284 14.68 -6.07 -32.35
N SER B 285 15.48 -6.78 -31.56
CA SER B 285 14.96 -7.52 -30.42
C SER B 285 14.38 -6.60 -29.34
N ILE B 286 14.81 -5.34 -29.27
CA ILE B 286 14.42 -4.48 -28.15
C ILE B 286 12.97 -4.01 -28.32
N ASP B 287 12.19 -4.18 -27.26
CA ASP B 287 10.89 -3.50 -27.19
C ASP B 287 11.16 -2.01 -26.96
N ALA B 288 11.25 -1.26 -28.06
CA ALA B 288 11.61 0.14 -27.97
C ALA B 288 10.47 0.97 -27.39
N ALA B 289 9.22 0.61 -27.69
CA ALA B 289 8.08 1.32 -27.10
C ALA B 289 8.11 1.23 -25.58
N LEU B 290 8.39 0.04 -25.05
CA LEU B 290 8.54 -0.10 -23.61
C LEU B 290 9.74 0.70 -23.08
N LEU B 291 10.93 0.50 -23.69
CA LEU B 291 12.12 1.17 -23.16
C LEU B 291 11.99 2.68 -23.28
N GLY B 292 11.31 3.15 -24.31
CA GLY B 292 11.09 4.58 -24.51
C GLY B 292 10.17 5.23 -23.48
N LYS B 293 9.48 4.43 -22.68
CA LYS B 293 8.60 4.94 -21.63
C LYS B 293 9.22 4.89 -20.24
N ILE B 294 10.38 4.27 -20.07
CA ILE B 294 10.91 4.00 -18.74
C ILE B 294 11.72 5.21 -18.23
N ASP B 295 11.42 5.64 -17.00
CA ASP B 295 12.13 6.75 -16.35
C ASP B 295 13.27 6.29 -15.47
N LEU B 296 13.26 5.03 -15.04
CA LEU B 296 14.22 4.52 -14.06
C LEU B 296 14.37 3.04 -14.35
N ILE B 297 15.62 2.56 -14.51
CA ILE B 297 15.87 1.13 -14.56
C ILE B 297 16.83 0.75 -13.44
N VAL B 298 16.51 -0.34 -12.74
CA VAL B 298 17.30 -0.85 -11.61
C VAL B 298 17.60 -2.32 -11.87
N THR B 299 18.87 -2.69 -11.81
CA THR B 299 19.29 -4.09 -12.01
C THR B 299 19.54 -4.72 -10.65
N THR B 300 19.07 -5.97 -10.48
CA THR B 300 19.09 -6.59 -9.16
C THR B 300 19.53 -8.07 -9.20
N THR B 301 20.22 -8.50 -10.24
CA THR B 301 20.23 -9.93 -10.58
C THR B 301 21.42 -10.72 -10.05
N GLY B 302 22.58 -10.08 -9.90
CA GLY B 302 23.81 -10.83 -9.73
C GLY B 302 24.28 -11.53 -10.99
N ASN B 303 23.71 -11.18 -12.15
CA ASN B 303 24.04 -11.72 -13.47
C ASN B 303 24.80 -10.66 -14.26
N VAL B 304 25.13 -10.98 -15.51
CA VAL B 304 25.96 -10.12 -16.33
C VAL B 304 25.13 -9.52 -17.46
N ASN B 305 25.28 -8.21 -17.68
CA ASN B 305 24.76 -7.50 -18.86
C ASN B 305 23.25 -7.67 -18.99
N VAL B 306 22.52 -7.45 -17.89
CA VAL B 306 21.06 -7.50 -17.93
C VAL B 306 20.46 -6.13 -18.25
N CYS B 307 21.26 -5.07 -18.28
CA CYS B 307 20.92 -3.77 -18.87
C CYS B 307 22.00 -3.51 -19.92
N ASP B 308 21.74 -3.93 -21.16
CA ASP B 308 22.80 -4.02 -22.15
C ASP B 308 22.82 -2.76 -23.01
N ALA B 309 23.71 -2.74 -24.00
CA ALA B 309 23.92 -1.53 -24.81
C ALA B 309 22.68 -1.17 -25.62
N ASN B 310 21.99 -2.16 -26.18
CA ASN B 310 20.79 -1.84 -26.94
C ASN B 310 19.67 -1.35 -26.03
N MET B 311 19.55 -1.88 -24.81
CA MET B 311 18.62 -1.28 -23.86
C MET B 311 18.99 0.16 -23.55
N LEU B 312 20.28 0.43 -23.35
CA LEU B 312 20.70 1.80 -23.04
C LEU B 312 20.44 2.74 -24.20
N LYS B 313 20.57 2.26 -25.44
CA LYS B 313 20.30 3.09 -26.59
C LYS B 313 18.82 3.42 -26.71
N ALA B 314 17.95 2.51 -26.26
CA ALA B 314 16.52 2.65 -26.45
C ALA B 314 15.83 3.40 -25.31
N LEU B 315 16.51 3.59 -24.18
CA LEU B 315 15.88 4.21 -23.01
C LEU B 315 15.39 5.60 -23.32
N LYS B 316 14.29 5.98 -22.65
CA LYS B 316 13.78 7.33 -22.67
C LYS B 316 14.86 8.34 -22.30
N LYS B 317 14.83 9.51 -22.97
CA LYS B 317 15.77 10.58 -22.63
C LYS B 317 15.65 10.94 -21.15
N ARG B 318 16.80 11.16 -20.50
CA ARG B 318 16.96 11.57 -19.10
C ARG B 318 16.49 10.51 -18.11
N ALA B 319 16.33 9.26 -18.54
CA ALA B 319 16.13 8.17 -17.61
C ALA B 319 17.33 8.02 -16.66
N VAL B 320 17.04 7.55 -15.44
CA VAL B 320 18.03 7.19 -14.43
C VAL B 320 18.32 5.70 -14.55
N VAL B 321 19.62 5.34 -14.50
CA VAL B 321 20.10 3.96 -14.62
C VAL B 321 20.93 3.65 -13.38
N CYS B 322 20.65 2.52 -12.72
CA CYS B 322 21.46 2.16 -11.57
C CYS B 322 21.38 0.66 -11.34
N ASN B 323 22.29 0.19 -10.48
CA ASN B 323 22.50 -1.21 -10.17
C ASN B 323 22.60 -1.36 -8.65
N ILE B 324 21.90 -2.33 -8.11
CA ILE B 324 21.99 -2.64 -6.69
C ILE B 324 22.40 -4.11 -6.46
N GLY B 325 22.79 -4.82 -7.52
CA GLY B 325 23.46 -6.09 -7.37
C GLY B 325 24.92 -5.88 -7.02
N HIS B 326 25.61 -6.97 -6.67
CA HIS B 326 26.93 -6.84 -6.05
C HIS B 326 27.95 -6.19 -6.97
N PHE B 327 27.94 -6.52 -8.27
CA PHE B 327 29.02 -6.15 -9.18
C PHE B 327 28.49 -5.25 -10.29
N ASP B 328 29.36 -4.39 -10.82
CA ASP B 328 28.96 -3.36 -11.77
C ASP B 328 28.90 -3.84 -13.21
N ASN B 329 28.91 -5.14 -13.48
CA ASN B 329 28.76 -5.62 -14.86
C ASN B 329 27.33 -5.98 -15.21
N GLU B 330 26.37 -5.74 -14.30
CA GLU B 330 24.95 -5.87 -14.67
C GLU B 330 24.55 -4.87 -15.73
N ILE B 331 25.15 -3.69 -15.72
CA ILE B 331 24.93 -2.64 -16.72
C ILE B 331 26.18 -2.61 -17.60
N ASP B 332 25.98 -2.44 -18.91
CA ASP B 332 27.10 -2.36 -19.84
C ASP B 332 27.67 -0.95 -19.78
N THR B 333 28.35 -0.66 -18.67
CA THR B 333 29.01 0.62 -18.53
C THR B 333 30.24 0.71 -19.43
N ALA B 334 30.84 -0.43 -19.77
CA ALA B 334 31.97 -0.41 -20.71
C ALA B 334 31.54 0.18 -22.04
N PHE B 335 30.35 -0.19 -22.52
CA PHE B 335 29.82 0.37 -23.76
C PHE B 335 29.71 1.89 -23.66
N MET B 336 29.17 2.38 -22.55
CA MET B 336 28.96 3.82 -22.42
C MET B 336 30.27 4.59 -22.29
N ARG B 337 31.26 4.02 -21.60
CA ARG B 337 32.56 4.69 -21.52
C ARG B 337 33.18 4.81 -22.90
N LYS B 338 32.98 3.82 -23.75
CA LYS B 338 33.61 3.81 -25.05
C LYS B 338 32.94 4.76 -26.02
N ASN B 339 31.62 4.98 -25.90
CA ASN B 339 30.86 5.62 -26.97
C ASN B 339 30.26 6.96 -26.60
N TRP B 340 30.06 7.24 -25.31
CA TRP B 340 29.30 8.40 -24.86
C TRP B 340 30.13 9.23 -23.88
N ALA B 341 29.85 10.54 -23.85
CA ALA B 341 30.59 11.49 -23.03
C ALA B 341 29.97 11.60 -21.63
N TRP B 342 30.81 11.52 -20.60
CA TRP B 342 30.33 11.55 -19.22
C TRP B 342 30.54 12.94 -18.63
N GLU B 343 29.46 13.52 -18.12
CA GLU B 343 29.47 14.81 -17.44
C GLU B 343 29.16 14.57 -15.96
N GLU B 344 30.13 14.87 -15.10
CA GLU B 344 29.89 14.67 -13.69
C GLU B 344 28.95 15.74 -13.17
N VAL B 345 27.86 15.32 -12.56
CA VAL B 345 27.00 16.28 -11.88
C VAL B 345 27.57 16.60 -10.51
N LYS B 346 27.85 15.55 -9.76
CA LYS B 346 28.47 15.59 -8.45
C LYS B 346 28.98 14.18 -8.19
N PRO B 347 29.70 13.94 -7.09
CA PRO B 347 30.27 12.60 -6.89
C PRO B 347 29.23 11.49 -7.00
N GLN B 348 29.57 10.45 -7.76
CA GLN B 348 28.72 9.29 -8.02
C GLN B 348 27.42 9.65 -8.72
N VAL B 349 27.40 10.74 -9.50
CA VAL B 349 26.24 11.05 -10.34
C VAL B 349 26.80 11.58 -11.66
N HIS B 350 26.58 10.85 -12.76
CA HIS B 350 27.06 11.28 -14.06
C HIS B 350 25.92 11.34 -15.05
N LYS B 351 25.93 12.37 -15.89
CA LYS B 351 25.08 12.41 -17.07
C LYS B 351 25.88 11.79 -18.22
N ILE B 352 25.28 10.85 -18.93
CA ILE B 352 25.91 10.18 -20.06
C ILE B 352 25.23 10.70 -21.31
N HIS B 353 25.97 11.46 -22.12
CA HIS B 353 25.39 12.13 -23.29
C HIS B 353 25.48 11.19 -24.49
N ARG B 354 24.32 10.78 -25.01
CA ARG B 354 24.29 9.81 -26.10
C ARG B 354 24.54 10.44 -27.46
N THR B 355 24.92 11.72 -27.49
CA THR B 355 25.21 12.40 -28.74
C THR B 355 26.61 12.10 -29.29
N GLY B 356 27.50 11.54 -28.49
CA GLY B 356 28.80 11.14 -28.98
C GLY B 356 29.80 11.18 -27.85
N LYS B 357 31.04 10.82 -28.19
CA LYS B 357 32.14 10.81 -27.23
C LYS B 357 32.90 12.12 -27.20
N ASP B 358 32.90 12.85 -28.32
CA ASP B 358 33.70 14.06 -28.51
C ASP B 358 33.04 15.27 -27.83
N GLY B 359 33.10 15.28 -26.50
CA GLY B 359 32.47 16.35 -25.74
C GLY B 359 30.95 16.30 -25.83
N PHE B 360 30.31 17.25 -25.14
CA PHE B 360 28.86 17.31 -25.05
C PHE B 360 28.39 18.77 -25.02
N ASP B 361 27.16 19.00 -25.48
CA ASP B 361 26.49 20.28 -25.31
C ASP B 361 25.96 20.38 -23.87
N ALA B 362 26.37 21.41 -23.14
CA ALA B 362 25.93 21.56 -21.76
C ALA B 362 24.40 21.54 -21.63
N HIS B 363 23.66 21.90 -22.70
CA HIS B 363 22.21 21.91 -22.69
C HIS B 363 21.61 20.79 -23.55
N ASN B 364 22.40 19.77 -23.87
CA ASN B 364 21.87 18.58 -24.54
C ASN B 364 20.75 17.95 -23.73
N ASP B 365 19.67 17.55 -24.40
CA ASP B 365 18.55 16.88 -23.73
C ASP B 365 18.65 15.36 -23.77
N ASP B 366 19.53 14.82 -24.60
CA ASP B 366 19.60 13.37 -24.84
C ASP B 366 20.74 12.81 -23.99
N TYR B 367 20.45 12.56 -22.72
CA TYR B 367 21.42 11.97 -21.81
C TYR B 367 20.72 10.98 -20.89
N LEU B 368 21.50 10.11 -20.27
CA LEU B 368 21.03 9.31 -19.16
C LEU B 368 21.76 9.74 -17.89
N ILE B 369 21.15 9.49 -16.74
CA ILE B 369 21.82 9.71 -15.47
C ILE B 369 22.19 8.35 -14.89
N LEU B 370 23.49 8.10 -14.77
CA LEU B 370 24.02 6.91 -14.13
C LEU B 370 24.41 7.24 -12.68
N LEU B 371 24.03 6.38 -11.75
CA LEU B 371 24.40 6.54 -10.36
C LEU B 371 25.53 5.58 -9.98
N ALA B 372 26.47 6.09 -9.18
CA ALA B 372 27.63 5.31 -8.65
C ALA B 372 28.38 4.55 -9.74
N GLU B 373 28.37 5.07 -10.96
CA GLU B 373 29.05 4.45 -12.11
C GLU B 373 28.65 2.98 -12.26
N GLY B 374 27.40 2.66 -11.97
CA GLY B 374 26.92 1.30 -12.06
C GLY B 374 27.29 0.40 -10.90
N ARG B 375 27.96 0.91 -9.87
CA ARG B 375 28.25 0.14 -8.66
C ARG B 375 27.05 0.15 -7.73
N LEU B 376 27.08 -0.74 -6.73
CA LEU B 376 26.02 -0.87 -5.71
C LEU B 376 25.43 0.49 -5.32
N VAL B 377 24.22 0.81 -5.80
CA VAL B 377 23.72 2.18 -5.70
C VAL B 377 23.37 2.54 -4.26
N ASN B 378 22.84 1.58 -3.47
CA ASN B 378 22.39 1.95 -2.12
C ASN B 378 23.57 2.36 -1.27
N LEU B 379 24.71 1.65 -1.40
CA LEU B 379 25.93 2.02 -0.68
C LEU B 379 26.71 3.14 -1.38
N GLY B 380 26.63 3.23 -2.70
CA GLY B 380 27.35 4.26 -3.43
C GLY B 380 26.80 5.66 -3.28
N ASN B 381 25.47 5.80 -3.35
CA ASN B 381 24.82 7.10 -3.26
C ASN B 381 24.13 7.37 -1.92
N ALA B 382 24.04 6.38 -1.03
CA ALA B 382 23.54 6.67 0.31
C ALA B 382 24.43 5.93 1.30
N THR B 383 23.85 5.21 2.25
CA THR B 383 24.64 4.57 3.30
C THR B 383 24.31 3.10 3.40
N GLY B 384 23.70 2.54 2.37
CA GLY B 384 23.28 1.15 2.42
C GLY B 384 22.18 0.91 3.44
N HIS B 385 22.13 -0.32 3.93
CA HIS B 385 21.08 -0.75 4.82
C HIS B 385 21.22 -0.07 6.18
N PRO B 386 20.10 0.17 6.86
CA PRO B 386 20.15 0.75 8.21
C PRO B 386 20.63 -0.25 9.26
N SER B 387 21.12 0.33 10.36
CA SER B 387 21.70 -0.46 11.45
C SER B 387 20.77 -1.58 11.89
N ARG B 388 19.48 -1.28 12.12
CA ARG B 388 18.58 -2.29 12.68
C ARG B 388 18.38 -3.47 11.73
N ILE B 389 18.57 -3.28 10.43
CA ILE B 389 18.55 -4.42 9.51
C ILE B 389 19.88 -5.18 9.54
N MET B 390 21.00 -4.46 9.41
CA MET B 390 22.34 -5.10 9.42
C MET B 390 22.61 -5.83 10.73
N ASP B 391 21.92 -5.44 11.80
CA ASP B 391 21.96 -6.18 13.05
C ASP B 391 21.75 -7.68 12.84
N GLY B 392 20.77 -8.07 12.01
CA GLY B 392 20.55 -9.49 11.78
C GLY B 392 21.68 -10.14 11.00
N SER B 393 22.11 -9.48 9.92
CA SER B 393 23.19 -10.03 9.10
C SER B 393 24.46 -10.22 9.93
N PHE B 394 24.81 -9.22 10.73
CA PHE B 394 26.09 -9.24 11.40
C PHE B 394 26.03 -10.08 12.68
N ALA B 395 24.87 -10.23 13.30
CA ALA B 395 24.76 -11.24 14.36
C ALA B 395 25.06 -12.64 13.81
N ASN B 396 24.54 -12.96 12.62
CA ASN B 396 24.86 -14.22 11.96
C ASN B 396 26.35 -14.34 11.67
N GLN B 397 26.97 -13.26 11.16
CA GLN B 397 28.40 -13.31 10.87
C GLN B 397 29.20 -13.69 12.12
N VAL B 398 28.91 -13.03 13.24
CA VAL B 398 29.63 -13.34 14.47
C VAL B 398 29.43 -14.80 14.85
N LEU B 399 28.19 -15.29 14.77
CA LEU B 399 27.93 -16.67 15.17
C LEU B 399 28.63 -17.65 14.24
N ALA B 400 28.65 -17.33 12.94
CA ALA B 400 29.32 -18.20 11.97
C ALA B 400 30.82 -18.27 12.24
N GLN B 401 31.44 -17.11 12.56
CA GLN B 401 32.86 -17.07 12.89
C GLN B 401 33.16 -17.95 14.10
N ILE B 402 32.33 -17.88 15.15
CA ILE B 402 32.54 -18.73 16.32
C ILE B 402 32.35 -20.20 15.93
N HIS B 403 31.31 -20.48 15.14
CA HIS B 403 30.99 -21.83 14.71
C HIS B 403 32.18 -22.49 14.02
N LEU B 404 32.82 -21.77 13.11
CA LEU B 404 33.94 -22.38 12.38
C LEU B 404 35.23 -22.34 13.19
N PHE B 405 35.46 -21.24 13.92
CA PHE B 405 36.69 -21.16 14.70
C PHE B 405 36.74 -22.26 15.76
N GLU B 406 35.61 -22.52 16.42
CA GLU B 406 35.56 -23.55 17.47
C GLU B 406 35.74 -24.97 16.93
N GLN B 407 35.58 -25.18 15.62
CA GLN B 407 35.74 -26.52 15.05
CA GLN B 407 35.74 -26.52 15.06
C GLN B 407 37.15 -26.79 14.55
N LYS B 408 37.97 -25.75 14.38
CA LYS B 408 39.40 -25.86 14.08
C LYS B 408 39.71 -26.83 12.93
N TYR B 409 39.13 -26.53 11.76
CA TYR B 409 39.33 -27.37 10.59
C TYR B 409 40.80 -27.48 10.21
N ALA B 410 41.54 -26.36 10.29
CA ALA B 410 42.91 -26.38 9.81
C ALA B 410 43.83 -27.28 10.63
N ASP B 411 43.39 -27.69 11.82
CA ASP B 411 44.18 -28.63 12.62
C ASP B 411 43.89 -30.09 12.30
N LEU B 412 42.91 -30.36 11.43
CA LEU B 412 42.54 -31.75 11.15
C LEU B 412 43.54 -32.42 10.21
N PRO B 413 43.65 -33.74 10.24
CA PRO B 413 44.36 -34.45 9.18
C PRO B 413 43.56 -34.46 7.90
N ALA B 414 44.25 -34.77 6.80
CA ALA B 414 43.70 -34.58 5.46
C ALA B 414 42.43 -35.38 5.26
N ALA B 415 42.40 -36.61 5.77
CA ALA B 415 41.23 -37.48 5.63
C ALA B 415 40.04 -36.94 6.40
N GLU B 416 40.30 -36.32 7.56
CA GLU B 416 39.21 -35.69 8.30
C GLU B 416 38.77 -34.38 7.70
N LYS B 417 39.69 -33.61 7.11
CA LYS B 417 39.28 -32.37 6.46
C LYS B 417 38.33 -32.64 5.32
N ALA B 418 38.63 -33.68 4.54
CA ALA B 418 37.79 -34.06 3.41
C ALA B 418 36.35 -34.29 3.85
N LYS B 419 36.17 -34.92 5.01
CA LYS B 419 34.82 -35.21 5.52
C LYS B 419 34.15 -33.96 6.05
N ARG B 420 34.95 -32.98 6.49
CA ARG B 420 34.42 -31.75 7.08
C ARG B 420 34.26 -30.62 6.07
N LEU B 421 34.79 -30.78 4.85
CA LEU B 421 34.85 -29.70 3.88
C LEU B 421 33.49 -29.46 3.25
N SER B 422 32.92 -28.28 3.45
CA SER B 422 31.55 -28.04 3.03
C SER B 422 31.28 -26.54 2.99
N VAL B 423 30.11 -26.22 2.43
CA VAL B 423 29.50 -24.89 2.51
C VAL B 423 28.12 -25.10 3.13
N GLU B 424 27.95 -24.69 4.37
CA GLU B 424 26.70 -24.91 5.09
C GLU B 424 26.14 -23.60 5.60
N VAL B 425 24.85 -23.64 5.95
CA VAL B 425 24.17 -22.54 6.60
C VAL B 425 24.21 -22.77 8.11
N LEU B 426 23.86 -21.74 8.87
CA LEU B 426 23.71 -21.90 10.30
C LEU B 426 22.42 -22.66 10.61
N PRO B 427 22.43 -23.49 11.66
CA PRO B 427 21.20 -24.19 12.03
C PRO B 427 20.09 -23.20 12.34
N LYS B 428 18.85 -23.63 12.07
CA LYS B 428 17.67 -22.80 12.30
C LYS B 428 17.62 -22.27 13.73
N LYS B 429 18.09 -23.06 14.71
CA LYS B 429 18.03 -22.61 16.10
C LYS B 429 18.77 -21.28 16.29
N LEU B 430 19.91 -21.10 15.63
CA LEU B 430 20.61 -19.81 15.71
C LEU B 430 19.85 -18.71 14.96
N ASP B 431 19.29 -19.05 13.79
CA ASP B 431 18.50 -18.11 13.01
C ASP B 431 17.34 -17.58 13.83
N GLU B 432 16.63 -18.48 14.52
CA GLU B 432 15.56 -18.08 15.43
C GLU B 432 16.07 -17.19 16.57
N GLU B 433 17.21 -17.55 17.17
CA GLU B 433 17.74 -16.75 18.27
C GLU B 433 18.06 -15.32 17.84
N VAL B 434 18.67 -15.16 16.66
CA VAL B 434 18.88 -13.83 16.10
C VAL B 434 17.54 -13.09 15.95
N ALA B 435 16.56 -13.78 15.35
CA ALA B 435 15.27 -13.16 15.05
C ALA B 435 14.57 -12.69 16.32
N LEU B 436 14.68 -13.47 17.40
CA LEU B 436 14.05 -13.09 18.64
C LEU B 436 14.61 -11.78 19.17
N GLU B 437 15.93 -11.60 19.07
CA GLU B 437 16.54 -10.35 19.52
C GLU B 437 16.09 -9.19 18.65
N MET B 438 15.94 -9.42 17.34
CA MET B 438 15.43 -8.37 16.46
C MET B 438 14.02 -7.96 16.83
N VAL B 439 13.15 -8.95 17.13
CA VAL B 439 11.75 -8.67 17.45
C VAL B 439 11.66 -7.88 18.75
N LYS B 440 12.46 -8.25 19.76
CA LYS B 440 12.44 -7.51 21.01
C LYS B 440 12.88 -6.07 20.81
N GLY B 441 13.78 -5.82 19.85
CA GLY B 441 14.19 -4.46 19.58
C GLY B 441 13.08 -3.63 18.99
N PHE B 442 12.09 -4.27 18.37
CA PHE B 442 10.88 -3.56 17.96
C PHE B 442 9.87 -3.43 19.09
N GLY B 443 10.15 -3.99 20.27
CA GLY B 443 9.13 -4.09 21.29
C GLY B 443 8.11 -5.19 21.07
N GLY B 444 8.35 -6.09 20.10
CA GLY B 444 7.42 -7.16 19.85
C GLY B 444 7.46 -8.19 20.97
N VAL B 445 6.33 -8.86 21.18
CA VAL B 445 6.19 -9.87 22.24
C VAL B 445 5.82 -11.18 21.54
N VAL B 446 6.77 -12.14 21.54
CA VAL B 446 6.51 -13.47 20.98
C VAL B 446 5.74 -14.29 22.00
N THR B 447 4.75 -15.05 21.53
CA THR B 447 3.93 -15.89 22.38
C THR B 447 4.66 -17.22 22.60
N GLN B 448 4.50 -17.76 23.79
CA GLN B 448 5.07 -19.06 24.16
C GLN B 448 4.01 -20.15 24.01
N LEU B 449 4.35 -21.21 23.28
CA LEU B 449 3.46 -22.36 23.15
C LEU B 449 3.20 -23.02 24.50
N THR B 450 1.98 -23.51 24.70
CA THR B 450 1.75 -24.43 25.80
C THR B 450 2.35 -25.79 25.46
N PRO B 451 2.63 -26.63 26.48
CA PRO B 451 3.02 -28.02 26.18
C PRO B 451 2.06 -28.74 25.25
N LYS B 452 0.75 -28.63 25.50
CA LYS B 452 -0.23 -29.28 24.63
C LYS B 452 -0.12 -28.77 23.19
N GLN B 453 0.16 -27.48 23.03
CA GLN B 453 0.23 -26.89 21.69
C GLN B 453 1.50 -27.33 20.98
N ALA B 454 2.62 -27.33 21.69
CA ALA B 454 3.88 -27.80 21.11
C ALA B 454 3.75 -29.24 20.63
N GLU B 455 3.18 -30.10 21.47
CA GLU B 455 2.96 -31.48 21.07
C GLU B 455 2.01 -31.57 19.87
N TYR B 456 1.01 -30.69 19.83
CA TYR B 456 0.02 -30.74 18.75
C TYR B 456 0.65 -30.47 17.39
N ILE B 457 1.63 -29.56 17.31
CA ILE B 457 2.26 -29.28 16.02
C ILE B 457 3.63 -29.96 15.88
N GLY B 458 4.04 -30.71 16.90
CA GLY B 458 5.25 -31.52 16.82
C GLY B 458 6.54 -30.73 16.93
N VAL B 459 6.59 -29.71 17.78
CA VAL B 459 7.81 -28.96 18.02
C VAL B 459 8.05 -28.88 19.52
N SER B 460 9.29 -28.51 19.87
CA SER B 460 9.63 -28.14 21.22
C SER B 460 9.17 -26.71 21.51
N VAL B 461 8.81 -26.46 22.78
CA VAL B 461 8.45 -25.10 23.18
C VAL B 461 9.59 -24.13 22.88
N GLU B 462 10.83 -24.61 22.96
CA GLU B 462 12.03 -23.83 22.67
C GLU B 462 12.36 -23.76 21.18
N GLY B 463 11.57 -24.38 20.30
CA GLY B 463 11.91 -24.42 18.90
C GLY B 463 13.00 -25.44 18.61
N PRO B 464 13.43 -25.57 17.36
CA PRO B 464 13.01 -24.79 16.17
C PRO B 464 11.55 -25.05 15.84
N PHE B 465 10.86 -24.04 15.31
CA PHE B 465 9.42 -24.09 15.11
C PHE B 465 9.02 -24.56 13.73
N LYS B 466 9.97 -24.73 12.81
CA LYS B 466 9.72 -25.10 11.42
C LYS B 466 10.72 -26.16 10.98
N PRO B 467 10.32 -27.07 10.09
CA PRO B 467 11.29 -27.97 9.45
C PRO B 467 12.22 -27.17 8.55
N ASP B 468 13.40 -27.77 8.30
CA ASP B 468 14.41 -27.11 7.48
C ASP B 468 13.94 -26.82 6.05
N THR B 469 12.94 -27.55 5.57
CA THR B 469 12.33 -27.32 4.26
C THR B 469 11.55 -26.01 4.17
N TYR B 470 11.24 -25.36 5.30
CA TYR B 470 10.29 -24.24 5.30
C TYR B 470 10.89 -22.99 4.66
N ARG B 471 10.07 -22.27 3.88
CA ARG B 471 10.55 -21.15 3.08
C ARG B 471 10.20 -19.79 3.66
N TYR B 472 9.31 -19.71 4.65
CA TYR B 472 8.88 -18.40 5.17
C TYR B 472 8.38 -17.49 4.05
N PRO C 10 -30.18 -36.02 -14.35
CA PRO C 10 -29.33 -37.19 -14.56
C PRO C 10 -30.12 -38.41 -15.06
N ALA C 11 -29.44 -39.35 -15.71
CA ALA C 11 -30.11 -40.56 -16.19
C ALA C 11 -30.31 -41.54 -15.04
N GLY C 12 -30.35 -42.85 -15.32
CA GLY C 12 -30.29 -43.87 -14.27
C GLY C 12 -29.11 -43.71 -13.31
N PHE C 13 -28.18 -42.81 -13.58
CA PHE C 13 -27.10 -42.47 -12.66
C PHE C 13 -27.64 -41.88 -11.36
N THR C 14 -27.48 -42.60 -10.25
CA THR C 14 -27.89 -42.13 -8.92
C THR C 14 -26.75 -42.15 -7.92
N ASP C 15 -25.53 -42.40 -8.37
CA ASP C 15 -24.40 -42.63 -7.47
C ASP C 15 -23.79 -41.28 -7.04
N TYR C 16 -24.60 -40.48 -6.33
CA TYR C 16 -24.17 -39.16 -5.86
C TYR C 16 -25.13 -38.66 -4.80
N LYS C 17 -24.72 -37.61 -4.08
CA LYS C 17 -25.68 -36.89 -3.23
C LYS C 17 -25.26 -35.43 -3.15
N VAL C 18 -26.14 -34.54 -3.64
CA VAL C 18 -25.88 -33.09 -3.66
C VAL C 18 -27.15 -32.39 -3.16
N ALA C 19 -27.00 -31.09 -2.84
CA ALA C 19 -28.16 -30.35 -2.32
C ALA C 19 -29.28 -30.28 -3.34
N ASP C 20 -28.95 -29.99 -4.59
CA ASP C 20 -29.98 -29.70 -5.58
C ASP C 20 -29.38 -29.87 -6.98
N ILE C 21 -29.70 -30.98 -7.63
CA ILE C 21 -29.19 -31.26 -8.96
C ILE C 21 -29.59 -30.20 -9.99
N THR C 22 -30.68 -29.45 -9.76
CA THR C 22 -31.12 -28.46 -10.76
C THR C 22 -30.22 -27.22 -10.80
N LEU C 23 -29.25 -27.09 -9.89
CA LEU C 23 -28.22 -26.06 -9.99
C LEU C 23 -27.13 -26.41 -10.99
N ALA C 24 -27.27 -27.54 -11.70
CA ALA C 24 -26.17 -28.06 -12.52
C ALA C 24 -25.82 -27.12 -13.66
N ALA C 25 -26.81 -26.57 -14.36
CA ALA C 25 -26.54 -25.71 -15.50
C ALA C 25 -25.81 -24.43 -15.07
N TRP C 26 -26.27 -23.80 -13.99
CA TRP C 26 -25.55 -22.67 -13.41
C TRP C 26 -24.11 -23.05 -13.06
N GLY C 27 -23.92 -24.23 -12.43
CA GLY C 27 -22.56 -24.69 -12.17
C GLY C 27 -21.74 -24.86 -13.42
N ARG C 28 -22.35 -25.39 -14.50
CA ARG C 28 -21.65 -25.54 -15.77
C ARG C 28 -21.24 -24.18 -16.33
N ARG C 29 -22.14 -23.20 -16.28
CA ARG C 29 -21.78 -21.84 -16.71
C ARG C 29 -20.55 -21.35 -15.98
N GLU C 30 -20.50 -21.53 -14.67
CA GLU C 30 -19.34 -21.05 -13.91
C GLU C 30 -18.11 -21.89 -14.19
N LEU C 31 -18.27 -23.17 -14.53
CA LEU C 31 -17.09 -23.97 -14.83
C LEU C 31 -16.45 -23.48 -16.12
N ILE C 32 -17.27 -23.10 -17.10
CA ILE C 32 -16.74 -22.65 -18.38
C ILE C 32 -15.98 -21.35 -18.23
N ILE C 33 -16.46 -20.45 -17.36
CA ILE C 33 -15.70 -19.26 -17.01
C ILE C 33 -14.41 -19.64 -16.29
N ALA C 34 -14.49 -20.51 -15.27
CA ALA C 34 -13.28 -20.81 -14.50
C ALA C 34 -12.21 -21.44 -15.38
N GLU C 35 -12.60 -22.25 -16.38
CA GLU C 35 -11.61 -22.80 -17.29
C GLU C 35 -10.76 -21.71 -17.92
N SER C 36 -11.37 -20.58 -18.30
CA SER C 36 -10.62 -19.48 -18.91
C SER C 36 -9.69 -18.79 -17.91
N GLU C 37 -9.88 -19.02 -16.62
CA GLU C 37 -9.05 -18.46 -15.57
C GLU C 37 -7.99 -19.43 -15.08
N MET C 38 -7.85 -20.62 -15.67
CA MET C 38 -6.96 -21.65 -15.14
C MET C 38 -6.12 -22.22 -16.27
N PRO C 39 -5.20 -21.41 -16.83
CA PRO C 39 -4.46 -21.86 -18.02
C PRO C 39 -3.48 -22.99 -17.75
N ALA C 40 -2.95 -23.06 -16.53
CA ALA C 40 -2.03 -24.16 -16.24
C ALA C 40 -2.79 -25.48 -16.23
N LEU C 41 -3.94 -25.51 -15.57
CA LEU C 41 -4.72 -26.73 -15.53
C LEU C 41 -5.25 -27.09 -16.93
N MET C 42 -5.81 -26.10 -17.64
N MET C 42 -5.81 -26.11 -17.65
CA MET C 42 -6.25 -26.31 -19.02
CA MET C 42 -6.27 -26.41 -19.00
C MET C 42 -5.10 -26.78 -19.90
C MET C 42 -5.11 -26.74 -19.94
N GLY C 43 -3.90 -26.25 -19.67
CA GLY C 43 -2.77 -26.66 -20.48
C GLY C 43 -2.44 -28.14 -20.30
N LEU C 44 -2.56 -28.65 -19.08
CA LEU C 44 -2.34 -30.08 -18.83
C LEU C 44 -3.43 -30.92 -19.49
N ARG C 45 -4.66 -30.42 -19.45
CA ARG C 45 -5.75 -31.06 -20.17
C ARG C 45 -5.40 -31.22 -21.63
N ARG C 46 -4.93 -30.15 -22.26
CA ARG C 46 -4.66 -30.23 -23.69
C ARG C 46 -3.42 -31.06 -23.99
N LYS C 47 -2.40 -30.98 -23.13
CA LYS C 47 -1.16 -31.70 -23.38
C LYS C 47 -1.35 -33.22 -23.25
N TYR C 48 -2.11 -33.67 -22.25
CA TYR C 48 -2.12 -35.08 -21.89
C TYR C 48 -3.39 -35.81 -22.32
N ALA C 49 -4.38 -35.11 -22.87
CA ALA C 49 -5.64 -35.77 -23.23
C ALA C 49 -5.39 -36.97 -24.13
N GLY C 50 -4.53 -36.80 -25.14
CA GLY C 50 -4.31 -37.87 -26.07
C GLY C 50 -3.60 -39.07 -25.47
N GLN C 51 -2.66 -38.83 -24.55
CA GLN C 51 -1.88 -39.91 -23.97
CA GLN C 51 -1.91 -39.94 -24.01
C GLN C 51 -2.62 -40.65 -22.87
N GLN C 52 -3.68 -40.05 -22.32
CA GLN C 52 -4.47 -40.67 -21.26
C GLN C 52 -3.61 -41.22 -20.13
N PRO C 53 -2.79 -40.39 -19.49
CA PRO C 53 -1.83 -40.92 -18.50
C PRO C 53 -2.50 -41.47 -17.26
N LEU C 54 -3.75 -41.09 -17.02
CA LEU C 54 -4.50 -41.57 -15.86
C LEU C 54 -5.49 -42.65 -16.24
N LYS C 55 -5.35 -43.25 -17.42
CA LYS C 55 -6.20 -44.38 -17.77
C LYS C 55 -5.99 -45.51 -16.77
N GLY C 56 -7.08 -45.97 -16.18
CA GLY C 56 -7.04 -47.00 -15.17
C GLY C 56 -6.89 -46.49 -13.75
N ALA C 57 -6.63 -45.21 -13.56
CA ALA C 57 -6.58 -44.68 -12.20
C ALA C 57 -8.00 -44.56 -11.66
N LYS C 58 -8.15 -44.87 -10.37
CA LYS C 58 -9.42 -44.77 -9.66
C LYS C 58 -9.13 -43.98 -8.40
N ILE C 59 -9.53 -42.69 -8.37
CA ILE C 59 -9.05 -41.72 -7.41
C ILE C 59 -10.13 -41.42 -6.38
N LEU C 60 -9.85 -41.68 -5.11
CA LEU C 60 -10.68 -41.15 -4.03
C LEU C 60 -10.26 -39.71 -3.79
N GLY C 61 -11.20 -38.78 -3.93
CA GLY C 61 -10.84 -37.38 -3.80
C GLY C 61 -11.59 -36.75 -2.65
N CYS C 62 -10.89 -36.03 -1.76
CA CYS C 62 -11.53 -35.38 -0.62
C CYS C 62 -10.98 -33.96 -0.53
N ILE C 63 -11.71 -33.00 -1.08
CA ILE C 63 -11.28 -31.60 -1.04
C ILE C 63 -12.47 -30.71 -1.39
N HIS C 64 -12.58 -29.56 -0.70
CA HIS C 64 -13.63 -28.55 -0.89
C HIS C 64 -14.25 -28.58 -2.29
N MET C 65 -15.55 -28.83 -2.37
CA MET C 65 -16.26 -29.07 -3.65
C MET C 65 -16.75 -27.73 -4.23
N THR C 66 -15.77 -26.93 -4.62
CA THR C 66 -15.93 -25.62 -5.24
C THR C 66 -15.92 -25.76 -6.76
N ILE C 67 -16.20 -24.64 -7.43
CA ILE C 67 -16.04 -24.58 -8.88
C ILE C 67 -14.60 -24.90 -9.29
N GLN C 68 -13.61 -24.40 -8.54
CA GLN C 68 -12.22 -24.68 -8.84
C GLN C 68 -11.94 -26.18 -8.76
N THR C 69 -12.46 -26.84 -7.74
CA THR C 69 -12.31 -28.28 -7.66
C THR C 69 -12.99 -28.99 -8.83
N GLY C 70 -14.14 -28.47 -9.29
CA GLY C 70 -14.75 -29.04 -10.48
C GLY C 70 -13.80 -29.10 -11.66
N VAL C 71 -13.06 -28.02 -11.92
CA VAL C 71 -12.14 -28.00 -13.05
C VAL C 71 -11.04 -29.03 -12.83
N LEU C 72 -10.60 -29.20 -11.59
CA LEU C 72 -9.61 -30.21 -11.27
C LEU C 72 -10.17 -31.61 -11.55
N ILE C 73 -11.35 -31.91 -11.04
CA ILE C 73 -11.97 -33.22 -11.24
C ILE C 73 -12.10 -33.52 -12.74
N GLU C 74 -12.56 -32.55 -13.52
CA GLU C 74 -12.79 -32.84 -14.93
C GLU C 74 -11.49 -32.90 -15.70
N THR C 75 -10.42 -32.31 -15.18
CA THR C 75 -9.10 -32.51 -15.79
C THR C 75 -8.61 -33.94 -15.56
N LEU C 76 -8.73 -34.45 -14.33
CA LEU C 76 -8.34 -35.83 -14.05
C LEU C 76 -9.13 -36.82 -14.90
N VAL C 77 -10.45 -36.62 -14.98
CA VAL C 77 -11.30 -37.47 -15.80
C VAL C 77 -10.91 -37.35 -17.28
N ALA C 78 -10.63 -36.13 -17.73
CA ALA C 78 -10.24 -35.93 -19.13
C ALA C 78 -8.95 -36.67 -19.45
N LEU C 79 -8.12 -36.92 -18.44
CA LEU C 79 -6.85 -37.63 -18.64
C LEU C 79 -6.98 -39.14 -18.45
N GLY C 80 -8.18 -39.63 -18.12
CA GLY C 80 -8.48 -41.06 -18.10
C GLY C 80 -8.94 -41.60 -16.76
N ALA C 81 -8.88 -40.82 -15.69
CA ALA C 81 -9.24 -41.31 -14.37
C ALA C 81 -10.76 -41.45 -14.22
N GLU C 82 -11.16 -42.43 -13.42
CA GLU C 82 -12.42 -42.42 -12.69
C GLU C 82 -12.16 -41.87 -11.30
N VAL C 83 -13.16 -41.18 -10.73
CA VAL C 83 -13.03 -40.58 -9.41
C VAL C 83 -14.31 -40.79 -8.62
N ARG C 84 -14.19 -40.69 -7.30
CA ARG C 84 -15.31 -40.56 -6.38
C ARG C 84 -14.94 -39.49 -5.37
N TRP C 85 -15.82 -38.50 -5.17
CA TRP C 85 -15.41 -37.24 -4.56
C TRP C 85 -16.29 -36.87 -3.37
N SER C 86 -15.66 -36.21 -2.40
CA SER C 86 -16.34 -35.59 -1.27
C SER C 86 -15.62 -34.30 -0.91
N SER C 87 -16.27 -33.44 -0.12
CA SER C 87 -15.61 -32.23 0.36
C SER C 87 -14.87 -32.52 1.66
N CYS C 88 -13.82 -31.74 1.93
CA CYS C 88 -13.08 -31.89 3.19
C CYS C 88 -13.56 -30.89 4.25
N ASN C 89 -14.70 -30.23 4.04
CA ASN C 89 -15.24 -29.33 5.03
C ASN C 89 -16.76 -29.25 4.91
N ILE C 90 -17.45 -29.18 6.05
CA ILE C 90 -18.92 -29.20 6.03
C ILE C 90 -19.52 -27.95 5.39
N PHE C 91 -18.77 -26.86 5.28
CA PHE C 91 -19.30 -25.59 4.79
C PHE C 91 -18.69 -25.12 3.48
N SER C 92 -17.72 -25.84 2.90
CA SER C 92 -16.98 -25.24 1.81
C SER C 92 -17.56 -25.54 0.43
N THR C 93 -18.46 -26.50 0.30
CA THR C 93 -19.05 -26.86 -0.99
C THR C 93 -19.82 -25.68 -1.59
N GLN C 94 -19.66 -25.48 -2.90
CA GLN C 94 -20.55 -24.65 -3.70
C GLN C 94 -21.55 -25.58 -4.36
N ASP C 95 -22.83 -25.45 -3.97
CA ASP C 95 -23.80 -26.46 -4.39
C ASP C 95 -23.96 -26.51 -5.89
N GLN C 96 -23.79 -25.38 -6.60
CA GLN C 96 -23.88 -25.44 -8.06
C GLN C 96 -22.70 -26.18 -8.67
N ALA C 97 -21.55 -26.19 -8.01
CA ALA C 97 -20.41 -26.96 -8.48
C ALA C 97 -20.63 -28.45 -8.28
N ALA C 98 -21.08 -28.84 -7.08
CA ALA C 98 -21.39 -30.26 -6.86
C ALA C 98 -22.43 -30.76 -7.87
N ALA C 99 -23.45 -29.93 -8.14
CA ALA C 99 -24.50 -30.36 -9.05
C ALA C 99 -23.97 -30.58 -10.45
N ALA C 100 -23.12 -29.66 -10.94
CA ALA C 100 -22.56 -29.81 -12.28
C ALA C 100 -21.71 -31.08 -12.39
N ILE C 101 -20.96 -31.41 -11.35
CA ILE C 101 -20.12 -32.60 -11.40
C ILE C 101 -20.99 -33.85 -11.40
N ALA C 102 -22.00 -33.88 -10.53
CA ALA C 102 -22.89 -35.04 -10.50
C ALA C 102 -23.64 -35.19 -11.83
N ALA C 103 -24.11 -34.06 -12.38
CA ALA C 103 -24.81 -34.10 -13.66
C ALA C 103 -23.90 -34.58 -14.81
N ALA C 104 -22.59 -34.51 -14.64
CA ALA C 104 -21.64 -35.05 -15.61
C ALA C 104 -21.43 -36.55 -15.43
N GLY C 105 -22.14 -37.17 -14.51
CA GLY C 105 -21.97 -38.59 -14.27
C GLY C 105 -20.83 -38.95 -13.35
N ILE C 106 -20.37 -38.02 -12.51
CA ILE C 106 -19.21 -38.26 -11.65
C ILE C 106 -19.72 -38.42 -10.22
N PRO C 107 -19.36 -39.50 -9.52
CA PRO C 107 -19.83 -39.67 -8.14
C PRO C 107 -19.27 -38.58 -7.22
N VAL C 108 -20.19 -37.83 -6.60
CA VAL C 108 -19.81 -36.75 -5.70
C VAL C 108 -20.84 -36.70 -4.56
N PHE C 109 -20.36 -36.59 -3.35
CA PHE C 109 -21.21 -36.60 -2.16
C PHE C 109 -20.81 -35.38 -1.33
N ALA C 110 -21.59 -34.28 -1.45
CA ALA C 110 -21.15 -32.98 -0.98
C ALA C 110 -22.25 -31.92 -1.08
N TRP C 111 -22.45 -31.17 0.00
CA TRP C 111 -23.33 -30.01 -0.01
C TRP C 111 -22.88 -29.02 1.07
N LYS C 112 -23.23 -27.76 0.87
CA LYS C 112 -22.92 -26.74 1.86
C LYS C 112 -23.79 -26.92 3.10
N GLY C 113 -23.18 -26.99 4.28
CA GLY C 113 -23.99 -27.12 5.49
C GLY C 113 -24.27 -28.55 5.93
N GLU C 114 -23.30 -29.44 5.71
CA GLU C 114 -23.37 -30.80 6.26
C GLU C 114 -23.28 -30.76 7.77
N THR C 115 -23.89 -31.73 8.43
CA THR C 115 -23.57 -32.05 9.81
C THR C 115 -22.28 -32.88 9.86
N GLU C 116 -21.73 -33.04 11.07
CA GLU C 116 -20.52 -33.86 11.21
C GLU C 116 -20.79 -35.30 10.81
N GLU C 117 -21.96 -35.83 11.20
CA GLU C 117 -22.31 -37.20 10.82
C GLU C 117 -22.37 -37.33 9.30
N GLU C 118 -22.99 -36.35 8.62
CA GLU C 118 -23.09 -36.38 7.17
C GLU C 118 -21.73 -36.23 6.51
N TYR C 119 -20.84 -35.44 7.10
CA TYR C 119 -19.49 -35.30 6.56
C TYR C 119 -18.77 -36.64 6.53
N GLU C 120 -18.85 -37.39 7.63
CA GLU C 120 -18.25 -38.72 7.66
C GLU C 120 -18.92 -39.63 6.65
N TRP C 121 -20.26 -39.56 6.57
CA TRP C 121 -21.01 -40.40 5.65
C TRP C 121 -20.57 -40.16 4.21
N CYS C 122 -20.42 -38.89 3.80
CA CYS C 122 -20.01 -38.58 2.43
C CYS C 122 -18.66 -39.19 2.10
N ILE C 123 -17.69 -39.08 3.02
CA ILE C 123 -16.39 -39.69 2.76
C ILE C 123 -16.53 -41.20 2.58
N GLU C 124 -17.38 -41.83 3.39
CA GLU C 124 -17.61 -43.28 3.29
CA GLU C 124 -17.57 -43.28 3.28
C GLU C 124 -18.25 -43.66 1.97
N GLN C 125 -19.08 -42.76 1.41
CA GLN C 125 -19.72 -43.04 0.14
C GLN C 125 -18.74 -43.02 -1.02
N THR C 126 -17.62 -42.27 -0.88
CA THR C 126 -16.57 -42.39 -1.88
C THR C 126 -15.84 -43.71 -1.73
N ILE C 127 -15.62 -44.15 -0.49
CA ILE C 127 -14.83 -45.34 -0.24
C ILE C 127 -15.59 -46.59 -0.67
N LEU C 128 -16.89 -46.61 -0.41
CA LEU C 128 -17.74 -47.75 -0.71
C LEU C 128 -18.53 -47.51 -1.98
N LYS C 129 -18.62 -48.53 -2.82
CA LYS C 129 -19.56 -48.52 -3.93
C LYS C 129 -20.43 -49.77 -3.82
N ASP C 130 -21.74 -49.57 -3.67
CA ASP C 130 -22.69 -50.67 -3.46
C ASP C 130 -22.31 -51.49 -2.23
N GLY C 131 -21.89 -50.82 -1.17
CA GLY C 131 -21.71 -51.48 0.10
C GLY C 131 -20.40 -52.21 0.27
N GLN C 132 -19.53 -52.19 -0.74
CA GLN C 132 -18.23 -52.82 -0.65
C GLN C 132 -17.17 -51.81 -1.07
N PRO C 133 -15.93 -51.98 -0.60
CA PRO C 133 -14.85 -51.08 -1.00
C PRO C 133 -14.73 -50.98 -2.52
N TRP C 134 -14.68 -49.75 -3.00
CA TRP C 134 -14.31 -49.46 -4.38
C TRP C 134 -12.86 -49.91 -4.62
N ASP C 135 -12.56 -50.32 -5.85
CA ASP C 135 -11.20 -50.71 -6.20
CA ASP C 135 -11.18 -50.70 -6.19
C ASP C 135 -10.36 -49.46 -6.48
N ALA C 136 -10.27 -48.61 -5.47
CA ALA C 136 -9.46 -47.41 -5.52
C ALA C 136 -7.98 -47.76 -5.74
N ASN C 137 -7.26 -46.86 -6.40
CA ASN C 137 -5.82 -47.03 -6.45
C ASN C 137 -5.06 -45.72 -6.35
N MET C 138 -5.75 -44.59 -6.12
CA MET C 138 -5.12 -43.31 -5.88
C MET C 138 -5.94 -42.53 -4.86
N VAL C 139 -5.28 -41.63 -4.12
CA VAL C 139 -5.97 -40.78 -3.16
C VAL C 139 -5.55 -39.32 -3.37
N LEU C 140 -6.54 -38.42 -3.40
CA LEU C 140 -6.28 -36.99 -3.39
C LEU C 140 -6.96 -36.44 -2.14
N ASP C 141 -6.19 -35.78 -1.28
CA ASP C 141 -6.72 -35.41 0.03
C ASP C 141 -6.31 -33.97 0.34
N ASP C 142 -7.06 -33.39 1.25
CA ASP C 142 -6.87 -31.99 1.66
C ASP C 142 -7.16 -31.98 3.15
N GLY C 143 -6.12 -32.15 3.95
CA GLY C 143 -6.24 -32.13 5.39
C GLY C 143 -6.05 -33.48 6.07
N GLY C 144 -6.05 -34.59 5.32
CA GLY C 144 -5.74 -35.89 5.91
C GLY C 144 -6.90 -36.70 6.45
N ASP C 145 -8.15 -36.20 6.36
CA ASP C 145 -9.29 -36.93 6.91
C ASP C 145 -9.54 -38.23 6.15
N LEU C 146 -9.53 -38.18 4.82
CA LEU C 146 -9.72 -39.39 4.02
C LEU C 146 -8.54 -40.35 4.20
N THR C 147 -7.32 -39.80 4.18
CA THR C 147 -6.14 -40.60 4.46
C THR C 147 -6.27 -41.33 5.80
N GLU C 148 -6.79 -40.64 6.81
CA GLU C 148 -6.90 -41.24 8.14
C GLU C 148 -7.97 -42.34 8.16
N ILE C 149 -9.11 -42.09 7.52
CA ILE C 149 -10.17 -43.09 7.49
C ILE C 149 -9.70 -44.36 6.79
N LEU C 150 -8.90 -44.24 5.73
CA LEU C 150 -8.39 -45.44 5.06
C LEU C 150 -7.45 -46.21 5.97
N HIS C 151 -6.48 -45.53 6.57
CA HIS C 151 -5.48 -46.22 7.39
C HIS C 151 -6.12 -46.88 8.62
N LYS C 152 -7.13 -46.24 9.22
CA LYS C 152 -7.75 -46.78 10.43
C LYS C 152 -8.86 -47.80 10.15
N LYS C 153 -9.78 -47.47 9.25
CA LYS C 153 -10.99 -48.28 9.09
C LYS C 153 -10.98 -49.19 7.88
N TYR C 154 -10.18 -48.86 6.85
CA TYR C 154 -10.12 -49.67 5.62
C TYR C 154 -8.68 -49.97 5.23
N PRO C 155 -7.86 -50.48 6.15
CA PRO C 155 -6.44 -50.72 5.80
C PRO C 155 -6.25 -51.64 4.63
N GLN C 156 -7.14 -52.60 4.39
CA GLN C 156 -6.94 -53.50 3.27
CA GLN C 156 -6.96 -53.50 3.26
C GLN C 156 -6.92 -52.74 1.94
N MET C 157 -7.72 -51.67 1.83
CA MET C 157 -7.77 -50.89 0.58
C MET C 157 -6.42 -50.28 0.22
N LEU C 158 -5.59 -49.97 1.21
CA LEU C 158 -4.32 -49.33 0.90
C LEU C 158 -3.35 -50.28 0.20
N GLU C 159 -3.56 -51.60 0.30
CA GLU C 159 -2.75 -52.57 -0.43
C GLU C 159 -2.76 -52.32 -1.94
N ARG C 160 -3.84 -51.72 -2.47
CA ARG C 160 -3.94 -51.49 -3.91
C ARG C 160 -3.70 -50.04 -4.32
N ILE C 161 -3.36 -49.16 -3.38
CA ILE C 161 -3.27 -47.73 -3.66
C ILE C 161 -1.82 -47.33 -3.90
N HIS C 162 -1.58 -46.63 -5.01
CA HIS C 162 -0.22 -46.29 -5.42
C HIS C 162 0.31 -45.03 -4.73
N GLY C 163 -0.56 -44.18 -4.21
CA GLY C 163 -0.08 -42.98 -3.56
C GLY C 163 -1.19 -42.04 -3.15
N ILE C 164 -0.79 -41.04 -2.35
CA ILE C 164 -1.63 -39.95 -1.88
C ILE C 164 -1.01 -38.62 -2.31
N THR C 165 -1.84 -37.72 -2.83
CA THR C 165 -1.41 -36.36 -3.13
C THR C 165 -2.15 -35.41 -2.19
N GLU C 166 -1.42 -34.84 -1.22
CA GLU C 166 -2.02 -34.09 -0.12
C GLU C 166 -1.86 -32.59 -0.34
N GLU C 167 -2.97 -31.86 -0.20
CA GLU C 167 -3.06 -30.45 -0.61
C GLU C 167 -2.43 -29.48 0.39
N THR C 168 -2.56 -29.73 1.69
CA THR C 168 -2.44 -28.60 2.62
C THR C 168 -1.51 -28.92 3.79
N THR C 169 -1.04 -27.84 4.43
CA THR C 169 -0.03 -27.93 5.48
C THR C 169 -0.42 -28.92 6.59
N THR C 170 -1.65 -28.83 7.09
CA THR C 170 -2.11 -29.72 8.15
C THR C 170 -2.07 -31.19 7.71
N GLY C 171 -2.55 -31.47 6.49
CA GLY C 171 -2.49 -32.85 6.00
C GLY C 171 -1.07 -33.38 5.93
N VAL C 172 -0.14 -32.56 5.46
CA VAL C 172 1.25 -32.99 5.34
C VAL C 172 1.86 -33.27 6.71
N HIS C 173 1.55 -32.44 7.69
CA HIS C 173 2.03 -32.70 9.03
C HIS C 173 1.61 -34.09 9.50
N ARG C 174 0.34 -34.44 9.28
CA ARG C 174 -0.16 -35.75 9.69
C ARG C 174 0.56 -36.87 8.93
N LEU C 175 0.82 -36.67 7.63
CA LEU C 175 1.54 -37.68 6.85
C LEU C 175 2.94 -37.91 7.39
N LEU C 176 3.64 -36.82 7.73
CA LEU C 176 5.00 -36.94 8.23
C LEU C 176 5.04 -37.63 9.58
N ASP C 177 4.01 -37.44 10.42
CA ASP C 177 3.97 -38.15 11.69
C ASP C 177 3.78 -39.65 11.46
N MET C 178 2.93 -40.01 10.49
CA MET C 178 2.73 -41.42 10.16
C MET C 178 4.01 -42.04 9.60
N LEU C 179 4.69 -41.31 8.70
CA LEU C 179 5.93 -41.83 8.14
C LEU C 179 6.96 -42.08 9.24
N LYS C 180 7.08 -41.12 10.17
CA LYS C 180 8.00 -41.28 11.29
C LYS C 180 7.64 -42.48 12.15
N ASN C 181 6.34 -42.70 12.38
CA ASN C 181 5.86 -43.81 13.19
C ASN C 181 5.83 -45.14 12.45
N GLY C 182 6.15 -45.14 11.16
CA GLY C 182 6.06 -46.36 10.37
C GLY C 182 4.65 -46.84 10.08
N THR C 183 3.65 -45.97 10.22
CA THR C 183 2.25 -46.32 10.00
C THR C 183 1.68 -45.82 8.69
N LEU C 184 2.43 -45.05 7.90
CA LEU C 184 1.99 -44.67 6.56
C LEU C 184 2.21 -45.84 5.60
N LYS C 185 1.17 -46.17 4.82
CA LYS C 185 1.21 -47.41 4.05
C LYS C 185 1.48 -47.21 2.57
N VAL C 186 1.30 -46.00 2.05
CA VAL C 186 1.53 -45.70 0.64
C VAL C 186 2.36 -44.43 0.56
N PRO C 187 3.16 -44.23 -0.48
CA PRO C 187 3.91 -42.95 -0.58
C PRO C 187 2.98 -41.79 -0.85
N ALA C 188 3.47 -40.58 -0.52
CA ALA C 188 2.71 -39.36 -0.77
C ALA C 188 3.55 -38.30 -1.48
N ILE C 189 2.86 -37.41 -2.20
CA ILE C 189 3.44 -36.17 -2.69
C ILE C 189 2.87 -35.02 -1.87
N ASN C 190 3.76 -34.29 -1.22
CA ASN C 190 3.43 -33.02 -0.58
C ASN C 190 3.20 -31.96 -1.66
N VAL C 191 1.92 -31.79 -2.05
CA VAL C 191 1.57 -30.77 -3.03
C VAL C 191 1.69 -29.36 -2.42
N ASN C 192 1.48 -29.23 -1.12
CA ASN C 192 1.45 -27.91 -0.47
C ASN C 192 2.76 -27.15 -0.69
N ASP C 193 3.90 -27.84 -0.65
CA ASP C 193 5.18 -27.17 -0.62
C ASP C 193 5.81 -26.91 -2.00
N SER C 194 5.09 -27.14 -3.10
CA SER C 194 5.45 -26.44 -4.33
C SER C 194 5.35 -24.94 -4.09
N VAL C 195 6.26 -24.16 -4.68
CA VAL C 195 6.16 -22.71 -4.52
C VAL C 195 4.89 -22.19 -5.18
N THR C 196 4.51 -22.77 -6.32
CA THR C 196 3.27 -22.36 -6.96
C THR C 196 2.04 -22.86 -6.23
N LYS C 197 2.21 -23.50 -5.07
CA LYS C 197 1.10 -23.80 -4.17
C LYS C 197 1.26 -22.97 -2.89
N SER C 198 2.23 -23.32 -2.04
CA SER C 198 2.39 -22.65 -0.74
C SER C 198 2.44 -21.12 -0.86
N LYS C 199 3.30 -20.60 -1.74
CA LYS C 199 3.53 -19.17 -1.88
CA LYS C 199 3.48 -19.16 -1.82
C LYS C 199 2.57 -18.50 -2.83
N ASN C 200 1.50 -19.18 -3.20
CA ASN C 200 0.50 -18.67 -4.13
C ASN C 200 -0.89 -18.82 -3.51
N ASP C 201 -1.33 -20.07 -3.38
CA ASP C 201 -2.56 -20.44 -2.68
C ASP C 201 -2.54 -19.96 -1.21
N ASN C 202 -1.58 -20.46 -0.42
CA ASN C 202 -1.65 -20.26 1.04
C ASN C 202 -1.58 -18.77 1.37
N LYS C 203 -0.74 -18.01 0.66
CA LYS C 203 -0.60 -16.57 0.95
C LYS C 203 -1.58 -15.73 0.12
N TYR C 204 -1.40 -15.67 -1.21
CA TYR C 204 -2.22 -14.74 -2.01
C TYR C 204 -3.71 -15.15 -2.04
N GLY C 205 -4.00 -16.44 -1.92
CA GLY C 205 -5.39 -16.86 -1.84
C GLY C 205 -6.11 -16.28 -0.63
N CYS C 206 -5.45 -16.35 0.54
CA CYS C 206 -6.09 -15.79 1.74
C CYS C 206 -6.16 -14.26 1.67
N ARG C 207 -5.22 -13.63 0.95
CA ARG C 207 -5.30 -12.18 0.75
CA ARG C 207 -5.30 -12.18 0.75
C ARG C 207 -6.57 -11.80 0.00
N HIS C 208 -6.91 -12.55 -1.06
CA HIS C 208 -8.12 -12.31 -1.83
C HIS C 208 -9.37 -12.62 -1.02
N SER C 209 -9.38 -13.79 -0.34
CA SER C 209 -10.63 -14.38 0.14
C SER C 209 -10.96 -14.10 1.61
N LEU C 210 -10.01 -13.65 2.43
CA LEU C 210 -10.36 -13.39 3.84
C LEU C 210 -11.26 -12.17 3.96
N ASN C 211 -10.80 -11.02 3.46
CA ASN C 211 -11.66 -9.83 3.54
CA ASN C 211 -11.65 -9.83 3.50
C ASN C 211 -12.93 -10.02 2.72
N ASP C 212 -12.88 -10.87 1.67
CA ASP C 212 -14.08 -11.23 0.91
C ASP C 212 -15.13 -11.87 1.84
N ALA C 213 -14.72 -12.87 2.61
CA ALA C 213 -15.69 -13.56 3.46
C ALA C 213 -16.17 -12.67 4.62
N ILE C 214 -15.29 -11.83 5.18
CA ILE C 214 -15.77 -10.97 6.27
C ILE C 214 -16.82 -9.99 5.74
N LYS C 215 -16.60 -9.46 4.54
CA LYS C 215 -17.59 -8.55 3.98
C LYS C 215 -18.90 -9.25 3.72
N ARG C 216 -18.86 -10.42 3.06
CA ARG C 216 -20.13 -11.11 2.82
C ARG C 216 -20.83 -11.47 4.12
N GLY C 217 -20.05 -11.83 5.15
CA GLY C 217 -20.67 -12.33 6.38
C GLY C 217 -21.29 -11.25 7.25
N THR C 218 -20.65 -10.06 7.28
CA THR C 218 -21.01 -8.99 8.20
C THR C 218 -21.29 -7.65 7.52
N ASP C 219 -20.76 -7.44 6.32
CA ASP C 219 -20.77 -6.13 5.65
C ASP C 219 -20.19 -5.02 6.54
N HIS C 220 -19.30 -5.37 7.47
CA HIS C 220 -18.65 -4.37 8.30
C HIS C 220 -17.61 -3.57 7.52
N LEU C 221 -17.60 -2.26 7.72
CA LEU C 221 -16.42 -1.48 7.36
C LEU C 221 -15.21 -2.03 8.10
N LEU C 222 -14.11 -2.24 7.37
CA LEU C 222 -12.88 -2.68 8.03
C LEU C 222 -11.89 -1.54 8.26
N SER C 223 -11.88 -0.55 7.37
CA SER C 223 -10.90 0.53 7.47
C SER C 223 -11.03 1.22 8.83
N GLY C 224 -9.89 1.48 9.46
CA GLY C 224 -9.89 2.23 10.70
C GLY C 224 -10.11 1.40 11.94
N LYS C 225 -10.42 0.13 11.79
CA LYS C 225 -10.69 -0.74 12.93
C LYS C 225 -9.47 -1.61 13.24
N GLN C 226 -9.53 -2.28 14.39
CA GLN C 226 -8.39 -2.98 14.96
C GLN C 226 -8.54 -4.47 14.79
N ALA C 227 -7.53 -5.11 14.21
CA ALA C 227 -7.52 -6.55 14.03
C ALA C 227 -6.33 -7.18 14.74
N LEU C 228 -6.54 -8.43 15.18
CA LEU C 228 -5.47 -9.25 15.72
C LEU C 228 -5.43 -10.53 14.89
N VAL C 229 -4.32 -10.75 14.21
CA VAL C 229 -4.12 -11.98 13.44
C VAL C 229 -3.20 -12.90 14.24
N ILE C 230 -3.68 -14.11 14.55
CA ILE C 230 -2.89 -15.07 15.29
C ILE C 230 -2.17 -15.94 14.24
N GLY C 231 -0.86 -15.83 14.17
CA GLY C 231 -0.04 -16.59 13.23
C GLY C 231 0.43 -15.71 12.09
N TYR C 232 1.62 -16.01 11.58
CA TYR C 232 2.21 -15.22 10.48
C TYR C 232 3.01 -16.14 9.57
N GLY C 233 2.53 -17.37 9.40
CA GLY C 233 2.99 -18.26 8.33
C GLY C 233 2.45 -17.79 7.01
N ASP C 234 2.30 -18.71 6.05
CA ASP C 234 1.81 -18.29 4.74
C ASP C 234 0.39 -17.74 4.82
N VAL C 235 -0.49 -18.43 5.57
CA VAL C 235 -1.88 -17.98 5.70
C VAL C 235 -1.96 -16.68 6.51
N GLY C 236 -1.20 -16.61 7.61
CA GLY C 236 -1.21 -15.38 8.40
C GLY C 236 -0.62 -14.19 7.65
N LYS C 237 0.41 -14.43 6.82
CA LYS C 237 0.91 -13.35 5.98
C LYS C 237 -0.17 -12.84 5.03
N GLY C 238 -0.85 -13.76 4.34
CA GLY C 238 -1.87 -13.34 3.40
C GLY C 238 -3.07 -12.73 4.08
N SER C 239 -3.46 -13.29 5.23
CA SER C 239 -4.59 -12.75 5.96
C SER C 239 -4.30 -11.33 6.46
N SER C 240 -3.10 -11.12 7.03
CA SER C 240 -2.74 -9.79 7.54
C SER C 240 -2.76 -8.74 6.42
N GLN C 241 -2.26 -9.10 5.25
CA GLN C 241 -2.33 -8.20 4.10
CA GLN C 241 -2.33 -8.20 4.11
C GLN C 241 -3.78 -7.98 3.65
N SER C 242 -4.60 -9.05 3.63
CA SER C 242 -6.02 -8.90 3.31
C SER C 242 -6.68 -7.79 4.11
N LEU C 243 -6.36 -7.70 5.40
CA LEU C 243 -6.95 -6.72 6.31
C LEU C 243 -6.23 -5.38 6.23
N ARG C 244 -4.90 -5.39 6.21
CA ARG C 244 -4.14 -4.12 6.14
C ARG C 244 -4.48 -3.33 4.87
N GLN C 245 -4.64 -4.03 3.72
CA GLN C 245 -4.91 -3.32 2.48
C GLN C 245 -6.30 -2.69 2.50
N GLU C 246 -7.19 -3.17 3.37
CA GLU C 246 -8.48 -2.54 3.58
C GLU C 246 -8.40 -1.38 4.56
N GLY C 247 -7.23 -1.10 5.12
CA GLY C 247 -7.12 -0.03 6.10
C GLY C 247 -7.28 -0.45 7.56
N MET C 248 -7.26 -1.73 7.85
CA MET C 248 -7.29 -2.12 9.26
C MET C 248 -5.95 -1.79 9.92
N ILE C 249 -5.99 -1.51 11.22
CA ILE C 249 -4.81 -1.46 12.07
C ILE C 249 -4.61 -2.90 12.55
N VAL C 250 -3.62 -3.57 11.99
CA VAL C 250 -3.44 -5.01 12.19
C VAL C 250 -2.26 -5.24 13.14
N LYS C 251 -2.51 -5.99 14.21
CA LYS C 251 -1.48 -6.55 15.08
C LYS C 251 -1.39 -8.05 14.84
N VAL C 252 -0.19 -8.61 15.09
CA VAL C 252 0.14 -9.99 14.73
C VAL C 252 0.69 -10.70 15.98
N ALA C 253 0.25 -11.92 16.20
CA ALA C 253 0.80 -12.78 17.23
C ALA C 253 1.54 -13.93 16.58
N GLU C 254 2.62 -14.38 17.20
CA GLU C 254 3.40 -15.49 16.67
C GLU C 254 4.15 -16.15 17.80
N VAL C 255 4.46 -17.43 17.61
CA VAL C 255 5.37 -18.16 18.46
C VAL C 255 6.74 -18.33 17.81
N ASP C 256 6.84 -18.08 16.49
CA ASP C 256 8.07 -18.28 15.74
C ASP C 256 8.74 -16.92 15.59
N PRO C 257 9.92 -16.70 16.20
CA PRO C 257 10.52 -15.36 16.14
C PRO C 257 10.94 -14.96 14.74
N ILE C 258 11.25 -15.92 13.86
CA ILE C 258 11.54 -15.55 12.47
C ILE C 258 10.29 -15.01 11.78
N CYS C 259 9.16 -15.70 11.95
CA CYS C 259 7.93 -15.16 11.37
C CYS C 259 7.55 -13.83 12.02
N ALA C 260 7.77 -13.70 13.34
CA ALA C 260 7.51 -12.43 14.01
C ALA C 260 8.40 -11.32 13.45
N MET C 261 9.67 -11.64 13.16
N MET C 261 9.67 -11.64 13.16
CA MET C 261 10.55 -10.65 12.54
CA MET C 261 10.55 -10.65 12.55
C MET C 261 9.99 -10.17 11.21
C MET C 261 9.98 -10.17 11.22
N GLN C 262 9.50 -11.09 10.39
CA GLN C 262 8.89 -10.69 9.12
C GLN C 262 7.70 -9.75 9.34
N ALA C 263 6.84 -10.06 10.33
CA ALA C 263 5.70 -9.20 10.61
C ALA C 263 6.14 -7.79 10.98
N CYS C 264 7.19 -7.67 11.81
CA CYS C 264 7.69 -6.35 12.18
C CYS C 264 8.12 -5.57 10.95
N MET C 265 8.98 -6.19 10.12
CA MET C 265 9.50 -5.53 8.92
C MET C 265 8.42 -5.25 7.90
N ASP C 266 7.38 -6.08 7.89
CA ASP C 266 6.23 -5.80 7.05
C ASP C 266 5.37 -4.67 7.58
N GLY C 267 5.68 -4.13 8.76
CA GLY C 267 4.95 -2.97 9.23
C GLY C 267 3.86 -3.25 10.22
N PHE C 268 3.90 -4.40 10.87
CA PHE C 268 2.90 -4.77 11.86
C PHE C 268 3.51 -4.73 13.24
N GLU C 269 2.68 -4.38 14.21
CA GLU C 269 3.05 -4.47 15.62
C GLU C 269 2.82 -5.92 16.08
N VAL C 270 3.82 -6.51 16.73
CA VAL C 270 3.74 -7.91 17.16
C VAL C 270 3.41 -7.95 18.65
N VAL C 271 2.29 -8.60 18.97
CA VAL C 271 1.75 -8.60 20.33
C VAL C 271 1.38 -10.03 20.66
N SER C 272 1.22 -10.28 21.95
CA SER C 272 0.69 -11.54 22.43
C SER C 272 -0.61 -11.30 23.20
N PRO C 273 -1.59 -12.22 23.07
CA PRO C 273 -2.76 -12.16 23.95
C PRO C 273 -2.44 -12.32 25.43
N TYR C 274 -1.27 -12.84 25.79
CA TYR C 274 -0.90 -13.08 27.19
C TYR C 274 0.21 -12.14 27.61
N LYS C 275 0.13 -11.69 28.88
CA LYS C 275 1.17 -10.82 29.42
C LYS C 275 2.52 -11.51 29.34
N ASN C 276 3.50 -10.80 28.78
CA ASN C 276 4.84 -11.32 28.52
C ASN C 276 4.82 -12.57 27.65
N GLY C 277 3.72 -12.83 26.97
CA GLY C 277 3.63 -14.00 26.10
C GLY C 277 3.42 -15.32 26.82
N ILE C 278 3.07 -15.30 28.11
CA ILE C 278 3.02 -16.52 28.93
C ILE C 278 1.57 -16.95 29.08
N ASN C 279 1.23 -18.08 28.46
CA ASN C 279 -0.11 -18.67 28.46
C ASN C 279 -0.15 -19.73 29.57
N ASP C 280 -0.44 -19.30 30.80
CA ASP C 280 -0.52 -20.21 31.94
C ASP C 280 -1.95 -20.68 32.25
N GLY C 281 -2.94 -20.35 31.43
CA GLY C 281 -4.29 -20.83 31.61
C GLY C 281 -5.17 -20.05 32.58
N THR C 282 -4.68 -18.95 33.15
CA THR C 282 -5.43 -18.13 34.09
C THR C 282 -5.99 -16.89 33.39
N GLU C 283 -7.11 -16.37 33.91
CA GLU C 283 -7.62 -15.11 33.39
C GLU C 283 -6.62 -13.98 33.62
N ALA C 284 -5.84 -14.08 34.70
CA ALA C 284 -4.87 -13.04 35.01
C ALA C 284 -3.80 -12.91 33.94
N SER C 285 -3.55 -13.97 33.17
CA SER C 285 -2.53 -13.91 32.13
C SER C 285 -3.01 -13.17 30.88
N ILE C 286 -4.30 -12.88 30.76
CA ILE C 286 -4.82 -12.25 29.56
C ILE C 286 -4.49 -10.75 29.58
N ASP C 287 -3.96 -10.25 28.46
CA ASP C 287 -3.81 -8.81 28.25
C ASP C 287 -5.19 -8.25 27.88
N ALA C 288 -6.00 -8.01 28.92
CA ALA C 288 -7.37 -7.55 28.70
C ALA C 288 -7.42 -6.17 28.05
N ALA C 289 -6.44 -5.32 28.34
CA ALA C 289 -6.38 -4.00 27.71
C ALA C 289 -6.23 -4.14 26.21
N LEU C 290 -5.30 -4.99 25.76
CA LEU C 290 -5.16 -5.28 24.34
C LEU C 290 -6.43 -5.89 23.76
N LEU C 291 -6.94 -6.96 24.38
CA LEU C 291 -8.07 -7.67 23.77
C LEU C 291 -9.33 -6.81 23.80
N GLY C 292 -9.46 -5.91 24.78
CA GLY C 292 -10.61 -5.03 24.82
C GLY C 292 -10.66 -4.01 23.69
N LYS C 293 -9.60 -3.91 22.88
CA LYS C 293 -9.53 -2.95 21.79
C LYS C 293 -9.68 -3.59 20.42
N ILE C 294 -9.86 -4.90 20.36
CA ILE C 294 -9.80 -5.64 19.10
C ILE C 294 -11.19 -5.80 18.52
N ASP C 295 -11.38 -5.36 17.26
CA ASP C 295 -12.64 -5.50 16.56
C ASP C 295 -12.74 -6.78 15.76
N LEU C 296 -11.62 -7.44 15.50
CA LEU C 296 -11.59 -8.62 14.64
C LEU C 296 -10.40 -9.48 15.02
N ILE C 297 -10.64 -10.76 15.29
CA ILE C 297 -9.56 -11.71 15.48
C ILE C 297 -9.71 -12.81 14.44
N VAL C 298 -8.58 -13.20 13.82
CA VAL C 298 -8.49 -14.21 12.79
C VAL C 298 -7.39 -15.18 13.18
N THR C 299 -7.70 -16.49 13.23
CA THR C 299 -6.70 -17.50 13.54
C THR C 299 -6.22 -18.16 12.25
N THR C 300 -4.89 -18.35 12.14
CA THR C 300 -4.27 -18.84 10.91
C THR C 300 -3.22 -19.92 11.19
N THR C 301 -3.29 -20.64 12.31
CA THR C 301 -2.09 -21.32 12.81
C THR C 301 -1.97 -22.79 12.41
N GLY C 302 -3.08 -23.49 12.16
CA GLY C 302 -3.02 -24.95 12.17
C GLY C 302 -2.71 -25.56 13.53
N ASN C 303 -2.78 -24.78 14.60
CA ASN C 303 -2.56 -25.25 15.96
C ASN C 303 -3.90 -25.34 16.68
N VAL C 304 -3.87 -25.65 17.97
CA VAL C 304 -5.08 -25.90 18.75
C VAL C 304 -5.26 -24.79 19.78
N ASN C 305 -6.47 -24.24 19.85
CA ASN C 305 -6.88 -23.36 20.95
C ASN C 305 -5.99 -22.11 21.05
N VAL C 306 -5.82 -21.43 19.91
CA VAL C 306 -5.03 -20.19 19.91
C VAL C 306 -5.92 -18.96 20.04
N CYS C 307 -7.24 -19.11 19.97
CA CYS C 307 -8.17 -18.10 20.49
C CYS C 307 -8.99 -18.78 21.59
N ASP C 308 -8.51 -18.71 22.85
CA ASP C 308 -9.05 -19.60 23.88
C ASP C 308 -10.23 -18.96 24.62
N ALA C 309 -10.80 -19.70 25.60
CA ALA C 309 -11.96 -19.19 26.34
C ALA C 309 -11.67 -17.84 27.01
N ASN C 310 -10.50 -17.70 27.65
CA ASN C 310 -10.22 -16.46 28.36
C ASN C 310 -10.06 -15.29 27.39
N MET C 311 -9.54 -15.56 26.19
CA MET C 311 -9.46 -14.50 25.18
C MET C 311 -10.85 -14.10 24.71
N LEU C 312 -11.74 -15.07 24.53
CA LEU C 312 -13.09 -14.75 24.08
C LEU C 312 -13.84 -13.94 25.14
N LYS C 313 -13.62 -14.27 26.43
CA LYS C 313 -14.25 -13.50 27.50
C LYS C 313 -13.76 -12.06 27.52
N ALA C 314 -12.55 -11.80 27.06
CA ALA C 314 -11.96 -10.48 27.19
C ALA C 314 -12.09 -9.61 25.94
N LEU C 315 -12.54 -10.19 24.81
CA LEU C 315 -12.64 -9.43 23.58
C LEU C 315 -13.65 -8.29 23.72
N LYS C 316 -13.32 -7.18 23.04
CA LYS C 316 -14.22 -6.06 22.88
C LYS C 316 -15.62 -6.52 22.46
N LYS C 317 -16.63 -5.89 23.05
CA LYS C 317 -18.02 -6.17 22.67
C LYS C 317 -18.22 -6.01 21.17
N ARG C 318 -18.95 -6.96 20.58
CA ARG C 318 -19.31 -6.96 19.16
C ARG C 318 -18.10 -7.21 18.25
N ALA C 319 -16.99 -7.69 18.80
CA ALA C 319 -15.88 -8.12 17.95
C ALA C 319 -16.32 -9.27 17.03
N VAL C 320 -15.65 -9.38 15.87
CA VAL C 320 -15.83 -10.51 14.96
C VAL C 320 -14.71 -11.52 15.22
N VAL C 321 -15.06 -12.81 15.21
CA VAL C 321 -14.14 -13.91 15.48
C VAL C 321 -14.20 -14.88 14.32
N CYS C 322 -13.05 -15.22 13.72
CA CYS C 322 -13.09 -16.22 12.67
C CYS C 322 -11.75 -16.94 12.57
N ASN C 323 -11.75 -18.02 11.78
CA ASN C 323 -10.64 -18.94 11.64
C ASN C 323 -10.48 -19.27 10.17
N ILE C 324 -9.25 -19.16 9.66
CA ILE C 324 -8.95 -19.49 8.29
C ILE C 324 -7.92 -20.63 8.20
N GLY C 325 -7.54 -21.20 9.37
CA GLY C 325 -6.83 -22.47 9.41
C GLY C 325 -7.75 -23.64 9.07
N HIS C 326 -7.14 -24.81 8.85
CA HIS C 326 -7.89 -25.94 8.30
C HIS C 326 -9.01 -26.43 9.23
N PHE C 327 -8.76 -26.49 10.54
CA PHE C 327 -9.71 -27.08 11.48
C PHE C 327 -10.25 -26.04 12.45
N ASP C 328 -11.49 -26.27 12.92
CA ASP C 328 -12.19 -25.30 13.77
C ASP C 328 -11.71 -25.30 15.22
N ASN C 329 -10.78 -26.16 15.61
CA ASN C 329 -10.36 -26.17 17.00
C ASN C 329 -9.32 -25.10 17.33
N GLU C 330 -8.98 -24.23 16.38
CA GLU C 330 -8.14 -23.08 16.68
C GLU C 330 -8.82 -22.13 17.65
N ILE C 331 -10.15 -22.04 17.56
CA ILE C 331 -10.98 -21.24 18.45
C ILE C 331 -11.69 -22.20 19.41
N ASP C 332 -11.80 -21.81 20.68
CA ASP C 332 -12.54 -22.64 21.64
C ASP C 332 -14.05 -22.39 21.48
N THR C 333 -14.60 -22.92 20.38
CA THR C 333 -16.02 -22.78 20.13
C THR C 333 -16.82 -23.69 21.07
N ALA C 334 -16.19 -24.76 21.55
CA ALA C 334 -16.86 -25.65 22.48
C ALA C 334 -17.19 -24.93 23.78
N PHE C 335 -16.25 -24.12 24.28
CA PHE C 335 -16.55 -23.27 25.44
C PHE C 335 -17.74 -22.37 25.16
N MET C 336 -17.79 -21.77 23.97
CA MET C 336 -18.91 -20.87 23.66
C MET C 336 -20.21 -21.64 23.51
N ARG C 337 -20.15 -22.87 23.00
CA ARG C 337 -21.36 -23.68 22.90
C ARG C 337 -21.90 -24.01 24.28
N LYS C 338 -21.01 -24.22 25.26
CA LYS C 338 -21.45 -24.66 26.57
C LYS C 338 -22.05 -23.52 27.38
N ASN C 339 -21.54 -22.30 27.21
CA ASN C 339 -21.80 -21.23 28.15
C ASN C 339 -22.65 -20.09 27.60
N TRP C 340 -22.70 -19.88 26.29
CA TRP C 340 -23.28 -18.68 25.74
C TRP C 340 -24.39 -19.02 24.76
N ALA C 341 -25.31 -18.07 24.56
CA ALA C 341 -26.45 -18.31 23.68
C ALA C 341 -26.11 -17.89 22.26
N TRP C 342 -26.33 -18.79 21.30
CA TRP C 342 -26.06 -18.49 19.89
C TRP C 342 -27.33 -18.00 19.21
N GLU C 343 -27.23 -16.87 18.52
CA GLU C 343 -28.34 -16.30 17.74
C GLU C 343 -27.93 -16.27 16.28
N GLU C 344 -28.60 -17.08 15.44
CA GLU C 344 -28.23 -17.09 14.04
C GLU C 344 -28.64 -15.76 13.39
N VAL C 345 -27.68 -15.07 12.78
CA VAL C 345 -28.03 -13.91 11.98
C VAL C 345 -28.56 -14.34 10.62
N LYS C 346 -27.81 -15.21 9.97
CA LYS C 346 -28.11 -15.82 8.68
C LYS C 346 -27.14 -16.99 8.57
N PRO C 347 -27.23 -17.85 7.56
CA PRO C 347 -26.36 -19.03 7.52
C PRO C 347 -24.88 -18.67 7.70
N GLN C 348 -24.20 -19.42 8.56
CA GLN C 348 -22.79 -19.26 8.91
C GLN C 348 -22.45 -17.91 9.54
N VAL C 349 -23.43 -17.24 10.16
CA VAL C 349 -23.17 -16.04 10.96
C VAL C 349 -24.00 -16.10 12.23
N HIS C 350 -23.34 -16.19 13.38
CA HIS C 350 -24.00 -16.25 14.68
C HIS C 350 -23.50 -15.15 15.59
N LYS C 351 -24.44 -14.50 16.28
CA LYS C 351 -24.09 -13.64 17.40
C LYS C 351 -24.02 -14.52 18.63
N ILE C 352 -22.95 -14.40 19.39
CA ILE C 352 -22.75 -15.22 20.57
C ILE C 352 -22.91 -14.31 21.78
N HIS C 353 -23.99 -14.50 22.53
CA HIS C 353 -24.35 -13.60 23.61
C HIS C 353 -23.63 -14.02 24.90
N ARG C 354 -22.73 -13.17 25.38
CA ARG C 354 -21.96 -13.52 26.57
C ARG C 354 -22.73 -13.31 27.87
N THR C 355 -24.00 -12.92 27.81
CA THR C 355 -24.84 -12.71 28.99
C THR C 355 -25.42 -14.00 29.59
N GLY C 356 -25.23 -15.15 28.98
CA GLY C 356 -25.72 -16.38 29.55
C GLY C 356 -26.07 -17.39 28.48
N LYS C 357 -26.63 -18.51 28.92
CA LYS C 357 -26.84 -19.70 28.09
C LYS C 357 -28.24 -19.80 27.51
N ASP C 358 -29.29 -19.58 28.32
CA ASP C 358 -30.68 -19.82 27.90
C ASP C 358 -31.30 -18.49 27.47
N GLY C 359 -31.47 -18.31 26.17
CA GLY C 359 -32.14 -17.11 25.71
C GLY C 359 -31.25 -15.89 25.84
N PHE C 360 -31.70 -14.80 25.24
CA PHE C 360 -30.91 -13.58 25.18
C PHE C 360 -31.87 -12.43 25.00
N ASP C 361 -31.39 -11.24 25.28
CA ASP C 361 -32.10 -10.06 24.87
C ASP C 361 -31.77 -9.80 23.41
N ALA C 362 -32.81 -9.67 22.58
CA ALA C 362 -32.58 -9.40 21.16
C ALA C 362 -31.78 -8.13 20.96
N HIS C 363 -31.88 -7.19 21.91
CA HIS C 363 -31.15 -5.94 21.87
C HIS C 363 -29.94 -5.92 22.81
N ASN C 364 -29.45 -7.10 23.21
CA ASN C 364 -28.25 -7.17 24.03
C ASN C 364 -27.06 -6.61 23.25
N ASP C 365 -26.21 -5.85 23.94
CA ASP C 365 -25.05 -5.29 23.30
C ASP C 365 -23.80 -6.13 23.51
N ASP C 366 -23.83 -7.11 24.41
CA ASP C 366 -22.61 -7.87 24.74
C ASP C 366 -22.63 -9.20 24.00
N TYR C 367 -22.26 -9.15 22.72
CA TYR C 367 -22.10 -10.36 21.91
C TYR C 367 -20.84 -10.27 21.06
N LEU C 368 -20.38 -11.45 20.62
CA LEU C 368 -19.39 -11.58 19.55
C LEU C 368 -20.08 -12.06 18.29
N ILE C 369 -19.50 -11.80 17.12
CA ILE C 369 -20.00 -12.38 15.88
C ILE C 369 -19.01 -13.46 15.45
N LEU C 370 -19.47 -14.71 15.37
CA LEU C 370 -18.66 -15.84 14.93
C LEU C 370 -19.05 -16.18 13.49
N LEU C 371 -18.05 -16.30 12.62
CA LEU C 371 -18.25 -16.65 11.23
C LEU C 371 -17.98 -18.13 11.02
N ALA C 372 -18.86 -18.79 10.25
CA ALA C 372 -18.71 -20.16 9.81
C ALA C 372 -18.58 -21.14 10.96
N GLU C 373 -19.13 -20.79 12.13
CA GLU C 373 -19.01 -21.62 13.34
C GLU C 373 -17.56 -22.02 13.61
N GLY C 374 -16.64 -21.12 13.26
CA GLY C 374 -15.22 -21.36 13.44
C GLY C 374 -14.55 -22.24 12.39
N ARG C 375 -15.27 -22.69 11.37
CA ARG C 375 -14.67 -23.45 10.26
C ARG C 375 -13.99 -22.47 9.30
N LEU C 376 -13.14 -23.01 8.40
CA LEU C 376 -12.46 -22.17 7.40
C LEU C 376 -13.34 -21.04 6.88
N VAL C 377 -13.01 -19.79 7.24
CA VAL C 377 -13.97 -18.71 7.00
C VAL C 377 -14.04 -18.32 5.51
N ASN C 378 -12.92 -18.40 4.79
CA ASN C 378 -12.95 -17.95 3.41
C ASN C 378 -13.83 -18.85 2.56
N LEU C 379 -13.82 -20.14 2.86
CA LEU C 379 -14.70 -21.07 2.15
C LEU C 379 -16.11 -21.11 2.72
N GLY C 380 -16.28 -20.92 4.03
CA GLY C 380 -17.58 -21.00 4.67
C GLY C 380 -18.49 -19.82 4.34
N ASN C 381 -17.91 -18.61 4.31
CA ASN C 381 -18.68 -17.38 4.14
C ASN C 381 -18.48 -16.74 2.79
N ALA C 382 -17.55 -17.23 1.97
CA ALA C 382 -17.44 -16.78 0.59
C ALA C 382 -17.18 -17.97 -0.31
N THR C 383 -16.25 -17.89 -1.26
CA THR C 383 -16.02 -19.02 -2.15
C THR C 383 -14.56 -19.48 -2.15
N GLY C 384 -13.83 -19.19 -1.07
CA GLY C 384 -12.43 -19.62 -1.06
C GLY C 384 -11.61 -18.86 -2.10
N HIS C 385 -10.50 -19.49 -2.50
CA HIS C 385 -9.56 -18.82 -3.39
C HIS C 385 -10.14 -18.71 -4.81
N PRO C 386 -9.71 -17.71 -5.57
CA PRO C 386 -10.19 -17.57 -6.96
C PRO C 386 -9.53 -18.57 -7.89
N SER C 387 -10.23 -18.84 -9.00
CA SER C 387 -9.77 -19.83 -9.96
C SER C 387 -8.32 -19.62 -10.38
N ARG C 388 -7.92 -18.37 -10.66
CA ARG C 388 -6.59 -18.15 -11.22
C ARG C 388 -5.50 -18.48 -10.20
N ILE C 389 -5.81 -18.35 -8.91
CA ILE C 389 -4.84 -18.83 -7.91
C ILE C 389 -4.88 -20.34 -7.78
N MET C 390 -6.10 -20.91 -7.71
CA MET C 390 -6.20 -22.36 -7.53
C MET C 390 -5.63 -23.13 -8.73
N ASP C 391 -5.55 -22.47 -9.89
CA ASP C 391 -4.89 -23.03 -11.06
C ASP C 391 -3.51 -23.59 -10.73
N GLY C 392 -2.73 -22.85 -9.93
CA GLY C 392 -1.40 -23.32 -9.58
C GLY C 392 -1.45 -24.55 -8.70
N SER C 393 -2.22 -24.48 -7.60
CA SER C 393 -2.36 -25.64 -6.71
C SER C 393 -2.78 -26.87 -7.47
N PHE C 394 -3.73 -26.73 -8.40
CA PHE C 394 -4.37 -27.88 -8.98
C PHE C 394 -3.62 -28.41 -10.19
N ALA C 395 -2.80 -27.58 -10.86
CA ALA C 395 -1.87 -28.14 -11.82
C ALA C 395 -0.84 -29.02 -11.12
N ASN C 396 -0.37 -28.60 -9.93
CA ASN C 396 0.51 -29.46 -9.13
C ASN C 396 -0.17 -30.78 -8.77
N GLN C 397 -1.47 -30.72 -8.39
CA GLN C 397 -2.19 -31.94 -8.02
C GLN C 397 -2.22 -32.92 -9.20
N VAL C 398 -2.55 -32.42 -10.40
CA VAL C 398 -2.59 -33.29 -11.57
C VAL C 398 -1.21 -33.90 -11.86
N LEU C 399 -0.15 -33.09 -11.77
CA LEU C 399 1.18 -33.63 -11.97
C LEU C 399 1.52 -34.66 -10.91
N ALA C 400 1.14 -34.39 -9.66
CA ALA C 400 1.42 -35.32 -8.57
C ALA C 400 0.67 -36.63 -8.76
N GLN C 401 -0.58 -36.55 -9.22
CA GLN C 401 -1.35 -37.76 -9.50
C GLN C 401 -0.75 -38.56 -10.65
N ILE C 402 -0.33 -37.90 -11.73
CA ILE C 402 0.31 -38.64 -12.83
C ILE C 402 1.57 -39.33 -12.35
N HIS C 403 2.39 -38.64 -11.57
CA HIS C 403 3.68 -39.22 -11.19
C HIS C 403 3.51 -40.46 -10.32
N LEU C 404 2.62 -40.40 -9.33
CA LEU C 404 2.49 -41.53 -8.40
C LEU C 404 1.76 -42.71 -9.05
N PHE C 405 0.76 -42.41 -9.89
CA PHE C 405 0.08 -43.48 -10.60
C PHE C 405 1.02 -44.19 -11.58
N GLU C 406 1.87 -43.45 -12.28
CA GLU C 406 2.82 -44.09 -13.18
C GLU C 406 3.91 -44.87 -12.44
N GLN C 407 4.21 -44.48 -11.19
CA GLN C 407 5.18 -45.22 -10.40
C GLN C 407 4.67 -46.61 -10.02
N LYS C 408 3.36 -46.77 -9.82
CA LYS C 408 2.74 -48.07 -9.53
C LYS C 408 3.31 -48.69 -8.26
N TYR C 409 3.36 -47.87 -7.19
CA TYR C 409 3.92 -48.35 -5.92
C TYR C 409 3.34 -49.69 -5.48
N ALA C 410 2.01 -49.85 -5.57
CA ALA C 410 1.37 -51.05 -5.03
C ALA C 410 1.76 -52.31 -5.77
N ASP C 411 2.35 -52.17 -6.96
CA ASP C 411 2.76 -53.33 -7.75
C ASP C 411 4.24 -53.63 -7.64
N LEU C 412 4.99 -52.80 -6.92
CA LEU C 412 6.44 -52.97 -6.87
C LEU C 412 6.83 -54.10 -5.90
N PRO C 413 7.96 -54.75 -6.14
CA PRO C 413 8.51 -55.68 -5.15
C PRO C 413 8.82 -54.97 -3.84
N ALA C 414 8.92 -55.76 -2.77
CA ALA C 414 9.05 -55.19 -1.42
C ALA C 414 10.24 -54.24 -1.31
N ALA C 415 11.40 -54.64 -1.82
CA ALA C 415 12.59 -53.81 -1.69
C ALA C 415 12.41 -52.49 -2.41
N GLU C 416 11.72 -52.51 -3.56
CA GLU C 416 11.50 -51.25 -4.26
C GLU C 416 10.49 -50.39 -3.52
N LYS C 417 9.48 -51.02 -2.90
CA LYS C 417 8.52 -50.27 -2.09
C LYS C 417 9.24 -49.56 -0.95
N ALA C 418 10.17 -50.27 -0.29
CA ALA C 418 10.84 -49.65 0.87
C ALA C 418 11.63 -48.41 0.45
N LYS C 419 12.18 -48.41 -0.77
CA LYS C 419 12.94 -47.26 -1.26
C LYS C 419 12.06 -46.12 -1.73
N ARG C 420 10.77 -46.38 -1.98
CA ARG C 420 9.88 -45.33 -2.44
C ARG C 420 8.84 -44.92 -1.42
N LEU C 421 8.77 -45.56 -0.24
CA LEU C 421 7.79 -45.20 0.76
C LEU C 421 8.26 -43.91 1.45
N SER C 422 7.79 -42.78 0.95
CA SER C 422 8.28 -41.49 1.42
C SER C 422 7.21 -40.41 1.17
N VAL C 423 7.50 -39.21 1.67
CA VAL C 423 6.68 -38.02 1.41
C VAL C 423 7.60 -37.01 0.70
N GLU C 424 7.35 -36.77 -0.59
CA GLU C 424 8.23 -35.98 -1.45
C GLU C 424 7.46 -34.80 -2.04
N VAL C 425 8.21 -33.81 -2.55
CA VAL C 425 7.65 -32.74 -3.35
C VAL C 425 7.96 -33.00 -4.83
N LEU C 426 7.20 -32.32 -5.68
CA LEU C 426 7.49 -32.36 -7.11
C LEU C 426 8.84 -31.68 -7.38
N PRO C 427 9.53 -32.11 -8.44
CA PRO C 427 10.78 -31.47 -8.82
C PRO C 427 10.59 -30.00 -9.19
N LYS C 428 11.61 -29.19 -8.88
CA LYS C 428 11.51 -27.75 -9.14
C LYS C 428 11.24 -27.44 -10.61
N LYS C 429 11.75 -28.27 -11.54
CA LYS C 429 11.45 -28.02 -12.96
C LYS C 429 9.94 -27.95 -13.22
N LEU C 430 9.17 -28.86 -12.61
CA LEU C 430 7.71 -28.84 -12.78
C LEU C 430 7.07 -27.64 -12.09
N ASP C 431 7.54 -27.30 -10.89
CA ASP C 431 7.09 -26.08 -10.22
C ASP C 431 7.25 -24.88 -11.16
N GLU C 432 8.40 -24.76 -11.82
CA GLU C 432 8.63 -23.65 -12.73
C GLU C 432 7.72 -23.71 -13.95
N GLU C 433 7.47 -24.91 -14.47
CA GLU C 433 6.59 -25.02 -15.63
C GLU C 433 5.16 -24.62 -15.28
N VAL C 434 4.70 -24.96 -14.07
CA VAL C 434 3.39 -24.46 -13.61
C VAL C 434 3.42 -22.93 -13.54
N ALA C 435 4.44 -22.37 -12.89
CA ALA C 435 4.54 -20.92 -12.75
C ALA C 435 4.54 -20.22 -14.10
N LEU C 436 5.19 -20.82 -15.11
CA LEU C 436 5.29 -20.16 -16.41
C LEU C 436 3.92 -20.01 -17.06
N GLU C 437 3.08 -21.05 -16.98
CA GLU C 437 1.72 -20.91 -17.50
C GLU C 437 0.92 -19.87 -16.71
N MET C 438 1.14 -19.79 -15.40
CA MET C 438 0.42 -18.78 -14.63
C MET C 438 0.83 -17.39 -15.10
N VAL C 439 2.13 -17.19 -15.35
CA VAL C 439 2.60 -15.88 -15.73
C VAL C 439 2.03 -15.50 -17.10
N LYS C 440 1.99 -16.46 -18.01
CA LYS C 440 1.39 -16.19 -19.31
C LYS C 440 -0.09 -15.85 -19.18
N GLY C 441 -0.76 -16.40 -18.15
CA GLY C 441 -2.16 -16.09 -17.95
C GLY C 441 -2.42 -14.63 -17.61
N PHE C 442 -1.46 -13.99 -16.96
CA PHE C 442 -1.45 -12.55 -16.70
C PHE C 442 -0.94 -11.75 -17.90
N GLY C 443 -0.50 -12.40 -18.97
CA GLY C 443 0.17 -11.71 -20.05
C GLY C 443 1.59 -11.32 -19.74
N GLY C 444 2.20 -11.87 -18.69
CA GLY C 444 3.58 -11.57 -18.42
C GLY C 444 4.49 -12.24 -19.44
N VAL C 445 5.68 -11.67 -19.62
CA VAL C 445 6.65 -12.18 -20.58
C VAL C 445 7.94 -12.49 -19.81
N VAL C 446 8.29 -13.76 -19.72
CA VAL C 446 9.51 -14.20 -19.03
C VAL C 446 10.68 -14.11 -20.01
N THR C 447 11.78 -13.51 -19.57
CA THR C 447 12.98 -13.36 -20.39
C THR C 447 13.78 -14.66 -20.42
N GLN C 448 14.35 -14.97 -21.57
CA GLN C 448 15.20 -16.16 -21.72
C GLN C 448 16.66 -15.77 -21.54
N LEU C 449 17.40 -16.52 -20.71
CA LEU C 449 18.82 -16.27 -20.53
C LEU C 449 19.58 -16.49 -21.84
N THR C 450 20.62 -15.68 -22.07
CA THR C 450 21.59 -16.05 -23.09
C THR C 450 22.46 -17.20 -22.58
N PRO C 451 23.07 -17.97 -23.48
CA PRO C 451 24.00 -19.02 -23.02
C PRO C 451 25.07 -18.51 -22.05
N LYS C 452 25.64 -17.33 -22.32
CA LYS C 452 26.68 -16.79 -21.44
C LYS C 452 26.12 -16.41 -20.08
N GLN C 453 24.92 -15.82 -20.06
CA GLN C 453 24.28 -15.50 -18.79
C GLN C 453 23.95 -16.78 -18.01
N ALA C 454 23.45 -17.81 -18.71
CA ALA C 454 23.17 -19.06 -18.04
C ALA C 454 24.43 -19.66 -17.43
N GLU C 455 25.54 -19.61 -18.17
CA GLU C 455 26.81 -20.09 -17.66
C GLU C 455 27.28 -19.27 -16.46
N TYR C 456 27.06 -17.95 -16.51
CA TYR C 456 27.54 -17.05 -15.46
C TYR C 456 26.91 -17.36 -14.10
N ILE C 457 25.61 -17.65 -14.06
CA ILE C 457 24.99 -18.00 -12.77
C ILE C 457 24.87 -19.50 -12.59
N GLY C 458 25.39 -20.29 -13.52
CA GLY C 458 25.48 -21.73 -13.33
C GLY C 458 24.18 -22.48 -13.45
N VAL C 459 23.31 -22.10 -14.41
CA VAL C 459 22.07 -22.83 -14.64
C VAL C 459 21.93 -23.15 -16.12
N SER C 460 21.01 -24.06 -16.41
CA SER C 460 20.60 -24.29 -17.79
CA SER C 460 20.57 -24.30 -17.79
C SER C 460 19.66 -23.17 -18.25
N VAL C 461 19.74 -22.87 -19.56
CA VAL C 461 18.82 -21.87 -20.14
C VAL C 461 17.39 -22.30 -19.90
N GLU C 462 17.15 -23.61 -19.82
CA GLU C 462 15.82 -24.17 -19.60
C GLU C 462 15.42 -24.25 -18.13
N GLY C 463 16.30 -23.89 -17.19
CA GLY C 463 16.04 -24.11 -15.79
C GLY C 463 16.37 -25.53 -15.37
N PRO C 464 16.19 -25.86 -14.07
CA PRO C 464 15.73 -24.99 -12.98
C PRO C 464 16.69 -23.85 -12.72
N PHE C 465 16.15 -22.71 -12.29
CA PHE C 465 16.93 -21.48 -12.17
C PHE C 465 17.47 -21.25 -10.77
N LYS C 466 17.06 -22.06 -9.79
CA LYS C 466 17.44 -21.89 -8.39
C LYS C 466 17.83 -23.23 -7.79
N PRO C 467 18.71 -23.24 -6.79
CA PRO C 467 18.96 -24.48 -6.03
C PRO C 467 17.74 -24.84 -5.18
N ASP C 468 17.65 -26.12 -4.82
CA ASP C 468 16.52 -26.56 -4.00
C ASP C 468 16.48 -25.87 -2.64
N THR C 469 17.61 -25.34 -2.16
CA THR C 469 17.59 -24.57 -0.91
C THR C 469 16.86 -23.23 -1.04
N TYR C 470 16.51 -22.78 -2.23
CA TYR C 470 16.03 -21.40 -2.40
C TYR C 470 14.64 -21.22 -1.79
N ARG C 471 14.44 -20.10 -1.09
CA ARG C 471 13.19 -19.88 -0.37
C ARG C 471 12.19 -18.95 -1.06
N TYR C 472 12.63 -18.22 -2.09
CA TYR C 472 11.79 -17.25 -2.77
C TYR C 472 11.21 -16.22 -1.80
N GLY D 12 -53.92 -4.58 10.32
CA GLY D 12 -53.81 -5.21 9.01
C GLY D 12 -53.08 -4.34 8.00
N PHE D 13 -51.85 -3.97 8.33
CA PHE D 13 -51.08 -3.09 7.46
C PHE D 13 -50.77 -3.80 6.15
N THR D 14 -51.26 -3.25 5.04
CA THR D 14 -51.01 -3.80 3.72
C THR D 14 -50.43 -2.77 2.75
N ASP D 15 -50.12 -1.56 3.22
CA ASP D 15 -49.76 -0.43 2.35
C ASP D 15 -48.25 -0.47 2.05
N TYR D 16 -47.86 -1.48 1.26
CA TYR D 16 -46.46 -1.69 0.92
C TYR D 16 -46.39 -2.68 -0.22
N LYS D 17 -45.18 -2.88 -0.75
CA LYS D 17 -44.97 -3.95 -1.73
C LYS D 17 -43.48 -4.33 -1.68
N VAL D 18 -43.18 -5.57 -1.30
CA VAL D 18 -41.82 -6.06 -1.14
C VAL D 18 -41.75 -7.47 -1.72
N ALA D 19 -40.52 -7.99 -1.83
CA ALA D 19 -40.37 -9.32 -2.42
C ALA D 19 -40.95 -10.41 -1.54
N ASP D 20 -40.73 -10.32 -0.22
CA ASP D 20 -41.03 -11.44 0.65
C ASP D 20 -41.06 -10.89 2.08
N ILE D 21 -42.27 -10.70 2.61
CA ILE D 21 -42.45 -10.17 3.96
C ILE D 21 -41.84 -11.07 5.03
N THR D 22 -41.69 -12.37 4.74
CA THR D 22 -41.13 -13.28 5.74
C THR D 22 -39.63 -13.07 5.97
N LEU D 23 -38.96 -12.25 5.16
CA LEU D 23 -37.58 -11.90 5.44
C LEU D 23 -37.45 -10.86 6.55
N ALA D 24 -38.58 -10.40 7.10
CA ALA D 24 -38.53 -9.28 8.03
C ALA D 24 -37.68 -9.57 9.26
N ALA D 25 -37.81 -10.77 9.85
CA ALA D 25 -37.04 -11.05 11.07
C ALA D 25 -35.54 -10.96 10.78
N TRP D 26 -35.11 -11.55 9.66
CA TRP D 26 -33.71 -11.43 9.26
C TRP D 26 -33.32 -9.96 9.11
N GLY D 27 -34.12 -9.19 8.38
CA GLY D 27 -33.85 -7.78 8.24
C GLY D 27 -33.72 -7.06 9.57
N ARG D 28 -34.55 -7.43 10.55
CA ARG D 28 -34.51 -6.74 11.83
C ARG D 28 -33.23 -7.10 12.61
N ARG D 29 -32.79 -8.35 12.50
CA ARG D 29 -31.51 -8.72 13.09
C ARG D 29 -30.37 -7.87 12.52
N GLU D 30 -30.38 -7.64 11.21
CA GLU D 30 -29.31 -6.86 10.61
C GLU D 30 -29.47 -5.37 10.91
N LEU D 31 -30.70 -4.87 11.11
CA LEU D 31 -30.86 -3.48 11.53
C LEU D 31 -30.30 -3.28 12.92
N ILE D 32 -30.51 -4.25 13.82
CA ILE D 32 -30.02 -4.11 15.18
C ILE D 32 -28.50 -4.08 15.18
N ILE D 33 -27.88 -4.91 14.31
CA ILE D 33 -26.44 -4.80 14.12
C ILE D 33 -26.07 -3.44 13.52
N ALA D 34 -26.73 -3.05 12.42
CA ALA D 34 -26.36 -1.81 11.76
C ALA D 34 -26.41 -0.61 12.71
N GLU D 35 -27.35 -0.63 13.67
CA GLU D 35 -27.48 0.50 14.59
C GLU D 35 -26.21 0.68 15.43
N SER D 36 -25.59 -0.43 15.85
CA SER D 36 -24.32 -0.33 16.60
C SER D 36 -23.16 0.16 15.72
N GLU D 37 -23.29 0.11 14.41
CA GLU D 37 -22.29 0.64 13.48
C GLU D 37 -22.57 2.08 13.03
N MET D 38 -23.64 2.73 13.52
CA MET D 38 -23.99 4.08 13.04
C MET D 38 -24.14 5.06 14.20
N PRO D 39 -23.04 5.40 14.88
CA PRO D 39 -23.16 6.23 16.09
C PRO D 39 -23.60 7.67 15.83
N ALA D 40 -23.21 8.29 14.70
CA ALA D 40 -23.71 9.64 14.46
C ALA D 40 -25.21 9.65 14.24
N LEU D 41 -25.70 8.70 13.45
CA LEU D 41 -27.12 8.68 13.13
C LEU D 41 -27.94 8.24 14.33
N MET D 42 -27.51 7.20 15.04
CA MET D 42 -28.22 6.84 16.27
C MET D 42 -28.09 7.93 17.34
N GLY D 43 -26.96 8.64 17.36
CA GLY D 43 -26.83 9.80 18.25
C GLY D 43 -27.87 10.87 17.97
N LEU D 44 -28.11 11.19 16.69
CA LEU D 44 -29.15 12.16 16.36
C LEU D 44 -30.52 11.65 16.76
N ARG D 45 -30.75 10.35 16.56
CA ARG D 45 -32.03 9.75 16.91
C ARG D 45 -32.31 9.94 18.40
N ARG D 46 -31.30 9.68 19.24
CA ARG D 46 -31.46 9.87 20.68
C ARG D 46 -31.54 11.35 21.04
N LYS D 47 -30.72 12.19 20.42
CA LYS D 47 -30.69 13.60 20.75
C LYS D 47 -32.03 14.29 20.49
N TYR D 48 -32.65 14.03 19.36
CA TYR D 48 -33.83 14.80 18.95
C TYR D 48 -35.15 14.14 19.31
N ALA D 49 -35.13 12.96 19.94
CA ALA D 49 -36.37 12.23 20.18
C ALA D 49 -37.33 13.04 21.04
N GLY D 50 -36.81 13.71 22.08
CA GLY D 50 -37.68 14.45 22.97
C GLY D 50 -38.35 15.62 22.29
N GLN D 51 -37.64 16.28 21.38
CA GLN D 51 -38.19 17.46 20.74
C GLN D 51 -39.18 17.10 19.64
N GLN D 52 -39.00 15.96 18.99
CA GLN D 52 -39.84 15.55 17.86
C GLN D 52 -39.80 16.61 16.76
N PRO D 53 -38.60 16.96 16.24
CA PRO D 53 -38.52 18.09 15.29
C PRO D 53 -39.21 17.82 13.97
N LEU D 54 -39.47 16.57 13.61
CA LEU D 54 -40.18 16.24 12.38
C LEU D 54 -41.64 15.88 12.62
N LYS D 55 -42.22 16.28 13.76
CA LYS D 55 -43.65 16.09 13.95
C LYS D 55 -44.42 16.91 12.91
N GLY D 56 -45.27 16.25 12.13
CA GLY D 56 -45.98 16.88 11.05
C GLY D 56 -45.29 16.73 9.71
N ALA D 57 -44.03 16.32 9.70
CA ALA D 57 -43.33 16.08 8.45
C ALA D 57 -43.90 14.85 7.75
N LYS D 58 -44.12 14.97 6.44
CA LYS D 58 -44.60 13.88 5.61
C LYS D 58 -43.62 13.78 4.44
N ILE D 59 -42.69 12.82 4.53
CA ILE D 59 -41.52 12.78 3.68
C ILE D 59 -41.71 11.71 2.61
N LEU D 60 -41.62 12.12 1.34
CA LEU D 60 -41.42 11.18 0.25
C LEU D 60 -39.93 10.88 0.15
N GLY D 61 -39.55 9.62 0.32
N GLY D 61 -39.55 9.62 0.34
CA GLY D 61 -38.16 9.23 0.23
CA GLY D 61 -38.16 9.23 0.24
C GLY D 61 -37.88 8.27 -0.92
C GLY D 61 -37.91 8.29 -0.94
N CYS D 62 -36.83 8.54 -1.69
CA CYS D 62 -36.42 7.70 -2.82
C CYS D 62 -34.92 7.49 -2.70
N ILE D 63 -34.53 6.37 -2.10
CA ILE D 63 -33.11 6.04 -1.98
C ILE D 63 -32.99 4.54 -1.72
N HIS D 64 -31.95 3.95 -2.29
CA HIS D 64 -31.57 2.55 -2.17
C HIS D 64 -32.09 1.92 -0.88
N MET D 65 -33.02 0.99 -0.99
CA MET D 65 -33.66 0.39 0.18
C MET D 65 -32.77 -0.71 0.75
N THR D 66 -31.66 -0.28 1.36
CA THR D 66 -30.70 -1.14 2.04
C THR D 66 -30.95 -1.17 3.54
N ILE D 67 -30.16 -1.98 4.25
CA ILE D 67 -30.22 -1.97 5.71
C ILE D 67 -29.88 -0.59 6.26
N GLN D 68 -28.90 0.07 5.65
CA GLN D 68 -28.49 1.40 6.09
C GLN D 68 -29.62 2.41 5.91
N THR D 69 -30.30 2.34 4.78
CA THR D 69 -31.48 3.19 4.59
C THR D 69 -32.58 2.88 5.60
N GLY D 70 -32.70 1.63 6.02
CA GLY D 70 -33.65 1.31 7.06
C GLY D 70 -33.39 2.06 8.36
N VAL D 71 -32.12 2.17 8.76
CA VAL D 71 -31.82 2.90 9.99
C VAL D 71 -32.14 4.39 9.82
N LEU D 72 -31.93 4.93 8.63
CA LEU D 72 -32.32 6.32 8.37
C LEU D 72 -33.83 6.49 8.45
N ILE D 73 -34.59 5.60 7.81
CA ILE D 73 -36.04 5.70 7.82
C ILE D 73 -36.56 5.68 9.26
N GLU D 74 -36.06 4.75 10.07
CA GLU D 74 -36.59 4.65 11.42
C GLU D 74 -36.10 5.79 12.31
N THR D 75 -34.98 6.44 11.96
CA THR D 75 -34.62 7.68 12.65
C THR D 75 -35.61 8.79 12.31
N LEU D 76 -35.95 8.98 11.03
CA LEU D 76 -36.94 10.00 10.66
C LEU D 76 -38.27 9.77 11.36
N VAL D 77 -38.76 8.52 11.37
CA VAL D 77 -40.02 8.21 12.06
C VAL D 77 -39.89 8.47 13.56
N ALA D 78 -38.76 8.06 14.16
CA ALA D 78 -38.54 8.26 15.59
C ALA D 78 -38.54 9.73 15.97
N LEU D 79 -38.16 10.62 15.05
CA LEU D 79 -38.21 12.06 15.28
C LEU D 79 -39.55 12.67 14.90
N GLY D 80 -40.54 11.86 14.52
CA GLY D 80 -41.92 12.33 14.33
C GLY D 80 -42.44 12.29 12.90
N ALA D 81 -41.59 12.00 11.92
CA ALA D 81 -42.06 12.04 10.54
C ALA D 81 -42.99 10.88 10.23
N GLU D 82 -43.85 11.09 9.24
CA GLU D 82 -44.39 10.00 8.44
C GLU D 82 -43.65 9.96 7.12
N VAL D 83 -43.48 8.76 6.55
CA VAL D 83 -42.74 8.60 5.31
C VAL D 83 -43.47 7.61 4.40
N ARG D 84 -43.17 7.72 3.10
CA ARG D 84 -43.53 6.72 2.11
C ARG D 84 -42.29 6.53 1.23
N TRP D 85 -41.84 5.29 1.04
CA TRP D 85 -40.49 5.05 0.54
C TRP D 85 -40.46 4.19 -0.72
N SER D 86 -39.47 4.49 -1.58
CA SER D 86 -39.12 3.66 -2.73
C SER D 86 -37.58 3.64 -2.85
N SER D 87 -37.08 2.67 -3.59
CA SER D 87 -35.65 2.68 -3.89
C SER D 87 -35.39 3.58 -5.10
N CYS D 88 -34.14 4.06 -5.20
CA CYS D 88 -33.77 4.86 -6.36
C CYS D 88 -33.02 4.04 -7.41
N ASN D 89 -33.07 2.71 -7.31
CA ASN D 89 -32.44 1.86 -8.33
C ASN D 89 -33.11 0.50 -8.33
N ILE D 90 -33.23 -0.09 -9.53
CA ILE D 90 -33.97 -1.35 -9.64
C ILE D 90 -33.24 -2.53 -9.01
N PHE D 91 -31.94 -2.42 -8.76
CA PHE D 91 -31.16 -3.55 -8.23
C PHE D 91 -30.64 -3.33 -6.81
N SER D 92 -30.83 -2.13 -6.24
CA SER D 92 -30.08 -1.84 -5.02
C SER D 92 -30.79 -2.27 -3.75
N THR D 93 -32.07 -2.64 -3.80
CA THR D 93 -32.81 -3.00 -2.59
C THR D 93 -32.23 -4.27 -1.97
N GLN D 94 -32.09 -4.28 -0.63
CA GLN D 94 -31.92 -5.52 0.10
C GLN D 94 -33.30 -5.97 0.54
N ASP D 95 -33.75 -7.13 0.04
CA ASP D 95 -35.12 -7.53 0.30
C ASP D 95 -35.43 -7.70 1.78
N GLN D 96 -34.45 -8.11 2.60
CA GLN D 96 -34.75 -8.26 4.03
C GLN D 96 -34.89 -6.89 4.71
N ALA D 97 -34.19 -5.88 4.21
CA ALA D 97 -34.36 -4.52 4.74
C ALA D 97 -35.74 -3.98 4.39
N ALA D 98 -36.17 -4.16 3.14
CA ALA D 98 -37.51 -3.72 2.74
C ALA D 98 -38.59 -4.42 3.55
N ALA D 99 -38.45 -5.75 3.75
CA ALA D 99 -39.41 -6.49 4.56
C ALA D 99 -39.50 -5.95 6.00
N ALA D 100 -38.36 -5.74 6.66
CA ALA D 100 -38.38 -5.26 8.04
C ALA D 100 -39.08 -3.90 8.14
N ILE D 101 -38.86 -3.03 7.16
CA ILE D 101 -39.50 -1.71 7.20
C ILE D 101 -41.01 -1.82 7.01
N ALA D 102 -41.45 -2.62 6.02
CA ALA D 102 -42.88 -2.87 5.86
C ALA D 102 -43.49 -3.53 7.10
N ALA D 103 -42.78 -4.49 7.69
CA ALA D 103 -43.34 -5.17 8.86
C ALA D 103 -43.40 -4.26 10.06
N ALA D 104 -42.72 -3.11 10.03
CA ALA D 104 -42.82 -2.08 11.05
C ALA D 104 -43.96 -1.11 10.80
N GLY D 105 -44.76 -1.33 9.75
CA GLY D 105 -45.90 -0.47 9.49
C GLY D 105 -45.58 0.76 8.66
N ILE D 106 -44.52 0.71 7.88
CA ILE D 106 -44.03 1.87 7.13
C ILE D 106 -44.20 1.59 5.65
N PRO D 107 -44.87 2.46 4.89
CA PRO D 107 -45.08 2.22 3.45
C PRO D 107 -43.77 2.23 2.69
N VAL D 108 -43.45 1.10 2.05
CA VAL D 108 -42.22 0.97 1.27
C VAL D 108 -42.54 0.14 0.04
N PHE D 109 -42.03 0.56 -1.12
CA PHE D 109 -42.32 -0.13 -2.38
C PHE D 109 -40.98 -0.34 -3.05
N ALA D 110 -40.42 -1.55 -2.92
CA ALA D 110 -39.03 -1.78 -3.31
C ALA D 110 -38.71 -3.27 -3.28
N TRP D 111 -38.05 -3.73 -4.33
CA TRP D 111 -37.46 -5.05 -4.31
C TRP D 111 -36.27 -5.06 -5.26
N LYS D 112 -35.37 -6.01 -5.01
CA LYS D 112 -34.21 -6.22 -5.87
C LYS D 112 -34.64 -6.87 -7.16
N GLY D 113 -34.25 -6.25 -8.28
CA GLY D 113 -34.62 -6.76 -9.58
C GLY D 113 -35.94 -6.25 -10.15
N GLU D 114 -36.32 -5.01 -9.85
CA GLU D 114 -37.48 -4.40 -10.48
C GLU D 114 -37.27 -4.24 -12.00
N THR D 115 -38.37 -4.26 -12.75
CA THR D 115 -38.33 -3.76 -14.11
C THR D 115 -38.39 -2.23 -14.09
N GLU D 116 -38.15 -1.61 -15.25
CA GLU D 116 -38.26 -0.16 -15.33
C GLU D 116 -39.68 0.31 -15.04
N GLU D 117 -40.66 -0.42 -15.54
CA GLU D 117 -42.04 -0.05 -15.27
C GLU D 117 -42.39 -0.22 -13.79
N GLU D 118 -41.91 -1.30 -13.15
CA GLU D 118 -42.09 -1.45 -11.71
C GLU D 118 -41.40 -0.35 -10.92
N TYR D 119 -40.22 0.08 -11.38
CA TYR D 119 -39.49 1.17 -10.72
C TYR D 119 -40.34 2.44 -10.66
N GLU D 120 -40.96 2.81 -11.79
CA GLU D 120 -41.80 4.00 -11.79
CA GLU D 120 -41.81 3.99 -11.80
C GLU D 120 -43.07 3.77 -10.96
N TRP D 121 -43.65 2.57 -11.03
CA TRP D 121 -44.79 2.23 -10.18
C TRP D 121 -44.46 2.42 -8.70
N CYS D 122 -43.28 1.96 -8.27
CA CYS D 122 -42.93 2.10 -6.86
C CYS D 122 -42.86 3.57 -6.45
N ILE D 123 -42.23 4.42 -7.26
CA ILE D 123 -42.19 5.84 -6.90
C ILE D 123 -43.60 6.42 -6.84
N GLU D 124 -44.44 6.11 -7.83
CA GLU D 124 -45.77 6.69 -7.81
C GLU D 124 -46.62 6.15 -6.68
N GLN D 125 -46.30 4.95 -6.15
CA GLN D 125 -47.01 4.45 -4.98
C GLN D 125 -46.70 5.27 -3.72
N THR D 126 -45.50 5.84 -3.62
CA THR D 126 -45.20 6.75 -2.51
C THR D 126 -45.91 8.10 -2.69
N ILE D 127 -45.92 8.61 -3.92
CA ILE D 127 -46.57 9.88 -4.23
C ILE D 127 -48.07 9.81 -3.99
N LEU D 128 -48.70 8.71 -4.38
CA LEU D 128 -50.14 8.57 -4.30
C LEU D 128 -50.50 7.77 -3.06
N LYS D 129 -51.60 8.16 -2.42
CA LYS D 129 -52.17 7.42 -1.30
C LYS D 129 -53.67 7.39 -1.51
N ASP D 130 -54.22 6.19 -1.56
CA ASP D 130 -55.65 5.99 -1.80
C ASP D 130 -56.10 6.61 -3.12
N GLY D 131 -55.23 6.61 -4.14
CA GLY D 131 -55.60 7.08 -5.45
C GLY D 131 -55.44 8.57 -5.69
N GLN D 132 -55.04 9.34 -4.70
CA GLN D 132 -54.84 10.77 -4.81
C GLN D 132 -53.49 11.15 -4.24
N PRO D 133 -52.94 12.30 -4.63
CA PRO D 133 -51.64 12.73 -4.09
C PRO D 133 -51.68 12.81 -2.57
N TRP D 134 -50.70 12.16 -1.95
CA TRP D 134 -50.45 12.30 -0.51
C TRP D 134 -50.20 13.76 -0.16
N ASP D 135 -50.52 14.15 1.07
CA ASP D 135 -50.21 15.50 1.53
C ASP D 135 -48.74 15.60 2.00
N ALA D 136 -47.83 15.25 1.09
CA ALA D 136 -46.39 15.35 1.36
C ALA D 136 -45.96 16.80 1.55
N ASN D 137 -44.97 17.00 2.44
CA ASN D 137 -44.40 18.34 2.60
C ASN D 137 -42.87 18.32 2.66
N MET D 138 -42.23 17.17 2.41
CA MET D 138 -40.78 17.03 2.43
C MET D 138 -40.38 15.96 1.41
N VAL D 139 -39.20 16.12 0.82
CA VAL D 139 -38.65 15.17 -0.15
C VAL D 139 -37.23 14.81 0.26
N LEU D 140 -36.92 13.51 0.28
CA LEU D 140 -35.56 13.02 0.40
C LEU D 140 -35.26 12.18 -0.84
N ASP D 141 -34.21 12.54 -1.58
CA ASP D 141 -33.99 11.99 -2.91
C ASP D 141 -32.52 11.63 -3.07
N ASP D 142 -32.27 10.66 -3.93
CA ASP D 142 -30.93 10.18 -4.22
C ASP D 142 -30.90 9.99 -5.74
N GLY D 143 -30.41 11.00 -6.46
CA GLY D 143 -30.25 10.98 -7.91
C GLY D 143 -31.25 11.86 -8.65
N GLY D 144 -32.27 12.38 -7.97
CA GLY D 144 -33.20 13.33 -8.56
C GLY D 144 -34.40 12.77 -9.31
N ASP D 145 -34.60 11.44 -9.32
CA ASP D 145 -35.74 10.89 -10.06
C ASP D 145 -37.06 11.28 -9.41
N LEU D 146 -37.13 11.20 -8.07
CA LEU D 146 -38.37 11.59 -7.40
C LEU D 146 -38.63 13.09 -7.57
N THR D 147 -37.58 13.90 -7.42
CA THR D 147 -37.67 15.34 -7.67
C THR D 147 -38.20 15.61 -9.06
N GLU D 148 -37.67 14.88 -10.06
CA GLU D 148 -38.06 15.12 -11.45
C GLU D 148 -39.52 14.80 -11.68
N ILE D 149 -39.98 13.63 -11.19
CA ILE D 149 -41.38 13.22 -11.38
C ILE D 149 -42.32 14.23 -10.72
N LEU D 150 -42.00 14.66 -9.50
CA LEU D 150 -42.79 15.71 -8.85
C LEU D 150 -42.90 16.96 -9.72
N HIS D 151 -41.76 17.45 -10.25
CA HIS D 151 -41.80 18.69 -11.03
C HIS D 151 -42.52 18.49 -12.36
N LYS D 152 -42.39 17.32 -12.98
CA LYS D 152 -42.95 17.16 -14.32
C LYS D 152 -44.39 16.65 -14.32
N LYS D 153 -44.74 15.79 -13.36
CA LYS D 153 -46.04 15.11 -13.37
C LYS D 153 -46.95 15.50 -12.22
N TYR D 154 -46.42 15.97 -11.09
CA TYR D 154 -47.25 16.34 -9.94
C TYR D 154 -46.90 17.73 -9.39
N PRO D 155 -46.81 18.75 -10.27
CA PRO D 155 -46.27 20.03 -9.80
C PRO D 155 -47.12 20.71 -8.73
N GLN D 156 -48.43 20.47 -8.71
CA GLN D 156 -49.25 21.05 -7.65
C GLN D 156 -48.81 20.58 -6.27
N MET D 157 -48.27 19.35 -6.17
CA MET D 157 -47.82 18.86 -4.87
C MET D 157 -46.68 19.70 -4.31
N LEU D 158 -45.85 20.30 -5.18
CA LEU D 158 -44.71 21.08 -4.72
C LEU D 158 -45.14 22.35 -4.02
N GLU D 159 -46.38 22.79 -4.21
CA GLU D 159 -46.90 23.93 -3.47
C GLU D 159 -46.92 23.68 -1.97
N ARG D 160 -46.93 22.43 -1.54
CA ARG D 160 -47.02 22.11 -0.12
C ARG D 160 -45.71 21.65 0.47
N ILE D 161 -44.67 21.55 -0.35
CA ILE D 161 -43.43 20.91 0.06
C ILE D 161 -42.41 21.97 0.47
N HIS D 162 -41.82 21.78 1.66
CA HIS D 162 -40.90 22.76 2.23
C HIS D 162 -39.48 22.64 1.68
N GLY D 163 -39.10 21.49 1.13
CA GLY D 163 -37.77 21.38 0.55
C GLY D 163 -37.42 19.96 0.16
N ILE D 164 -36.23 19.85 -0.42
CA ILE D 164 -35.62 18.61 -0.90
C ILE D 164 -34.25 18.45 -0.26
N THR D 165 -33.93 17.26 0.23
CA THR D 165 -32.57 16.99 0.69
C THR D 165 -32.00 15.93 -0.24
N GLU D 166 -30.98 16.30 -1.01
CA GLU D 166 -30.53 15.47 -2.13
C GLU D 166 -29.19 14.83 -1.79
N GLU D 167 -29.12 13.51 -1.94
CA GLU D 167 -28.00 12.67 -1.50
C GLU D 167 -26.75 12.76 -2.38
N THR D 168 -26.88 12.87 -3.70
CA THR D 168 -25.73 12.46 -4.51
C THR D 168 -25.38 13.49 -5.59
N THR D 169 -24.15 13.36 -6.11
CA THR D 169 -23.61 14.33 -7.06
C THR D 169 -24.54 14.55 -8.25
N THR D 170 -24.97 13.46 -8.89
CA THR D 170 -25.84 13.58 -10.05
C THR D 170 -27.13 14.35 -9.74
N GLY D 171 -27.76 14.05 -8.61
CA GLY D 171 -28.99 14.75 -8.28
C GLY D 171 -28.75 16.23 -7.98
N VAL D 172 -27.62 16.55 -7.34
CA VAL D 172 -27.29 17.95 -7.10
C VAL D 172 -27.11 18.69 -8.42
N HIS D 173 -26.45 18.06 -9.39
CA HIS D 173 -26.32 18.71 -10.69
C HIS D 173 -27.69 18.99 -11.32
N ARG D 174 -28.63 18.05 -11.19
CA ARG D 174 -29.95 18.28 -11.76
C ARG D 174 -30.69 19.41 -11.05
N LEU D 175 -30.53 19.50 -9.72
CA LEU D 175 -31.07 20.64 -8.97
C LEU D 175 -30.48 21.96 -9.47
N LEU D 176 -29.16 22.01 -9.64
CA LEU D 176 -28.53 23.27 -10.06
C LEU D 176 -28.94 23.67 -11.47
N ASP D 177 -29.12 22.69 -12.37
CA ASP D 177 -29.64 23.01 -13.68
CA ASP D 177 -29.67 22.99 -13.69
C ASP D 177 -31.06 23.57 -13.58
N MET D 178 -31.90 22.99 -12.73
CA MET D 178 -33.25 23.52 -12.56
C MET D 178 -33.20 24.94 -12.01
N LEU D 179 -32.38 25.16 -10.98
CA LEU D 179 -32.29 26.50 -10.39
C LEU D 179 -31.81 27.52 -11.43
N LYS D 180 -30.79 27.16 -12.22
CA LYS D 180 -30.30 28.06 -13.26
C LYS D 180 -31.37 28.38 -14.28
N ASN D 181 -32.26 27.43 -14.60
CA ASN D 181 -33.32 27.64 -15.59
C ASN D 181 -34.63 28.18 -15.01
N GLY D 182 -34.70 28.40 -13.71
CA GLY D 182 -35.91 28.93 -13.10
C GLY D 182 -37.01 27.91 -12.88
N THR D 183 -36.70 26.62 -12.99
CA THR D 183 -37.73 25.60 -12.90
C THR D 183 -37.73 24.86 -11.57
N LEU D 184 -36.78 25.15 -10.68
CA LEU D 184 -36.80 24.56 -9.35
C LEU D 184 -37.88 25.24 -8.52
N LYS D 185 -38.78 24.43 -7.93
CA LYS D 185 -39.96 24.99 -7.29
C LYS D 185 -39.84 25.09 -5.77
N VAL D 186 -38.90 24.37 -5.16
CA VAL D 186 -38.71 24.38 -3.72
C VAL D 186 -37.22 24.36 -3.40
N PRO D 187 -36.83 24.83 -2.22
CA PRO D 187 -35.41 24.88 -1.88
C PRO D 187 -34.85 23.49 -1.59
N ALA D 188 -33.52 23.40 -1.66
CA ALA D 188 -32.88 22.11 -1.47
C ALA D 188 -31.63 22.30 -0.62
N ILE D 189 -31.28 21.23 0.08
CA ILE D 189 -29.97 21.10 0.71
C ILE D 189 -29.19 20.03 -0.03
N ASN D 190 -28.01 20.39 -0.48
CA ASN D 190 -27.06 19.51 -1.15
C ASN D 190 -26.33 18.76 -0.03
N VAL D 191 -26.85 17.57 0.30
CA VAL D 191 -26.25 16.70 1.31
C VAL D 191 -24.91 16.14 0.80
N ASN D 192 -24.80 15.95 -0.52
CA ASN D 192 -23.56 15.40 -1.09
C ASN D 192 -22.32 16.13 -0.58
N ASP D 193 -22.36 17.46 -0.55
CA ASP D 193 -21.13 18.20 -0.33
C ASP D 193 -20.77 18.46 1.14
N SER D 194 -21.47 17.86 2.11
CA SER D 194 -20.85 17.77 3.43
C SER D 194 -19.57 16.95 3.29
N VAL D 195 -18.51 17.34 4.03
CA VAL D 195 -17.27 16.58 3.94
C VAL D 195 -17.51 15.16 4.44
N THR D 196 -18.33 15.04 5.49
CA THR D 196 -18.65 13.72 6.04
C THR D 196 -19.59 12.92 5.15
N LYS D 197 -19.98 13.49 4.00
CA LYS D 197 -20.67 12.72 2.98
C LYS D 197 -19.69 12.55 1.81
N SER D 198 -19.40 13.62 1.07
CA SER D 198 -18.63 13.49 -0.17
C SER D 198 -17.30 12.76 0.03
N LYS D 199 -16.51 13.16 1.04
CA LYS D 199 -15.17 12.61 1.16
C LYS D 199 -15.14 11.45 2.12
N ASN D 200 -16.28 10.78 2.27
CA ASN D 200 -16.47 9.62 3.13
C ASN D 200 -17.21 8.54 2.34
N ASP D 201 -18.50 8.80 2.09
CA ASP D 201 -19.36 7.99 1.23
C ASP D 201 -18.78 7.85 -0.18
N ASN D 202 -18.65 8.97 -0.92
CA ASN D 202 -18.32 8.86 -2.34
C ASN D 202 -16.97 8.19 -2.56
N LYS D 203 -16.00 8.46 -1.69
CA LYS D 203 -14.65 7.91 -1.85
C LYS D 203 -14.46 6.61 -1.08
N TYR D 204 -14.47 6.69 0.26
CA TYR D 204 -14.16 5.47 1.04
C TYR D 204 -15.22 4.39 0.89
N GLY D 205 -16.47 4.79 0.66
CA GLY D 205 -17.51 3.80 0.43
C GLY D 205 -17.27 2.99 -0.82
N CYS D 206 -16.87 3.65 -1.92
CA CYS D 206 -16.53 2.90 -3.13
C CYS D 206 -15.25 2.08 -2.95
N ARG D 207 -14.30 2.54 -2.11
CA ARG D 207 -13.12 1.73 -1.83
C ARG D 207 -13.50 0.38 -1.22
N HIS D 208 -14.43 0.40 -0.26
CA HIS D 208 -14.94 -0.81 0.38
C HIS D 208 -15.74 -1.67 -0.57
N SER D 209 -16.67 -1.07 -1.33
CA SER D 209 -17.70 -1.88 -1.97
C SER D 209 -17.48 -2.17 -3.44
N LEU D 210 -16.56 -1.49 -4.15
CA LEU D 210 -16.33 -1.85 -5.55
C LEU D 210 -15.69 -3.23 -5.68
N ASN D 211 -14.54 -3.49 -5.02
CA ASN D 211 -13.96 -4.82 -5.17
CA ASN D 211 -13.94 -4.81 -5.15
C ASN D 211 -14.85 -5.87 -4.53
N ASP D 212 -15.64 -5.46 -3.53
CA ASP D 212 -16.60 -6.37 -2.92
C ASP D 212 -17.60 -6.88 -3.97
N ALA D 213 -18.13 -5.96 -4.81
CA ALA D 213 -19.10 -6.36 -5.81
C ALA D 213 -18.47 -7.19 -6.90
N ILE D 214 -17.25 -6.85 -7.31
CA ILE D 214 -16.62 -7.59 -8.39
C ILE D 214 -16.34 -9.02 -7.94
N LYS D 215 -15.87 -9.19 -6.70
CA LYS D 215 -15.68 -10.54 -6.17
C LYS D 215 -16.98 -11.33 -6.12
N ARG D 216 -18.05 -10.73 -5.58
CA ARG D 216 -19.30 -11.49 -5.45
C ARG D 216 -19.84 -11.88 -6.81
N GLY D 217 -19.67 -11.00 -7.82
CA GLY D 217 -20.24 -11.24 -9.13
C GLY D 217 -19.44 -12.20 -9.98
N THR D 218 -18.10 -12.20 -9.84
CA THR D 218 -17.24 -12.97 -10.74
C THR D 218 -16.28 -13.92 -10.05
N ASP D 219 -15.97 -13.67 -8.77
CA ASP D 219 -14.95 -14.40 -8.02
C ASP D 219 -13.61 -14.42 -8.75
N HIS D 220 -13.37 -13.41 -9.60
CA HIS D 220 -12.12 -13.26 -10.32
C HIS D 220 -11.00 -12.79 -9.41
N LEU D 221 -9.83 -13.39 -9.58
CA LEU D 221 -8.62 -12.80 -9.03
C LEU D 221 -8.43 -11.42 -9.64
N LEU D 222 -8.16 -10.43 -8.79
CA LEU D 222 -7.83 -9.11 -9.29
C LEU D 222 -6.33 -8.84 -9.31
N SER D 223 -5.58 -9.36 -8.34
CA SER D 223 -4.14 -9.12 -8.28
C SER D 223 -3.47 -9.44 -9.61
N GLY D 224 -2.62 -8.53 -10.08
CA GLY D 224 -1.83 -8.77 -11.26
C GLY D 224 -2.53 -8.48 -12.59
N LYS D 225 -3.81 -8.16 -12.56
CA LYS D 225 -4.58 -7.90 -13.78
C LYS D 225 -4.66 -6.40 -14.03
N GLN D 226 -5.12 -6.04 -15.23
CA GLN D 226 -5.12 -4.64 -15.68
C GLN D 226 -6.51 -4.04 -15.62
N ALA D 227 -6.61 -2.87 -14.98
CA ALA D 227 -7.88 -2.17 -14.87
C ALA D 227 -7.75 -0.79 -15.52
N LEU D 228 -8.86 -0.31 -16.04
CA LEU D 228 -8.96 1.07 -16.49
C LEU D 228 -10.13 1.67 -15.73
N VAL D 229 -9.88 2.71 -14.93
CA VAL D 229 -10.93 3.44 -14.23
C VAL D 229 -11.22 4.72 -15.00
N ILE D 230 -12.48 4.90 -15.41
CA ILE D 230 -12.86 6.10 -16.16
C ILE D 230 -13.34 7.12 -15.12
N GLY D 231 -12.54 8.15 -14.91
CA GLY D 231 -12.88 9.22 -13.98
C GLY D 231 -12.06 9.11 -12.69
N TYR D 232 -11.81 10.26 -12.05
CA TYR D 232 -11.00 10.31 -10.83
C TYR D 232 -11.47 11.47 -9.93
N GLY D 233 -12.79 11.67 -9.88
CA GLY D 233 -13.44 12.45 -8.83
C GLY D 233 -13.51 11.62 -7.55
N ASP D 234 -14.48 11.86 -6.67
CA ASP D 234 -14.44 11.13 -5.39
C ASP D 234 -14.68 9.63 -5.59
N VAL D 235 -15.63 9.28 -6.43
CA VAL D 235 -15.93 7.87 -6.71
C VAL D 235 -14.75 7.22 -7.45
N GLY D 236 -14.20 7.94 -8.45
CA GLY D 236 -13.05 7.41 -9.16
C GLY D 236 -11.82 7.21 -8.28
N LYS D 237 -11.59 8.13 -7.33
CA LYS D 237 -10.48 7.97 -6.39
C LYS D 237 -10.67 6.72 -5.53
N GLY D 238 -11.86 6.58 -4.95
CA GLY D 238 -12.12 5.42 -4.10
C GLY D 238 -12.10 4.11 -4.87
N SER D 239 -12.64 4.13 -6.07
CA SER D 239 -12.65 2.94 -6.94
C SER D 239 -11.24 2.52 -7.32
N SER D 240 -10.42 3.47 -7.79
CA SER D 240 -9.04 3.16 -8.14
C SER D 240 -8.31 2.56 -6.94
N GLN D 241 -8.55 3.08 -5.74
CA GLN D 241 -7.92 2.49 -4.56
C GLN D 241 -8.46 1.09 -4.26
N SER D 242 -9.78 0.89 -4.38
CA SER D 242 -10.38 -0.43 -4.24
C SER D 242 -9.63 -1.47 -5.08
N LEU D 243 -9.26 -1.11 -6.30
CA LEU D 243 -8.64 -2.09 -7.18
C LEU D 243 -7.12 -2.17 -6.95
N ARG D 244 -6.47 -1.01 -6.75
CA ARG D 244 -5.02 -1.01 -6.54
C ARG D 244 -4.64 -1.73 -5.25
N GLN D 245 -5.46 -1.63 -4.20
CA GLN D 245 -5.10 -2.31 -2.95
C GLN D 245 -5.24 -3.82 -3.07
N GLU D 246 -6.00 -4.30 -4.06
CA GLU D 246 -6.05 -5.73 -4.35
C GLU D 246 -4.85 -6.19 -5.20
N GLY D 247 -4.01 -5.27 -5.67
CA GLY D 247 -2.91 -5.65 -6.55
C GLY D 247 -3.20 -5.49 -8.04
N MET D 248 -4.30 -4.88 -8.43
CA MET D 248 -4.52 -4.62 -9.86
C MET D 248 -3.53 -3.56 -10.33
N ILE D 249 -3.17 -3.63 -11.61
CA ILE D 249 -2.43 -2.57 -12.27
C ILE D 249 -3.50 -1.64 -12.85
N VAL D 250 -3.66 -0.46 -12.22
CA VAL D 250 -4.76 0.44 -12.51
C VAL D 250 -4.25 1.62 -13.36
N LYS D 251 -4.92 1.85 -14.48
CA LYS D 251 -4.77 3.06 -15.29
C LYS D 251 -6.04 3.90 -15.14
N VAL D 252 -5.87 5.23 -15.25
CA VAL D 252 -6.95 6.17 -14.95
C VAL D 252 -7.15 7.10 -16.14
N ALA D 253 -8.42 7.33 -16.50
CA ALA D 253 -8.76 8.29 -17.53
C ALA D 253 -9.49 9.45 -16.88
N GLU D 254 -9.25 10.66 -17.41
CA GLU D 254 -9.89 11.86 -16.86
C GLU D 254 -9.99 12.90 -17.96
N VAL D 255 -11.03 13.74 -17.89
CA VAL D 255 -11.08 14.98 -18.66
C VAL D 255 -10.64 16.20 -17.85
N ASP D 256 -10.54 16.07 -16.51
CA ASP D 256 -10.19 17.18 -15.64
C ASP D 256 -8.70 17.06 -15.31
N PRO D 257 -7.85 17.96 -15.79
CA PRO D 257 -6.40 17.81 -15.58
C PRO D 257 -5.99 17.91 -14.13
N ILE D 258 -6.78 18.58 -13.28
CA ILE D 258 -6.46 18.61 -11.86
C ILE D 258 -6.68 17.22 -11.24
N CYS D 259 -7.85 16.62 -11.49
CA CYS D 259 -8.03 15.23 -11.04
C CYS D 259 -7.02 14.29 -11.70
N ALA D 260 -6.65 14.54 -12.96
CA ALA D 260 -5.62 13.70 -13.58
C ALA D 260 -4.27 13.88 -12.87
N MET D 261 -3.95 15.11 -12.45
N MET D 261 -3.95 15.11 -12.46
CA MET D 261 -2.72 15.36 -11.71
CA MET D 261 -2.70 15.34 -11.72
C MET D 261 -2.70 14.54 -10.42
C MET D 261 -2.70 14.52 -10.44
N GLN D 262 -3.82 14.50 -9.70
CA GLN D 262 -3.91 13.70 -8.49
C GLN D 262 -3.65 12.21 -8.78
N ALA D 263 -4.27 11.69 -9.84
CA ALA D 263 -4.03 10.29 -10.22
C ALA D 263 -2.55 10.02 -10.44
N CYS D 264 -1.83 10.90 -11.15
CA CYS D 264 -0.39 10.68 -11.36
C CYS D 264 0.33 10.66 -10.03
N MET D 265 0.05 11.66 -9.17
CA MET D 265 0.75 11.73 -7.88
C MET D 265 0.40 10.54 -7.00
N ASP D 266 -0.81 9.99 -7.13
CA ASP D 266 -1.23 8.81 -6.37
C ASP D 266 -0.67 7.50 -6.93
N GLY D 267 0.12 7.57 -7.99
CA GLY D 267 0.84 6.40 -8.49
C GLY D 267 0.18 5.66 -9.63
N PHE D 268 -0.77 6.29 -10.33
CA PHE D 268 -1.43 5.69 -11.48
C PHE D 268 -0.95 6.30 -12.78
N GLU D 269 -0.92 5.48 -13.82
CA GLU D 269 -0.67 5.95 -15.17
C GLU D 269 -1.99 6.53 -15.75
N VAL D 270 -1.95 7.75 -16.28
CA VAL D 270 -3.16 8.39 -16.78
C VAL D 270 -3.19 8.20 -18.29
N VAL D 271 -4.28 7.62 -18.80
CA VAL D 271 -4.37 7.25 -20.22
C VAL D 271 -5.75 7.64 -20.74
N SER D 272 -5.86 7.70 -22.06
CA SER D 272 -7.16 7.91 -22.68
C SER D 272 -7.55 6.72 -23.57
N PRO D 273 -8.84 6.31 -23.57
CA PRO D 273 -9.29 5.30 -24.56
C PRO D 273 -9.09 5.73 -26.00
N TYR D 274 -8.86 7.02 -26.25
CA TYR D 274 -8.79 7.56 -27.58
C TYR D 274 -7.39 8.07 -27.85
N LYS D 275 -6.91 7.90 -29.09
CA LYS D 275 -5.60 8.39 -29.48
C LYS D 275 -5.56 9.91 -29.28
N ASN D 276 -4.56 10.36 -28.51
CA ASN D 276 -4.38 11.76 -28.11
C ASN D 276 -5.59 12.32 -27.37
N GLY D 277 -6.40 11.46 -26.76
CA GLY D 277 -7.57 11.93 -26.04
C GLY D 277 -8.72 12.47 -26.86
N ILE D 278 -8.71 12.30 -28.18
CA ILE D 278 -9.68 12.91 -29.06
C ILE D 278 -10.65 11.83 -29.55
N ASN D 279 -11.90 11.94 -29.10
CA ASN D 279 -13.02 11.03 -29.33
C ASN D 279 -13.75 11.59 -30.55
N ASP D 280 -13.35 11.12 -31.76
CA ASP D 280 -14.01 11.56 -33.00
C ASP D 280 -15.13 10.62 -33.44
N GLY D 281 -15.53 9.65 -32.62
CA GLY D 281 -16.62 8.77 -32.93
C GLY D 281 -16.31 7.62 -33.88
N THR D 282 -15.11 7.56 -34.44
CA THR D 282 -14.76 6.48 -35.35
C THR D 282 -13.91 5.44 -34.63
N GLU D 283 -13.89 4.24 -35.21
CA GLU D 283 -13.06 3.19 -34.62
C GLU D 283 -11.59 3.53 -34.71
N ALA D 284 -11.20 4.35 -35.70
CA ALA D 284 -9.80 4.71 -35.86
C ALA D 284 -9.29 5.51 -34.68
N SER D 285 -10.17 6.23 -33.98
CA SER D 285 -9.73 7.01 -32.83
C SER D 285 -9.47 6.15 -31.59
N ILE D 286 -9.90 4.88 -31.58
CA ILE D 286 -9.75 4.07 -30.37
C ILE D 286 -8.30 3.62 -30.22
N ASP D 287 -7.78 3.69 -29.00
CA ASP D 287 -6.48 3.07 -28.72
C ASP D 287 -6.68 1.57 -28.53
N ALA D 288 -6.65 0.85 -29.65
CA ALA D 288 -6.95 -0.58 -29.63
C ALA D 288 -5.88 -1.36 -28.89
N ALA D 289 -4.61 -0.94 -28.99
CA ALA D 289 -3.56 -1.64 -28.25
C ALA D 289 -3.81 -1.54 -26.75
N LEU D 290 -4.17 -0.36 -26.27
CA LEU D 290 -4.48 -0.19 -24.84
C LEU D 290 -5.68 -1.02 -24.42
N LEU D 291 -6.82 -0.88 -25.14
CA LEU D 291 -8.03 -1.51 -24.64
C LEU D 291 -7.95 -3.03 -24.76
N GLY D 292 -7.17 -3.52 -25.72
CA GLY D 292 -6.97 -4.96 -25.87
C GLY D 292 -6.18 -5.61 -24.73
N LYS D 293 -5.64 -4.82 -23.81
CA LYS D 293 -4.92 -5.34 -22.64
C LYS D 293 -5.68 -5.14 -21.34
N ILE D 294 -6.91 -4.64 -21.38
CA ILE D 294 -7.62 -4.28 -20.16
C ILE D 294 -8.54 -5.43 -19.76
N ASP D 295 -8.41 -5.87 -18.50
CA ASP D 295 -9.21 -6.96 -17.93
C ASP D 295 -10.48 -6.49 -17.23
N LEU D 296 -10.56 -5.21 -16.89
CA LEU D 296 -11.65 -4.67 -16.09
C LEU D 296 -11.77 -3.19 -16.41
N ILE D 297 -12.97 -2.72 -16.76
CA ILE D 297 -13.21 -1.30 -16.94
C ILE D 297 -14.32 -0.89 -15.99
N VAL D 298 -14.10 0.21 -15.25
CA VAL D 298 -15.06 0.73 -14.27
C VAL D 298 -15.32 2.20 -14.62
N THR D 299 -16.59 2.56 -14.84
CA THR D 299 -16.94 3.97 -15.07
C THR D 299 -17.43 4.61 -13.77
N THR D 300 -17.00 5.85 -13.53
CA THR D 300 -17.23 6.53 -12.26
C THR D 300 -17.63 8.00 -12.44
N THR D 301 -18.16 8.37 -13.61
CA THR D 301 -18.13 9.77 -14.02
C THR D 301 -19.39 10.56 -13.70
N GLY D 302 -20.58 9.94 -13.69
CA GLY D 302 -21.79 10.76 -13.77
C GLY D 302 -22.03 11.40 -15.13
N ASN D 303 -21.27 11.00 -16.15
CA ASN D 303 -21.38 11.50 -17.51
C ASN D 303 -21.99 10.40 -18.39
N VAL D 304 -22.11 10.69 -19.68
CA VAL D 304 -22.83 9.81 -20.61
C VAL D 304 -21.82 9.21 -21.59
N ASN D 305 -21.94 7.90 -21.80
CA ASN D 305 -21.25 7.21 -22.87
C ASN D 305 -19.74 7.32 -22.76
N VAL D 306 -19.22 7.09 -21.54
CA VAL D 306 -17.78 7.15 -21.36
C VAL D 306 -17.13 5.78 -21.53
N CYS D 307 -17.92 4.73 -21.66
CA CYS D 307 -17.46 3.42 -22.15
C CYS D 307 -18.34 3.11 -23.37
N ASP D 308 -17.90 3.55 -24.55
CA ASP D 308 -18.82 3.62 -25.67
C ASP D 308 -18.71 2.36 -26.52
N ALA D 309 -19.51 2.29 -27.58
CA ALA D 309 -19.60 1.09 -28.41
C ALA D 309 -18.24 0.71 -29.01
N ASN D 310 -17.49 1.71 -29.50
CA ASN D 310 -16.19 1.43 -30.09
C ASN D 310 -15.18 0.91 -29.05
N MET D 311 -15.26 1.42 -27.81
CA MET D 311 -14.44 0.84 -26.74
C MET D 311 -14.86 -0.59 -26.43
N LEU D 312 -16.17 -0.84 -26.34
CA LEU D 312 -16.63 -2.18 -26.05
C LEU D 312 -16.21 -3.16 -27.14
N LYS D 313 -16.15 -2.70 -28.39
CA LYS D 313 -15.72 -3.58 -29.48
C LYS D 313 -14.23 -3.92 -29.35
N ALA D 314 -13.46 -3.05 -28.72
CA ALA D 314 -12.02 -3.18 -28.72
C ALA D 314 -11.49 -3.83 -27.44
N LEU D 315 -12.32 -3.96 -26.40
CA LEU D 315 -11.86 -4.51 -25.13
C LEU D 315 -11.31 -5.92 -25.32
N LYS D 316 -10.33 -6.25 -24.51
CA LYS D 316 -9.82 -7.62 -24.43
C LYS D 316 -10.95 -8.64 -24.24
N LYS D 317 -10.87 -9.78 -24.95
CA LYS D 317 -11.84 -10.85 -24.72
C LYS D 317 -11.94 -11.18 -23.24
N ARG D 318 -13.18 -11.38 -22.76
CA ARG D 318 -13.53 -11.78 -21.39
C ARG D 318 -13.27 -10.70 -20.34
N ALA D 319 -13.02 -9.45 -20.75
CA ALA D 319 -12.95 -8.34 -19.80
C ALA D 319 -14.28 -8.16 -19.06
N VAL D 320 -14.18 -7.69 -17.81
CA VAL D 320 -15.34 -7.32 -17.00
C VAL D 320 -15.60 -5.85 -17.22
N VAL D 321 -16.89 -5.49 -17.33
CA VAL D 321 -17.39 -4.13 -17.56
C VAL D 321 -18.39 -3.79 -16.46
N CYS D 322 -18.20 -2.66 -15.80
CA CYS D 322 -19.17 -2.28 -14.78
C CYS D 322 -19.15 -0.77 -14.60
N ASN D 323 -20.20 -0.29 -13.93
CA ASN D 323 -20.39 1.13 -13.71
C ASN D 323 -20.76 1.35 -12.26
N ILE D 324 -20.08 2.31 -11.62
CA ILE D 324 -20.39 2.65 -10.23
C ILE D 324 -20.85 4.11 -10.11
N GLY D 325 -21.06 4.79 -11.25
CA GLY D 325 -21.78 6.05 -11.26
C GLY D 325 -23.29 5.81 -11.11
N HIS D 326 -24.02 6.89 -10.92
CA HIS D 326 -25.43 6.75 -10.55
C HIS D 326 -26.28 6.07 -11.64
N PHE D 327 -26.11 6.41 -12.92
CA PHE D 327 -27.00 5.94 -13.98
C PHE D 327 -26.25 5.02 -14.92
N ASP D 328 -27.00 4.07 -15.56
CA ASP D 328 -26.38 3.05 -16.41
C ASP D 328 -25.92 3.56 -17.78
N ASN D 329 -26.29 4.77 -18.21
CA ASN D 329 -25.87 5.24 -19.53
C ASN D 329 -24.37 5.62 -19.62
N GLU D 330 -23.60 5.50 -18.53
CA GLU D 330 -22.14 5.64 -18.65
C GLU D 330 -21.57 4.66 -19.65
N ILE D 331 -22.20 3.48 -19.76
CA ILE D 331 -21.82 2.41 -20.67
C ILE D 331 -22.89 2.33 -21.72
N ASP D 332 -22.49 2.19 -22.99
CA ASP D 332 -23.48 2.04 -24.06
C ASP D 332 -24.01 0.61 -24.06
N THR D 333 -24.83 0.31 -23.03
CA THR D 333 -25.49 -1.00 -23.00
C THR D 333 -26.54 -1.11 -24.09
N ALA D 334 -27.10 0.00 -24.56
CA ALA D 334 -28.08 -0.09 -25.64
C ALA D 334 -27.45 -0.68 -26.89
N PHE D 335 -26.21 -0.28 -27.19
CA PHE D 335 -25.51 -0.89 -28.32
C PHE D 335 -25.37 -2.40 -28.12
N MET D 336 -25.04 -2.82 -26.90
CA MET D 336 -24.86 -4.25 -26.65
C MET D 336 -26.17 -5.00 -26.76
N ARG D 337 -27.27 -4.40 -26.30
CA ARG D 337 -28.57 -5.05 -26.45
C ARG D 337 -28.95 -5.19 -27.92
N LYS D 338 -28.58 -4.22 -28.74
CA LYS D 338 -28.99 -4.25 -30.14
C LYS D 338 -28.19 -5.26 -30.95
N ASN D 339 -26.92 -5.48 -30.58
CA ASN D 339 -25.98 -6.13 -31.49
C ASN D 339 -25.45 -7.47 -31.01
N TRP D 340 -25.46 -7.74 -29.71
CA TRP D 340 -24.78 -8.90 -29.15
C TRP D 340 -25.75 -9.72 -28.29
N ALA D 341 -25.47 -11.02 -28.16
CA ALA D 341 -26.32 -11.95 -27.43
C ALA D 341 -25.95 -11.97 -25.96
N TRP D 342 -26.97 -11.97 -25.10
CA TRP D 342 -26.76 -11.89 -23.65
C TRP D 342 -27.02 -13.26 -23.02
N GLU D 343 -26.06 -13.76 -22.25
CA GLU D 343 -26.19 -15.04 -21.57
C GLU D 343 -26.14 -14.77 -20.07
N GLU D 344 -27.23 -15.04 -19.37
CA GLU D 344 -27.20 -14.78 -17.93
C GLU D 344 -26.33 -15.85 -17.28
N VAL D 345 -25.36 -15.42 -16.48
CA VAL D 345 -24.61 -16.37 -15.65
C VAL D 345 -25.38 -16.65 -14.37
N LYS D 346 -25.74 -15.60 -13.68
CA LYS D 346 -26.60 -15.62 -12.51
C LYS D 346 -27.15 -14.20 -12.38
N PRO D 347 -28.06 -13.94 -11.43
CA PRO D 347 -28.65 -12.59 -11.37
C PRO D 347 -27.59 -11.49 -11.32
N GLN D 348 -27.82 -10.44 -12.11
CA GLN D 348 -26.93 -9.29 -12.24
C GLN D 348 -25.52 -9.66 -12.76
N VAL D 349 -25.38 -10.77 -13.49
CA VAL D 349 -24.12 -11.10 -14.16
C VAL D 349 -24.44 -11.68 -15.55
N HIS D 350 -24.02 -10.99 -16.61
CA HIS D 350 -24.30 -11.43 -17.96
C HIS D 350 -23.02 -11.52 -18.77
N LYS D 351 -22.89 -12.62 -19.51
CA LYS D 351 -21.92 -12.71 -20.60
C LYS D 351 -22.53 -12.08 -21.85
N ILE D 352 -21.80 -11.18 -22.48
CA ILE D 352 -22.25 -10.52 -23.71
C ILE D 352 -21.36 -11.04 -24.83
N HIS D 353 -21.93 -11.82 -25.75
CA HIS D 353 -21.17 -12.54 -26.78
C HIS D 353 -21.09 -11.66 -28.03
N ARG D 354 -19.87 -11.24 -28.37
CA ARG D 354 -19.66 -10.30 -29.47
C ARG D 354 -19.65 -10.98 -30.82
N THR D 355 -20.03 -12.26 -30.86
CA THR D 355 -20.10 -12.97 -32.12
C THR D 355 -21.35 -12.63 -32.92
N GLY D 356 -22.34 -12.02 -32.30
CA GLY D 356 -23.54 -11.69 -33.04
C GLY D 356 -24.75 -11.66 -32.12
N LYS D 357 -25.89 -11.35 -32.72
CA LYS D 357 -27.13 -11.06 -32.03
C LYS D 357 -27.97 -12.31 -31.77
N ASP D 358 -28.07 -13.19 -32.76
CA ASP D 358 -29.03 -14.29 -32.73
C ASP D 358 -28.36 -15.54 -32.17
N GLY D 359 -28.41 -15.70 -30.85
CA GLY D 359 -27.86 -16.86 -30.21
C GLY D 359 -26.35 -16.79 -30.04
N PHE D 360 -25.82 -17.77 -29.33
CA PHE D 360 -24.40 -17.82 -29.03
C PHE D 360 -23.97 -19.26 -28.82
N ASP D 361 -22.69 -19.52 -29.06
CA ASP D 361 -22.09 -20.78 -28.65
C ASP D 361 -21.81 -20.74 -27.15
N ALA D 362 -22.27 -21.77 -26.42
CA ALA D 362 -22.03 -21.80 -24.98
C ALA D 362 -20.55 -21.80 -24.63
N HIS D 363 -19.67 -22.22 -25.55
CA HIS D 363 -18.22 -22.26 -25.37
C HIS D 363 -17.49 -21.15 -26.13
N ASN D 364 -18.22 -20.16 -26.64
CA ASN D 364 -17.59 -19.00 -27.26
C ASN D 364 -16.60 -18.33 -26.30
N ASP D 365 -15.45 -17.91 -26.85
CA ASP D 365 -14.43 -17.25 -26.06
C ASP D 365 -14.48 -15.72 -26.19
N ASP D 366 -15.22 -15.20 -27.15
CA ASP D 366 -15.28 -13.76 -27.40
C ASP D 366 -16.54 -13.20 -26.74
N TYR D 367 -16.44 -12.97 -25.42
CA TYR D 367 -17.53 -12.33 -24.71
C TYR D 367 -16.95 -11.34 -23.73
N LEU D 368 -17.82 -10.46 -23.22
CA LEU D 368 -17.53 -9.60 -22.10
C LEU D 368 -18.43 -9.99 -20.93
N ILE D 369 -18.00 -9.70 -19.71
CA ILE D 369 -18.87 -9.91 -18.54
C ILE D 369 -19.34 -8.54 -18.07
N LEU D 370 -20.66 -8.31 -18.12
CA LEU D 370 -21.29 -7.09 -17.62
C LEU D 370 -21.91 -7.36 -16.25
N LEU D 371 -21.66 -6.49 -15.28
CA LEU D 371 -22.28 -6.63 -13.98
C LEU D 371 -23.45 -5.66 -13.84
N ALA D 372 -24.51 -6.13 -13.18
CA ALA D 372 -25.71 -5.36 -12.83
C ALA D 372 -26.33 -4.66 -14.04
N GLU D 373 -26.16 -5.24 -15.24
CA GLU D 373 -26.67 -4.65 -16.47
C GLU D 373 -26.24 -3.18 -16.61
N GLY D 374 -25.04 -2.86 -16.13
CA GLY D 374 -24.52 -1.49 -16.20
C GLY D 374 -25.04 -0.55 -15.11
N ARG D 375 -25.94 -0.99 -14.23
CA ARG D 375 -26.38 -0.17 -13.09
C ARG D 375 -25.32 -0.18 -11.97
N LEU D 376 -25.48 0.73 -11.00
CA LEU D 376 -24.50 0.89 -9.87
C LEU D 376 -24.05 -0.49 -9.40
N VAL D 377 -22.78 -0.79 -9.57
CA VAL D 377 -22.36 -2.18 -9.36
C VAL D 377 -22.17 -2.49 -7.88
N ASN D 378 -21.76 -1.53 -7.05
CA ASN D 378 -21.57 -1.86 -5.64
C ASN D 378 -22.89 -2.24 -4.98
N LEU D 379 -23.99 -1.58 -5.38
CA LEU D 379 -25.30 -1.88 -4.82
C LEU D 379 -25.95 -3.07 -5.53
N GLY D 380 -25.64 -3.27 -6.79
CA GLY D 380 -26.33 -4.25 -7.59
C GLY D 380 -25.79 -5.65 -7.38
N ASN D 381 -24.48 -5.77 -7.23
CA ASN D 381 -23.82 -7.06 -7.03
C ASN D 381 -23.33 -7.29 -5.61
N ALA D 382 -23.41 -6.29 -4.73
CA ALA D 382 -23.08 -6.52 -3.33
C ALA D 382 -24.10 -5.76 -2.48
N THR D 383 -23.69 -5.05 -1.41
CA THR D 383 -24.66 -4.37 -0.55
C THR D 383 -24.38 -2.87 -0.43
N GLY D 384 -23.70 -2.30 -1.39
CA GLY D 384 -23.25 -0.91 -1.32
C GLY D 384 -22.28 -0.65 -0.17
N HIS D 385 -22.30 0.60 0.28
CA HIS D 385 -21.41 1.07 1.34
C HIS D 385 -21.76 0.42 2.67
N PRO D 386 -20.77 0.24 3.56
CA PRO D 386 -21.06 -0.29 4.89
C PRO D 386 -21.72 0.74 5.82
N SER D 387 -22.40 0.21 6.82
CA SER D 387 -23.15 1.05 7.77
C SER D 387 -22.29 2.15 8.38
N ARG D 388 -21.03 1.84 8.74
CA ARG D 388 -20.25 2.85 9.44
C ARG D 388 -19.85 4.00 8.50
N ILE D 389 -19.87 3.79 7.19
CA ILE D 389 -19.68 4.89 6.24
C ILE D 389 -20.99 5.65 6.00
N MET D 390 -22.08 4.92 5.76
CA MET D 390 -23.39 5.56 5.52
C MET D 390 -23.86 6.35 6.72
N ASP D 391 -23.37 6.00 7.91
CA ASP D 391 -23.61 6.78 9.12
C ASP D 391 -23.41 8.28 8.88
N GLY D 392 -22.29 8.66 8.27
CA GLY D 392 -22.03 10.07 8.01
C GLY D 392 -23.05 10.68 7.06
N SER D 393 -23.26 10.06 5.91
CA SER D 393 -24.25 10.54 4.94
C SER D 393 -25.61 10.73 5.58
N PHE D 394 -26.08 9.74 6.35
CA PHE D 394 -27.45 9.76 6.77
C PHE D 394 -27.63 10.65 7.98
N ALA D 395 -26.61 10.81 8.84
CA ALA D 395 -26.68 11.86 9.85
C ALA D 395 -26.91 13.23 9.20
N ASN D 396 -26.15 13.51 8.13
CA ASN D 396 -26.38 14.75 7.39
C ASN D 396 -27.80 14.84 6.85
N GLN D 397 -28.32 13.74 6.27
CA GLN D 397 -29.70 13.74 5.76
C GLN D 397 -30.68 14.17 6.84
N VAL D 398 -30.53 13.63 8.07
CA VAL D 398 -31.48 13.96 9.13
C VAL D 398 -31.37 15.44 9.48
N LEU D 399 -30.15 15.95 9.58
CA LEU D 399 -29.99 17.37 9.92
C LEU D 399 -30.58 18.26 8.83
N ALA D 400 -30.42 17.85 7.57
CA ALA D 400 -30.97 18.61 6.46
C ALA D 400 -32.49 18.60 6.48
N GLN D 401 -33.11 17.44 6.74
CA GLN D 401 -34.56 17.38 6.83
C GLN D 401 -35.08 18.28 7.95
N ILE D 402 -34.45 18.20 9.13
CA ILE D 402 -34.87 19.06 10.22
C ILE D 402 -34.78 20.53 9.79
N HIS D 403 -33.67 20.93 9.18
CA HIS D 403 -33.47 22.34 8.87
C HIS D 403 -34.51 22.86 7.87
N LEU D 404 -34.79 22.09 6.80
CA LEU D 404 -35.72 22.62 5.80
C LEU D 404 -37.16 22.55 6.29
N PHE D 405 -37.52 21.49 7.00
CA PHE D 405 -38.87 21.42 7.55
C PHE D 405 -39.12 22.57 8.53
N GLU D 406 -38.12 22.97 9.31
CA GLU D 406 -38.34 24.06 10.25
C GLU D 406 -38.40 25.42 9.54
N GLN D 407 -37.71 25.59 8.41
CA GLN D 407 -37.78 26.85 7.66
C GLN D 407 -39.18 27.12 7.11
N LYS D 408 -39.94 26.07 6.82
CA LYS D 408 -41.35 26.20 6.42
C LYS D 408 -41.54 27.02 5.14
N TYR D 409 -40.68 26.79 4.15
CA TYR D 409 -40.74 27.54 2.89
C TYR D 409 -42.14 27.56 2.29
N ALA D 410 -42.86 26.44 2.35
CA ALA D 410 -44.14 26.41 1.64
C ALA D 410 -45.15 27.38 2.22
N ASP D 411 -44.88 27.93 3.40
CA ASP D 411 -45.79 28.87 4.04
C ASP D 411 -45.39 30.33 3.84
N LEU D 412 -44.17 30.62 3.34
CA LEU D 412 -43.61 31.97 3.32
C LEU D 412 -44.24 32.84 2.22
N PRO D 413 -44.29 34.17 2.43
CA PRO D 413 -44.72 35.07 1.33
C PRO D 413 -43.69 35.13 0.21
N ALA D 414 -44.18 35.57 -0.96
CA ALA D 414 -43.45 35.39 -2.21
C ALA D 414 -42.06 36.02 -2.18
N ALA D 415 -41.96 37.23 -1.61
CA ALA D 415 -40.64 37.86 -1.56
C ALA D 415 -39.67 37.08 -0.66
N GLU D 416 -40.17 36.51 0.45
CA GLU D 416 -39.29 35.72 1.30
C GLU D 416 -38.94 34.39 0.66
N LYS D 417 -39.85 33.82 -0.14
CA LYS D 417 -39.51 32.63 -0.91
C LYS D 417 -38.32 32.90 -1.81
N ALA D 418 -38.38 34.01 -2.56
CA ALA D 418 -37.33 34.36 -3.50
C ALA D 418 -35.98 34.45 -2.80
N LYS D 419 -35.94 35.00 -1.58
CA LYS D 419 -34.68 35.07 -0.86
C LYS D 419 -34.15 33.67 -0.54
N ARG D 420 -35.03 32.69 -0.38
CA ARG D 420 -34.65 31.37 0.11
C ARG D 420 -34.71 30.27 -0.94
N LEU D 421 -35.14 30.57 -2.18
CA LEU D 421 -35.14 29.56 -3.23
C LEU D 421 -33.71 29.33 -3.67
N SER D 422 -33.07 28.32 -3.09
CA SER D 422 -31.64 28.11 -3.26
C SER D 422 -31.31 26.64 -3.05
N VAL D 423 -30.10 26.26 -3.45
CA VAL D 423 -29.50 24.99 -3.10
C VAL D 423 -28.32 25.31 -2.18
N GLU D 424 -28.39 24.85 -0.94
CA GLU D 424 -27.41 25.17 0.08
C GLU D 424 -26.81 23.90 0.65
N VAL D 425 -25.70 24.05 1.36
CA VAL D 425 -25.10 22.97 2.10
C VAL D 425 -25.27 23.24 3.59
N LEU D 426 -25.05 22.20 4.39
CA LEU D 426 -25.11 22.36 5.83
C LEU D 426 -23.88 23.15 6.31
N PRO D 427 -24.01 23.87 7.42
CA PRO D 427 -22.85 24.60 7.97
C PRO D 427 -21.76 23.68 8.47
N LYS D 428 -20.51 24.17 8.40
CA LYS D 428 -19.35 23.38 8.79
C LYS D 428 -19.43 22.89 10.24
N LYS D 429 -19.98 23.71 11.14
CA LYS D 429 -20.09 23.27 12.54
C LYS D 429 -20.80 21.93 12.66
N LEU D 430 -21.87 21.74 11.87
CA LEU D 430 -22.61 20.49 11.91
C LEU D 430 -21.83 19.35 11.26
N ASP D 431 -21.17 19.64 10.12
CA ASP D 431 -20.28 18.68 9.45
C ASP D 431 -19.22 18.16 10.43
N GLU D 432 -18.66 19.06 11.24
CA GLU D 432 -17.69 18.72 12.27
C GLU D 432 -18.31 17.86 13.36
N GLU D 433 -19.53 18.20 13.80
CA GLU D 433 -20.14 17.42 14.87
C GLU D 433 -20.48 16.01 14.41
N VAL D 434 -20.89 15.84 13.16
CA VAL D 434 -21.06 14.49 12.61
C VAL D 434 -19.72 13.75 12.63
N ALA D 435 -18.66 14.40 12.17
CA ALA D 435 -17.36 13.74 12.09
C ALA D 435 -16.87 13.32 13.48
N LEU D 436 -17.14 14.15 14.50
CA LEU D 436 -16.70 13.81 15.84
C LEU D 436 -17.35 12.53 16.33
N GLU D 437 -18.66 12.35 16.08
CA GLU D 437 -19.32 11.11 16.46
C GLU D 437 -18.77 9.92 15.69
N MET D 438 -18.41 10.13 14.40
CA MET D 438 -17.80 9.05 13.61
C MET D 438 -16.43 8.66 14.19
N VAL D 439 -15.60 9.65 14.52
CA VAL D 439 -14.28 9.38 15.12
C VAL D 439 -14.41 8.58 16.40
N LYS D 440 -15.32 9.01 17.29
CA LYS D 440 -15.52 8.26 18.53
C LYS D 440 -15.94 6.82 18.25
N GLY D 441 -16.68 6.56 17.17
CA GLY D 441 -17.05 5.19 16.84
C GLY D 441 -15.86 4.29 16.55
N PHE D 442 -14.74 4.87 16.09
CA PHE D 442 -13.47 4.17 15.91
C PHE D 442 -12.64 4.10 17.18
N GLY D 443 -13.11 4.69 18.27
CA GLY D 443 -12.31 4.84 19.46
C GLY D 443 -11.24 5.90 19.34
N GLY D 444 -11.35 6.79 18.35
CA GLY D 444 -10.38 7.87 18.20
C GLY D 444 -10.57 8.92 19.27
N VAL D 445 -9.47 9.57 19.64
CA VAL D 445 -9.48 10.62 20.66
C VAL D 445 -9.00 11.90 19.97
N VAL D 446 -9.92 12.86 19.83
CA VAL D 446 -9.62 14.19 19.33
C VAL D 446 -9.04 15.03 20.47
N THR D 447 -7.98 15.77 20.16
CA THR D 447 -7.33 16.67 21.10
C THR D 447 -8.09 18.00 21.16
N GLN D 448 -8.17 18.58 22.35
CA GLN D 448 -8.76 19.88 22.55
C GLN D 448 -7.70 20.96 22.54
N LEU D 449 -7.90 21.99 21.72
CA LEU D 449 -7.05 23.18 21.73
C LEU D 449 -7.02 23.81 23.13
N THR D 450 -5.84 24.30 23.53
CA THR D 450 -5.77 25.21 24.66
C THR D 450 -6.29 26.58 24.22
N PRO D 451 -6.74 27.41 25.16
CA PRO D 451 -7.09 28.79 24.78
C PRO D 451 -5.99 29.51 24.02
N LYS D 452 -4.73 29.39 24.44
CA LYS D 452 -3.65 30.04 23.70
C LYS D 452 -3.52 29.50 22.29
N GLN D 453 -3.64 28.18 22.10
CA GLN D 453 -3.54 27.63 20.75
C GLN D 453 -4.72 28.04 19.89
N ALA D 454 -5.95 28.02 20.45
CA ALA D 454 -7.11 28.49 19.70
C ALA D 454 -6.89 29.93 19.23
N GLU D 455 -6.39 30.79 20.13
CA GLU D 455 -6.11 32.16 19.74
C GLU D 455 -5.03 32.23 18.67
N TYR D 456 -4.01 31.37 18.77
CA TYR D 456 -2.87 31.41 17.86
C TYR D 456 -3.30 31.17 16.41
N ILE D 457 -4.20 30.21 16.17
CA ILE D 457 -4.67 29.95 14.81
C ILE D 457 -6.02 30.62 14.51
N GLY D 458 -6.55 31.41 15.44
CA GLY D 458 -7.79 32.14 15.18
C GLY D 458 -9.06 31.33 15.06
N VAL D 459 -9.28 30.37 15.95
CA VAL D 459 -10.51 29.59 15.95
C VAL D 459 -11.03 29.51 17.39
N SER D 460 -12.33 29.21 17.52
CA SER D 460 -12.87 28.83 18.82
C SER D 460 -12.38 27.44 19.19
N VAL D 461 -12.20 27.21 20.49
CA VAL D 461 -11.88 25.87 20.98
C VAL D 461 -12.91 24.86 20.50
N GLU D 462 -14.17 25.31 20.33
CA GLU D 462 -15.27 24.46 19.88
C GLU D 462 -15.34 24.30 18.35
N GLY D 463 -14.53 25.02 17.58
CA GLY D 463 -14.69 25.00 16.14
C GLY D 463 -15.71 26.03 15.69
N PRO D 464 -15.92 26.21 14.36
CA PRO D 464 -15.29 25.47 13.26
C PRO D 464 -13.79 25.73 13.18
N PHE D 465 -13.06 24.70 12.75
CA PHE D 465 -11.61 24.71 12.79
C PHE D 465 -10.99 25.17 11.48
N LYS D 466 -11.76 25.25 10.39
CA LYS D 466 -11.27 25.59 9.06
C LYS D 466 -12.16 26.63 8.41
N PRO D 467 -11.61 27.47 7.52
CA PRO D 467 -12.47 28.39 6.76
C PRO D 467 -13.31 27.62 5.76
N ASP D 468 -14.40 28.24 5.30
CA ASP D 468 -15.27 27.54 4.34
C ASP D 468 -14.55 27.18 3.04
N THR D 469 -13.48 27.89 2.71
CA THR D 469 -12.68 27.59 1.52
C THR D 469 -11.91 26.27 1.63
N TYR D 470 -11.82 25.67 2.82
CA TYR D 470 -10.87 24.56 3.02
C TYR D 470 -11.34 23.30 2.30
N ARG D 471 -10.41 22.59 1.65
CA ARG D 471 -10.79 21.47 0.80
C ARG D 471 -10.55 20.11 1.44
N TYR D 472 -9.82 20.04 2.56
CA TYR D 472 -9.51 18.73 3.21
C TYR D 472 -8.81 17.79 2.24
#